data_9DAW
#
_entry.id   9DAW
#
_cell.length_a   1.00
_cell.length_b   1.00
_cell.length_c   1.00
_cell.angle_alpha   90.00
_cell.angle_beta   90.00
_cell.angle_gamma   90.00
#
_symmetry.space_group_name_H-M   'P 1'
#
loop_
_entity.id
_entity.type
_entity.pdbx_description
1 polymer 'Stimulator of interferon genes protein'
2 non-polymer '(2R)-3-{[(R)-hydroxy{[(1S,2R,3R,4S,5S,6R)-2,4,6-trihydroxy-3,5-bis(phosphonooxy)cyclohexyl]oxy}phosphoryl]oxy}propane-1,2-diyl di[(9Z)-octadec-9-enoate]'
3 non-polymer 'CHOLESTEROL HEMISUCCINATE'
4 non-polymer cGAMP
5 non-polymer 1-[(2-chloro-6-fluorophenyl)methyl]-3,3-dimethyl-2-oxo-N-[(2,4,6-trifluorophenyl)methyl]-2,3-dihydro-1H-indole-6-carboxamide
#
_entity_poly.entity_id   1
_entity_poly.type   'polypeptide(L)'
_entity_poly.pdbx_seq_one_letter_code
;MPHSSLHPSIPCPRGHGAQKAALVLLSACLVTLWGLGEPPEHTLRYLVLHLASLQLGLLLNGVCSLAEELRHIHSRYRGS
YWRTVRACLGCPLRRGALLLLSIYFYYSLPNAVGPPFTWMLALLGLSQALNILLGLKGLAPAEISAVCEKGNFNVAHGLA
WSYYIGYLRLILPELQARIRTYNQHYNNLLRGAVSQRLYILLPLDCGVPDNLSMADPNIRFLDKLPQQTGDRAGIKDRVY
SNSIYELLENGQRAGTCVLEYATPLQTLFAMSQYSQAGFSREDRLEQAKLFCRTLEDILADAPESQNNCRLIAYQEPADD
SSFSLSQEVLRHLRQEEKEEVTVGTSSGLEVLFQ
;
_entity_poly.pdbx_strand_id   A,B,C,D
#
loop_
_chem_comp.id
_chem_comp.type
_chem_comp.name
_chem_comp.formula
1SY non-polymer cGAMP 'C20 H24 N10 O13 P2'
9IM non-polymer 1-[(2-chloro-6-fluorophenyl)methyl]-3,3-dimethyl-2-oxo-N-[(2,4,6-trifluorophenyl)methyl]-2,3-dihydro-1H-indole-6-carboxamide 'C25 H19 Cl F4 N2 O2'
A1BBH non-polymer '(2R)-3-{[(R)-hydroxy{[(1S,2R,3R,4S,5S,6R)-2,4,6-trihydroxy-3,5-bis(phosphonooxy)cyclohexyl]oxy}phosphoryl]oxy}propane-1,2-diyl di[(9Z)-octadec-9-enoate]' 'C45 H85 O19 P3'
Y01 non-polymer 'CHOLESTEROL HEMISUCCINATE' 'C31 H50 O4'
#
# COMPACT_ATOMS: atom_id res chain seq x y z
N HIS A 3 -14.55 -14.58 1.78
CA HIS A 3 -15.75 -15.16 1.18
C HIS A 3 -16.90 -14.17 1.16
N SER A 4 -17.42 -13.91 -0.04
CA SER A 4 -18.51 -12.95 -0.19
C SER A 4 -19.80 -13.50 0.39
N SER A 5 -20.60 -12.59 0.96
CA SER A 5 -21.91 -12.93 1.52
C SER A 5 -23.06 -12.55 0.59
N LEU A 6 -22.80 -11.79 -0.48
CA LEU A 6 -23.88 -11.30 -1.32
C LEU A 6 -24.59 -12.44 -2.04
N HIS A 7 -23.83 -13.31 -2.71
CA HIS A 7 -24.43 -14.35 -3.53
C HIS A 7 -23.47 -15.53 -3.64
N PRO A 8 -23.96 -16.77 -3.67
CA PRO A 8 -23.03 -17.90 -3.74
C PRO A 8 -22.12 -17.88 -4.96
N SER A 9 -22.57 -17.31 -6.08
CA SER A 9 -21.84 -17.39 -7.33
C SER A 9 -20.65 -16.43 -7.41
N ILE A 10 -20.51 -15.53 -6.45
CA ILE A 10 -19.44 -14.52 -6.52
C ILE A 10 -18.13 -15.15 -6.05
N PRO A 11 -17.09 -15.20 -6.88
CA PRO A 11 -15.87 -15.92 -6.49
C PRO A 11 -15.16 -15.27 -5.32
N CYS A 12 -14.56 -16.12 -4.48
CA CYS A 12 -13.66 -15.63 -3.45
C CYS A 12 -12.32 -15.23 -4.08
N PRO A 13 -11.56 -14.36 -3.42
CA PRO A 13 -10.22 -14.04 -3.92
C PRO A 13 -9.34 -15.29 -3.99
N ARG A 14 -8.44 -15.30 -4.96
CA ARG A 14 -7.59 -16.48 -5.17
C ARG A 14 -6.66 -16.68 -3.97
N GLY A 15 -6.34 -17.95 -3.71
CA GLY A 15 -5.53 -18.34 -2.58
C GLY A 15 -4.20 -18.93 -2.99
N HIS A 16 -3.54 -19.57 -2.01
CA HIS A 16 -2.18 -20.08 -2.18
C HIS A 16 -2.13 -21.49 -2.75
N GLY A 17 -3.27 -22.08 -3.10
CA GLY A 17 -3.28 -23.48 -3.48
C GLY A 17 -2.22 -23.83 -4.52
N ALA A 18 -1.90 -22.90 -5.41
CA ALA A 18 -0.88 -23.16 -6.41
C ALA A 18 0.48 -23.42 -5.77
N GLN A 19 0.83 -22.64 -4.74
CA GLN A 19 2.10 -22.85 -4.06
C GLN A 19 2.10 -24.15 -3.29
N LYS A 20 0.96 -24.55 -2.73
CA LYS A 20 0.88 -25.85 -2.07
C LYS A 20 1.10 -26.99 -3.05
N ALA A 21 0.48 -26.90 -4.22
CA ALA A 21 0.71 -27.93 -5.23
C ALA A 21 2.17 -27.92 -5.68
N ALA A 22 2.77 -26.73 -5.81
CA ALA A 22 4.18 -26.65 -6.16
C ALA A 22 5.05 -27.32 -5.11
N LEU A 23 4.72 -27.13 -3.83
CA LEU A 23 5.48 -27.76 -2.76
C LEU A 23 5.34 -29.28 -2.80
N VAL A 24 4.13 -29.78 -3.05
CA VAL A 24 3.93 -31.21 -3.19
C VAL A 24 4.77 -31.74 -4.35
N LEU A 25 4.74 -31.02 -5.47
CA LEU A 25 5.53 -31.41 -6.65
C LEU A 25 7.01 -31.46 -6.33
N LEU A 26 7.50 -30.45 -5.61
CA LEU A 26 8.91 -30.40 -5.25
C LEU A 26 9.30 -31.58 -4.36
N SER A 27 8.45 -31.90 -3.38
CA SER A 27 8.74 -33.03 -2.52
C SER A 27 8.77 -34.33 -3.31
N ALA A 28 7.81 -34.50 -4.23
CA ALA A 28 7.76 -35.71 -5.04
C ALA A 28 8.98 -35.81 -5.95
N CYS A 29 9.40 -34.68 -6.53
CA CYS A 29 10.58 -34.69 -7.39
C CYS A 29 11.84 -35.02 -6.60
N LEU A 30 11.97 -34.48 -5.39
CA LEU A 30 13.12 -34.81 -4.56
C LEU A 30 13.13 -36.28 -4.19
N VAL A 31 11.96 -36.84 -3.85
CA VAL A 31 11.90 -38.27 -3.55
C VAL A 31 12.25 -39.10 -4.78
N THR A 32 11.82 -38.64 -5.96
CA THR A 32 12.12 -39.38 -7.18
C THR A 32 13.61 -39.36 -7.48
N LEU A 33 14.26 -38.21 -7.31
CA LEU A 33 15.71 -38.13 -7.49
C LEU A 33 16.42 -39.01 -6.47
N TRP A 34 15.93 -39.03 -5.22
CA TRP A 34 16.50 -39.90 -4.22
C TRP A 34 16.41 -41.36 -4.66
N GLY A 35 15.26 -41.77 -5.18
CA GLY A 35 15.10 -43.15 -5.60
C GLY A 35 15.94 -43.50 -6.81
N LEU A 36 16.07 -42.58 -7.77
CA LEU A 36 16.79 -42.87 -9.00
C LEU A 36 18.25 -43.20 -8.75
N GLY A 37 18.85 -42.62 -7.72
CA GLY A 37 20.22 -42.95 -7.37
C GLY A 37 21.28 -42.38 -8.28
N GLU A 38 20.94 -41.40 -9.13
CA GLU A 38 21.94 -40.77 -9.97
C GLU A 38 22.86 -39.90 -9.12
N PRO A 39 24.07 -39.62 -9.61
CA PRO A 39 25.04 -38.85 -8.82
C PRO A 39 24.46 -37.52 -8.37
N PRO A 40 24.58 -37.18 -7.09
CA PRO A 40 24.06 -35.87 -6.62
C PRO A 40 24.68 -34.69 -7.33
N GLU A 41 25.98 -34.73 -7.62
CA GLU A 41 26.64 -33.59 -8.25
C GLU A 41 26.05 -33.33 -9.63
N HIS A 42 25.75 -34.38 -10.38
CA HIS A 42 25.10 -34.19 -11.67
C HIS A 42 23.75 -33.52 -11.52
N THR A 43 22.97 -33.96 -10.53
CA THR A 43 21.67 -33.33 -10.28
C THR A 43 21.82 -31.83 -10.04
N LEU A 44 22.70 -31.45 -9.12
CA LEU A 44 22.87 -30.04 -8.79
C LEU A 44 23.35 -29.25 -10.01
N ARG A 45 24.34 -29.81 -10.71
CA ARG A 45 24.92 -29.12 -11.86
C ARG A 45 23.86 -28.85 -12.93
N TYR A 46 23.06 -29.86 -13.26
CA TYR A 46 22.09 -29.69 -14.33
C TYR A 46 20.92 -28.81 -13.91
N LEU A 47 20.51 -28.88 -12.64
CA LEU A 47 19.51 -27.94 -12.15
C LEU A 47 19.98 -26.50 -12.30
N VAL A 48 21.21 -26.24 -11.86
CA VAL A 48 21.76 -24.89 -11.96
C VAL A 48 21.86 -24.45 -13.41
N LEU A 49 22.29 -25.35 -14.29
CA LEU A 49 22.43 -25.00 -15.70
C LEU A 49 21.08 -24.67 -16.32
N HIS A 50 20.04 -25.42 -15.98
CA HIS A 50 18.71 -25.13 -16.50
C HIS A 50 18.25 -23.75 -16.04
N LEU A 51 18.45 -23.44 -14.75
CA LEU A 51 18.03 -22.13 -14.24
C LEU A 51 18.82 -21.02 -14.93
N ALA A 52 20.12 -21.23 -15.15
CA ALA A 52 20.93 -20.23 -15.83
C ALA A 52 20.44 -20.00 -17.26
N SER A 53 20.09 -21.08 -17.97
CA SER A 53 19.55 -20.93 -19.31
C SER A 53 18.25 -20.14 -19.30
N LEU A 54 17.40 -20.40 -18.31
CA LEU A 54 16.16 -19.64 -18.19
C LEU A 54 16.45 -18.15 -17.96
N GLN A 55 17.42 -17.85 -17.11
CA GLN A 55 17.75 -16.45 -16.86
C GLN A 55 18.26 -15.75 -18.12
N LEU A 56 19.11 -16.44 -18.89
CA LEU A 56 19.59 -15.85 -20.13
C LEU A 56 18.47 -15.64 -21.14
N GLY A 57 17.55 -16.60 -21.23
CA GLY A 57 16.39 -16.40 -22.08
C GLY A 57 15.56 -15.20 -21.65
N LEU A 58 15.42 -15.02 -20.34
CA LEU A 58 14.74 -13.83 -19.83
C LEU A 58 15.46 -12.55 -20.24
N LEU A 59 16.79 -12.55 -20.16
CA LEU A 59 17.56 -11.39 -20.61
C LEU A 59 17.24 -11.06 -22.05
N LEU A 60 17.30 -12.07 -22.93
CA LEU A 60 17.08 -11.83 -24.34
C LEU A 60 15.65 -11.35 -24.61
N ASN A 61 14.67 -11.94 -23.93
CA ASN A 61 13.29 -11.52 -24.10
C ASN A 61 13.11 -10.08 -23.67
N GLY A 62 13.73 -9.69 -22.55
CA GLY A 62 13.68 -8.30 -22.14
C GLY A 62 14.32 -7.37 -23.15
N VAL A 63 15.43 -7.81 -23.75
CA VAL A 63 16.06 -7.00 -24.79
C VAL A 63 15.09 -6.80 -25.96
N CYS A 64 14.39 -7.85 -26.34
CA CYS A 64 13.39 -7.72 -27.41
C CYS A 64 12.29 -6.76 -27.00
N SER A 65 11.81 -6.87 -25.76
CA SER A 65 10.80 -5.95 -25.27
C SER A 65 11.33 -4.53 -25.22
N LEU A 66 12.59 -4.37 -24.80
CA LEU A 66 13.17 -3.05 -24.66
C LEU A 66 13.09 -2.25 -25.95
N ALA A 67 13.10 -2.92 -27.11
CA ALA A 67 13.02 -2.21 -28.38
C ALA A 67 11.71 -1.44 -28.49
N GLU A 68 10.59 -2.06 -28.09
CA GLU A 68 9.31 -1.39 -28.18
C GLU A 68 9.18 -0.27 -27.16
N GLU A 69 9.62 -0.51 -25.93
CA GLU A 69 9.47 0.49 -24.88
C GLU A 69 10.31 1.73 -25.14
N LEU A 70 11.48 1.57 -25.77
CA LEU A 70 12.31 2.73 -26.07
C LEU A 70 11.57 3.72 -26.96
N ARG A 71 10.65 3.25 -27.79
CA ARG A 71 9.84 4.17 -28.60
C ARG A 71 8.98 5.06 -27.72
N HIS A 72 8.46 4.51 -26.62
CA HIS A 72 7.59 5.25 -25.72
C HIS A 72 8.35 6.06 -24.68
N ILE A 73 9.68 6.03 -24.71
CA ILE A 73 10.48 6.54 -23.59
C ILE A 73 9.97 7.89 -23.09
N HIS A 74 9.68 8.81 -24.01
CA HIS A 74 9.36 10.17 -23.60
C HIS A 74 7.99 10.28 -22.96
N SER A 75 7.00 9.56 -23.49
CA SER A 75 5.63 9.68 -23.03
C SER A 75 5.34 8.81 -21.81
N ARG A 76 5.84 7.58 -21.81
CA ARG A 76 5.49 6.60 -20.79
C ARG A 76 6.52 6.49 -19.67
N TYR A 77 7.77 6.87 -19.91
CA TYR A 77 8.86 6.65 -18.96
C TYR A 77 9.64 7.92 -18.64
N ARG A 78 8.98 9.08 -18.75
CA ARG A 78 9.54 10.35 -18.31
C ARG A 78 10.84 10.71 -19.04
N GLY A 79 11.09 10.08 -20.18
CA GLY A 79 12.28 10.40 -20.94
C GLY A 79 13.59 9.89 -20.36
N SER A 80 13.53 8.95 -19.43
CA SER A 80 14.71 8.39 -18.79
C SER A 80 14.91 6.96 -19.26
N TYR A 81 16.14 6.63 -19.64
CA TYR A 81 16.45 5.28 -20.10
C TYR A 81 16.38 4.28 -18.95
N TRP A 82 16.81 4.69 -17.75
CA TRP A 82 16.86 3.74 -16.65
C TRP A 82 15.47 3.24 -16.29
N ARG A 83 14.46 4.11 -16.34
CA ARG A 83 13.10 3.65 -16.04
C ARG A 83 12.60 2.67 -17.11
N THR A 84 12.98 2.89 -18.36
CA THR A 84 12.61 1.94 -19.41
C THR A 84 13.25 0.58 -19.15
N VAL A 85 14.54 0.56 -18.83
CA VAL A 85 15.23 -0.70 -18.56
C VAL A 85 14.64 -1.35 -17.31
N ARG A 86 14.26 -0.55 -16.32
CA ARG A 86 13.63 -1.08 -15.12
C ARG A 86 12.30 -1.75 -15.47
N ALA A 87 11.49 -1.11 -16.31
CA ALA A 87 10.22 -1.70 -16.71
C ALA A 87 10.43 -3.00 -17.46
N CYS A 88 11.44 -3.04 -18.34
CA CYS A 88 11.64 -4.22 -19.17
C CYS A 88 12.23 -5.39 -18.38
N LEU A 89 13.21 -5.12 -17.51
CA LEU A 89 13.93 -6.16 -16.79
C LEU A 89 13.50 -6.30 -15.34
N GLY A 90 12.60 -5.46 -14.85
CA GLY A 90 12.10 -5.57 -13.50
C GLY A 90 12.99 -4.92 -12.45
N CYS A 91 14.24 -5.36 -12.37
CA CYS A 91 15.20 -4.79 -11.42
C CYS A 91 16.61 -4.94 -11.96
N PRO A 92 17.24 -3.85 -12.42
CA PRO A 92 18.57 -3.98 -13.02
C PRO A 92 19.60 -4.64 -12.12
N LEU A 93 19.58 -4.38 -10.82
CA LEU A 93 20.63 -4.90 -9.94
C LEU A 93 20.48 -6.41 -9.73
N ARG A 94 19.30 -6.84 -9.29
CA ARG A 94 19.07 -8.26 -9.06
C ARG A 94 19.20 -9.06 -10.36
N ARG A 95 18.63 -8.54 -11.44
CA ARG A 95 18.71 -9.22 -12.72
C ARG A 95 20.16 -9.30 -13.21
N GLY A 96 20.93 -8.23 -13.01
CA GLY A 96 22.32 -8.26 -13.39
C GLY A 96 23.13 -9.25 -12.58
N ALA A 97 22.87 -9.33 -11.27
CA ALA A 97 23.54 -10.32 -10.44
C ALA A 97 23.25 -11.72 -10.93
N LEU A 98 21.98 -12.02 -11.19
CA LEU A 98 21.61 -13.35 -11.68
C LEU A 98 22.19 -13.62 -13.06
N LEU A 99 22.26 -12.59 -13.91
CA LEU A 99 22.85 -12.78 -15.23
C LEU A 99 24.34 -13.08 -15.14
N LEU A 100 25.05 -12.39 -14.25
CA LEU A 100 26.46 -12.69 -14.05
C LEU A 100 26.64 -14.12 -13.55
N LEU A 101 25.82 -14.53 -12.57
CA LEU A 101 25.90 -15.91 -12.08
C LEU A 101 25.67 -16.90 -13.21
N SER A 102 24.62 -16.64 -14.01
CA SER A 102 24.26 -17.56 -15.09
C SER A 102 25.39 -17.67 -16.11
N ILE A 103 25.92 -16.53 -16.54
CA ILE A 103 27.00 -16.55 -17.52
C ILE A 103 28.20 -17.30 -16.98
N TYR A 104 28.61 -16.97 -15.75
CA TYR A 104 29.79 -17.60 -15.17
C TYR A 104 29.60 -19.11 -15.10
N PHE A 105 28.47 -19.56 -14.55
CA PHE A 105 28.31 -20.99 -14.33
C PHE A 105 28.12 -21.75 -15.63
N TYR A 106 27.44 -21.16 -16.62
CA TYR A 106 27.24 -21.86 -17.87
C TYR A 106 28.52 -21.94 -18.67
N TYR A 107 29.33 -20.89 -18.65
CA TYR A 107 30.63 -20.97 -19.32
C TYR A 107 31.56 -21.94 -18.61
N SER A 108 31.52 -21.97 -17.27
CA SER A 108 32.50 -22.71 -16.51
C SER A 108 32.18 -24.20 -16.44
N LEU A 109 30.93 -24.56 -16.18
CA LEU A 109 30.60 -25.94 -15.83
C LEU A 109 30.62 -26.85 -17.05
N PRO A 110 30.98 -28.12 -16.87
CA PRO A 110 30.79 -29.10 -17.93
C PRO A 110 29.31 -29.38 -18.16
N ASN A 111 28.98 -29.78 -19.39
CA ASN A 111 27.59 -30.01 -19.76
C ASN A 111 27.52 -31.11 -20.79
N ALA A 112 26.65 -32.09 -20.55
CA ALA A 112 26.39 -33.17 -21.49
C ALA A 112 25.01 -33.12 -22.12
N VAL A 113 24.07 -32.40 -21.50
CA VAL A 113 22.70 -32.34 -21.99
C VAL A 113 22.52 -31.12 -22.89
N GLY A 114 23.44 -30.15 -22.77
CA GLY A 114 23.35 -28.93 -23.54
C GLY A 114 24.61 -28.66 -24.34
N PRO A 115 24.51 -27.78 -25.34
CA PRO A 115 25.68 -27.51 -26.20
C PRO A 115 26.72 -26.67 -25.48
N PRO A 116 27.94 -26.58 -26.01
CA PRO A 116 28.90 -25.60 -25.50
C PRO A 116 28.32 -24.20 -25.44
N PHE A 117 29.04 -23.30 -24.80
CA PHE A 117 28.46 -22.03 -24.39
C PHE A 117 27.96 -21.21 -25.57
N THR A 118 28.82 -20.98 -26.57
CA THR A 118 28.41 -20.11 -27.67
C THR A 118 27.33 -20.76 -28.53
N TRP A 119 27.44 -22.06 -28.77
CA TRP A 119 26.44 -22.78 -29.54
C TRP A 119 25.12 -22.76 -28.78
N MET A 120 25.19 -22.96 -27.46
CA MET A 120 24.01 -22.86 -26.61
C MET A 120 23.38 -21.48 -26.66
N LEU A 121 24.21 -20.44 -26.66
CA LEU A 121 23.69 -19.07 -26.71
C LEU A 121 22.98 -18.80 -28.03
N ALA A 122 23.56 -19.27 -29.14
CA ALA A 122 22.89 -19.11 -30.42
C ALA A 122 21.55 -19.84 -30.43
N LEU A 123 21.52 -21.06 -29.91
CA LEU A 123 20.26 -21.81 -29.87
C LEU A 123 19.25 -21.17 -28.94
N LEU A 124 19.71 -20.62 -27.82
CA LEU A 124 18.79 -19.99 -26.87
C LEU A 124 18.19 -18.73 -27.46
N GLY A 125 18.99 -17.92 -28.15
CA GLY A 125 18.44 -16.77 -28.83
C GLY A 125 17.47 -17.17 -29.92
N LEU A 126 17.79 -18.23 -30.67
CA LEU A 126 16.87 -18.73 -31.68
C LEU A 126 15.53 -19.13 -31.06
N SER A 127 15.57 -19.87 -29.95
CA SER A 127 14.35 -20.32 -29.31
C SER A 127 13.55 -19.16 -28.73
N GLN A 128 14.22 -18.17 -28.16
CA GLN A 128 13.49 -17.01 -27.64
C GLN A 128 12.87 -16.19 -28.76
N ALA A 129 13.58 -16.04 -29.88
CA ALA A 129 13.00 -15.37 -31.03
C ALA A 129 11.77 -16.12 -31.53
N LEU A 130 11.84 -17.45 -31.57
CA LEU A 130 10.68 -18.23 -31.97
C LEU A 130 9.54 -18.04 -30.98
N ASN A 131 9.84 -18.00 -29.68
CA ASN A 131 8.80 -17.77 -28.69
C ASN A 131 8.11 -16.45 -28.92
N ILE A 132 8.89 -15.41 -29.21
CA ILE A 132 8.31 -14.08 -29.41
C ILE A 132 7.48 -14.03 -30.68
N LEU A 133 8.04 -14.56 -31.79
CA LEU A 133 7.36 -14.43 -33.07
C LEU A 133 6.11 -15.29 -33.13
N LEU A 134 6.18 -16.53 -32.64
CA LEU A 134 5.04 -17.44 -32.70
C LEU A 134 4.00 -17.15 -31.63
N GLY A 135 4.41 -16.54 -30.52
CA GLY A 135 3.54 -16.40 -29.36
C GLY A 135 3.50 -17.64 -28.49
N LEU A 136 4.57 -18.43 -28.48
CA LEU A 136 4.57 -19.75 -27.85
C LEU A 136 4.56 -19.68 -26.33
N LYS A 137 4.75 -18.51 -25.74
CA LYS A 137 4.84 -18.37 -24.29
C LYS A 137 3.70 -17.54 -23.70
N GLY A 138 2.63 -17.32 -24.44
CA GLY A 138 1.56 -16.47 -23.94
C GLY A 138 0.96 -17.04 -22.68
N LEU A 139 0.54 -16.16 -21.77
CA LEU A 139 -0.08 -16.56 -20.53
C LEU A 139 -1.42 -17.25 -20.79
N ALA A 140 -1.75 -18.22 -19.94
CA ALA A 140 -3.09 -18.79 -19.96
C ALA A 140 -4.09 -17.78 -19.39
N PRO A 141 -5.37 -17.88 -19.76
CA PRO A 141 -6.35 -16.92 -19.25
C PRO A 141 -6.45 -16.93 -17.72
N ALA A 142 -6.26 -18.07 -17.07
CA ALA A 142 -6.29 -18.10 -15.61
C ALA A 142 -5.13 -17.32 -15.02
N GLU A 143 -3.94 -17.42 -15.61
CA GLU A 143 -2.80 -16.64 -15.13
C GLU A 143 -3.05 -15.15 -15.34
N ILE A 144 -3.66 -14.79 -16.47
CA ILE A 144 -3.99 -13.38 -16.72
C ILE A 144 -4.97 -12.89 -15.66
N SER A 145 -5.98 -13.70 -15.35
CA SER A 145 -6.96 -13.30 -14.34
C SER A 145 -6.30 -13.15 -12.98
N ALA A 146 -5.39 -14.07 -12.63
CA ALA A 146 -4.70 -13.96 -11.35
C ALA A 146 -3.86 -12.69 -11.29
N VAL A 147 -3.13 -12.39 -12.37
CA VAL A 147 -2.32 -11.17 -12.41
C VAL A 147 -3.20 -9.94 -12.28
N CYS A 148 -4.33 -9.92 -12.99
CA CYS A 148 -5.22 -8.76 -12.94
C CYS A 148 -5.82 -8.57 -11.56
N GLU A 149 -6.29 -9.65 -10.93
CA GLU A 149 -6.92 -9.51 -9.62
C GLU A 149 -5.90 -9.16 -8.55
N LYS A 150 -4.66 -9.64 -8.68
CA LYS A 150 -3.62 -9.24 -7.74
C LYS A 150 -3.24 -7.78 -7.95
N GLY A 151 -3.15 -7.33 -9.20
CA GLY A 151 -2.76 -5.96 -9.48
C GLY A 151 -3.91 -4.96 -9.38
N ASN A 152 -5.16 -5.44 -9.37
CA ASN A 152 -6.33 -4.58 -9.39
C ASN A 152 -6.49 -3.86 -10.73
N PHE A 153 -6.28 -4.59 -11.81
CA PHE A 153 -6.32 -4.03 -13.17
C PHE A 153 -7.70 -4.15 -13.78
N ASN A 154 -8.65 -4.77 -13.08
CA ASN A 154 -9.99 -4.99 -13.63
C ASN A 154 -10.76 -3.68 -13.77
N VAL A 155 -11.67 -3.64 -14.73
CA VAL A 155 -12.53 -2.48 -14.91
C VAL A 155 -13.53 -2.36 -13.76
N ALA A 156 -14.01 -3.51 -13.28
CA ALA A 156 -14.98 -3.50 -12.19
C ALA A 156 -14.44 -2.84 -10.93
N HIS A 157 -13.13 -2.94 -10.69
CA HIS A 157 -12.51 -2.24 -9.56
C HIS A 157 -12.70 -0.74 -9.70
N GLY A 158 -12.39 -0.20 -10.88
CA GLY A 158 -12.55 1.23 -11.09
C GLY A 158 -14.00 1.66 -11.03
N LEU A 159 -14.90 0.86 -11.61
CA LEU A 159 -16.32 1.22 -11.56
C LEU A 159 -16.85 1.21 -10.12
N ALA A 160 -16.46 0.22 -9.33
CA ALA A 160 -16.91 0.17 -7.94
C ALA A 160 -16.36 1.34 -7.15
N TRP A 161 -15.08 1.67 -7.34
CA TRP A 161 -14.51 2.79 -6.60
C TRP A 161 -15.13 4.11 -7.02
N SER A 162 -15.43 4.26 -8.31
CA SER A 162 -16.14 5.45 -8.77
C SER A 162 -17.52 5.54 -8.14
N TYR A 163 -18.23 4.42 -8.10
CA TYR A 163 -19.57 4.41 -7.53
C TYR A 163 -19.55 4.79 -6.06
N TYR A 164 -18.59 4.26 -5.31
CA TYR A 164 -18.48 4.62 -3.90
C TYR A 164 -18.08 6.08 -3.72
N ILE A 165 -17.03 6.51 -4.41
CA ILE A 165 -16.45 7.83 -4.17
C ILE A 165 -17.42 8.93 -4.59
N GLY A 166 -18.00 8.80 -5.78
CA GLY A 166 -18.85 9.86 -6.32
C GLY A 166 -20.23 9.90 -5.71
N TYR A 167 -20.94 8.78 -5.74
CA TYR A 167 -22.36 8.76 -5.39
C TYR A 167 -22.59 8.43 -3.92
N LEU A 168 -22.19 7.23 -3.50
CA LEU A 168 -22.55 6.77 -2.16
C LEU A 168 -21.89 7.62 -1.07
N ARG A 169 -20.60 7.93 -1.24
CA ARG A 169 -19.87 8.65 -0.21
C ARG A 169 -20.53 9.99 0.10
N LEU A 170 -21.06 10.65 -0.93
CA LEU A 170 -21.75 11.92 -0.72
C LEU A 170 -23.16 11.72 -0.18
N ILE A 171 -23.95 10.86 -0.85
CA ILE A 171 -25.38 10.83 -0.57
C ILE A 171 -25.70 10.15 0.76
N LEU A 172 -24.97 9.10 1.12
CA LEU A 172 -25.38 8.26 2.25
C LEU A 172 -25.45 9.07 3.54
N PRO A 173 -24.45 9.90 3.86
CA PRO A 173 -24.60 10.76 5.06
C PRO A 173 -25.84 11.63 5.04
N GLU A 174 -26.12 12.27 3.90
CA GLU A 174 -27.29 13.14 3.80
C GLU A 174 -28.59 12.34 3.76
N LEU A 175 -28.51 11.06 3.41
CA LEU A 175 -29.71 10.25 3.24
C LEU A 175 -30.51 10.14 4.52
N GLN A 176 -29.83 9.99 5.66
CA GLN A 176 -30.55 9.90 6.93
C GLN A 176 -31.38 11.15 7.19
N ALA A 177 -30.77 12.33 7.03
CA ALA A 177 -31.49 13.56 7.27
C ALA A 177 -32.64 13.73 6.28
N ARG A 178 -32.40 13.38 5.01
CA ARG A 178 -33.46 13.48 4.02
C ARG A 178 -34.62 12.54 4.33
N ILE A 179 -34.32 11.32 4.79
CA ILE A 179 -35.38 10.39 5.15
C ILE A 179 -36.15 10.90 6.36
N ARG A 180 -35.45 11.40 7.38
CA ARG A 180 -36.16 11.96 8.52
C ARG A 180 -37.04 13.13 8.11
N THR A 181 -36.52 13.99 7.23
CA THR A 181 -37.32 15.12 6.74
C THR A 181 -38.56 14.64 5.99
N TYR A 182 -38.40 13.61 5.15
CA TYR A 182 -39.53 13.11 4.39
C TYR A 182 -40.59 12.51 5.32
N ASN A 183 -40.15 11.75 6.31
CA ASN A 183 -41.10 11.16 7.26
C ASN A 183 -41.83 12.22 8.06
N GLN A 184 -41.11 13.25 8.51
CA GLN A 184 -41.73 14.29 9.32
C GLN A 184 -42.67 15.16 8.48
N HIS A 185 -42.33 15.38 7.21
CA HIS A 185 -43.14 16.26 6.37
C HIS A 185 -44.45 15.60 5.96
N TYR A 186 -44.46 14.28 5.81
CA TYR A 186 -45.65 13.56 5.39
C TYR A 186 -46.74 13.64 6.45
N GLY A 192 -46.65 4.36 4.09
CA GLY A 192 -46.16 4.52 5.45
C GLY A 192 -44.77 5.11 5.50
N ALA A 193 -44.17 5.15 6.68
CA ALA A 193 -42.83 5.71 6.82
C ALA A 193 -41.82 4.77 6.15
N VAL A 194 -40.97 5.34 5.30
CA VAL A 194 -39.99 4.54 4.58
C VAL A 194 -38.91 4.02 5.55
N SER A 195 -38.35 2.87 5.23
CA SER A 195 -37.23 2.36 5.99
C SER A 195 -36.04 3.30 5.87
N GLN A 196 -35.16 3.29 6.86
CA GLN A 196 -34.09 4.26 6.98
C GLN A 196 -32.81 3.85 6.27
N ARG A 197 -32.92 3.02 5.24
CA ARG A 197 -31.77 2.53 4.50
C ARG A 197 -32.00 2.64 2.99
N LEU A 198 -30.92 2.82 2.25
CA LEU A 198 -30.96 2.77 0.80
C LEU A 198 -30.68 1.35 0.35
N TYR A 199 -31.49 0.84 -0.56
CA TYR A 199 -31.38 -0.53 -1.06
C TYR A 199 -30.92 -0.49 -2.51
N ILE A 200 -29.81 -1.16 -2.79
CA ILE A 200 -29.19 -1.15 -4.11
C ILE A 200 -29.35 -2.54 -4.72
N LEU A 201 -29.85 -2.59 -5.95
CA LEU A 201 -30.10 -3.85 -6.64
C LEU A 201 -28.97 -4.13 -7.60
N LEU A 202 -28.48 -5.37 -7.58
CA LEU A 202 -27.33 -5.78 -8.39
C LEU A 202 -27.70 -7.03 -9.19
N PRO A 203 -28.26 -6.86 -10.38
CA PRO A 203 -28.49 -8.01 -11.27
C PRO A 203 -27.18 -8.43 -11.92
N LEU A 204 -26.75 -9.65 -11.59
CA LEU A 204 -25.49 -10.14 -12.13
C LEU A 204 -25.55 -10.33 -13.65
N ASP A 205 -26.74 -10.38 -14.25
CA ASP A 205 -26.90 -10.36 -15.70
C ASP A 205 -26.87 -8.95 -16.26
N CYS A 206 -26.85 -7.93 -15.40
CA CYS A 206 -26.64 -6.54 -15.83
C CYS A 206 -27.81 -6.02 -16.69
N GLY A 207 -29.00 -6.59 -16.52
CA GLY A 207 -30.17 -6.10 -17.23
C GLY A 207 -30.46 -4.64 -16.96
N VAL A 208 -30.83 -4.33 -15.71
CA VAL A 208 -31.00 -2.96 -15.24
C VAL A 208 -31.90 -2.14 -16.16
N PRO A 209 -33.20 -2.41 -16.19
CA PRO A 209 -34.11 -1.50 -16.93
C PRO A 209 -34.23 -0.17 -16.22
N ASP A 210 -34.50 0.87 -17.02
CA ASP A 210 -34.66 2.21 -16.43
C ASP A 210 -35.94 2.32 -15.61
N ASN A 211 -37.06 1.88 -16.16
CA ASN A 211 -38.33 1.92 -15.45
C ASN A 211 -38.45 0.65 -14.61
N LEU A 212 -38.34 0.80 -13.28
CA LEU A 212 -38.34 -0.36 -12.40
C LEU A 212 -39.64 -1.13 -12.49
N SER A 213 -40.75 -0.43 -12.76
CA SER A 213 -42.03 -1.11 -12.90
C SER A 213 -41.98 -2.18 -13.99
N MET A 214 -41.15 -1.97 -15.01
CA MET A 214 -41.02 -2.95 -16.08
C MET A 214 -40.44 -4.26 -15.59
N ALA A 215 -39.57 -4.20 -14.58
CA ALA A 215 -38.95 -5.41 -14.08
C ALA A 215 -39.93 -6.26 -13.29
N ASP A 216 -40.78 -5.63 -12.46
CA ASP A 216 -41.74 -6.40 -11.67
C ASP A 216 -42.95 -5.52 -11.39
N PRO A 217 -44.14 -5.87 -11.90
CA PRO A 217 -45.31 -5.01 -11.67
C PRO A 217 -45.62 -4.81 -10.20
N ASN A 218 -45.17 -5.73 -9.33
CA ASN A 218 -45.44 -5.61 -7.91
C ASN A 218 -44.64 -4.49 -7.25
N ILE A 219 -43.82 -3.76 -8.00
CA ILE A 219 -43.05 -2.63 -7.49
C ILE A 219 -43.60 -1.38 -8.15
N ARG A 220 -43.98 -0.39 -7.35
CA ARG A 220 -44.56 0.84 -7.84
C ARG A 220 -43.93 2.04 -7.16
N PHE A 221 -44.07 3.20 -7.80
CA PHE A 221 -43.29 4.38 -7.49
C PHE A 221 -44.11 5.36 -6.65
N LEU A 222 -43.48 5.91 -5.60
CA LEU A 222 -44.06 6.90 -4.73
C LEU A 222 -43.35 8.24 -4.89
N ASP A 223 -43.81 9.23 -4.13
CA ASP A 223 -43.20 10.56 -4.17
C ASP A 223 -41.74 10.49 -3.74
N LYS A 224 -40.90 11.22 -4.45
CA LYS A 224 -39.46 11.17 -4.25
C LYS A 224 -39.05 11.81 -2.92
N LEU A 225 -37.83 11.48 -2.49
CA LEU A 225 -37.20 12.15 -1.37
C LEU A 225 -36.83 13.58 -1.76
N PRO A 226 -36.62 14.45 -0.78
CA PRO A 226 -36.12 15.80 -1.08
C PRO A 226 -34.80 15.74 -1.82
N GLN A 227 -34.64 16.61 -2.80
CA GLN A 227 -33.43 16.63 -3.61
C GLN A 227 -32.24 17.13 -2.79
N GLN A 228 -31.07 16.58 -3.12
CA GLN A 228 -29.80 17.01 -2.54
C GLN A 228 -28.94 17.63 -3.64
N THR A 229 -28.34 18.79 -3.35
CA THR A 229 -27.54 19.52 -4.31
C THR A 229 -26.15 19.82 -3.77
N GLY A 230 -25.16 19.74 -4.66
CA GLY A 230 -23.78 19.98 -4.27
C GLY A 230 -22.95 20.30 -5.49
N ASP A 231 -21.89 21.07 -5.28
CA ASP A 231 -21.02 21.53 -6.37
C ASP A 231 -19.92 20.49 -6.60
N ARG A 232 -19.79 20.05 -7.85
CA ARG A 232 -18.87 18.97 -8.20
C ARG A 232 -18.12 19.29 -9.48
N ALA A 233 -16.79 19.09 -9.45
CA ALA A 233 -15.97 19.07 -10.65
C ALA A 233 -16.23 20.27 -11.57
N GLY A 234 -16.24 21.46 -10.97
CA GLY A 234 -16.44 22.68 -11.73
C GLY A 234 -17.86 22.93 -12.19
N ILE A 235 -18.81 22.10 -11.78
CA ILE A 235 -20.22 22.32 -12.04
C ILE A 235 -20.84 22.90 -10.77
N LYS A 236 -21.51 24.04 -10.91
CA LYS A 236 -22.25 24.59 -9.79
C LYS A 236 -23.42 23.65 -9.45
N ASP A 237 -23.89 23.77 -8.22
CA ASP A 237 -24.54 22.65 -7.54
C ASP A 237 -25.48 21.88 -8.47
N ARG A 238 -25.43 20.54 -8.35
CA ARG A 238 -26.23 19.66 -9.17
C ARG A 238 -27.04 18.72 -8.28
N VAL A 239 -28.08 18.12 -8.85
CA VAL A 239 -29.09 17.39 -8.09
C VAL A 239 -28.66 15.94 -7.92
N TYR A 240 -28.74 15.44 -6.69
CA TYR A 240 -28.78 14.01 -6.40
C TYR A 240 -30.18 13.69 -5.90
N SER A 241 -30.86 12.77 -6.60
CA SER A 241 -32.26 12.47 -6.31
C SER A 241 -32.45 10.98 -6.09
N ASN A 242 -33.41 10.64 -5.24
CA ASN A 242 -33.72 9.26 -4.92
C ASN A 242 -35.23 9.06 -4.92
N SER A 243 -35.67 7.90 -5.41
CA SER A 243 -37.08 7.58 -5.55
C SER A 243 -37.52 6.60 -4.47
N ILE A 244 -38.76 6.77 -4.01
CA ILE A 244 -39.37 5.89 -3.01
C ILE A 244 -40.34 4.95 -3.71
N TYR A 245 -40.30 3.67 -3.33
CA TYR A 245 -41.15 2.65 -3.92
C TYR A 245 -41.91 1.90 -2.83
N GLU A 246 -43.06 1.36 -3.21
CA GLU A 246 -43.85 0.48 -2.36
C GLU A 246 -43.90 -0.91 -2.98
N LEU A 247 -43.94 -1.93 -2.12
CA LEU A 247 -43.88 -3.32 -2.55
C LEU A 247 -45.20 -4.00 -2.22
N LEU A 248 -45.73 -4.75 -3.19
CA LEU A 248 -47.05 -5.34 -3.10
C LEU A 248 -46.94 -6.83 -2.83
N GLU A 249 -47.66 -7.30 -1.80
CA GLU A 249 -47.86 -8.71 -1.53
C GLU A 249 -49.33 -9.02 -1.74
N ASN A 250 -49.63 -9.84 -2.75
CA ASN A 250 -51.00 -10.17 -3.13
C ASN A 250 -51.81 -8.92 -3.47
N GLY A 251 -51.14 -7.90 -4.00
CA GLY A 251 -51.79 -6.65 -4.34
C GLY A 251 -51.94 -5.64 -3.22
N GLN A 252 -51.34 -5.87 -2.05
CA GLN A 252 -51.41 -4.93 -0.93
C GLN A 252 -50.00 -4.60 -0.46
N ARG A 253 -49.82 -3.36 0.01
CA ARG A 253 -48.50 -2.88 0.38
C ARG A 253 -47.93 -3.64 1.57
N ALA A 254 -46.87 -4.41 1.33
CA ALA A 254 -46.13 -5.06 2.40
C ALA A 254 -44.95 -4.23 2.89
N GLY A 255 -44.37 -3.39 2.03
CA GLY A 255 -43.24 -2.59 2.42
C GLY A 255 -42.97 -1.46 1.45
N THR A 256 -42.29 -0.42 1.94
CA THR A 256 -41.90 0.72 1.13
C THR A 256 -40.46 1.06 1.46
N CYS A 257 -39.68 1.42 0.45
CA CYS A 257 -38.25 1.62 0.64
C CYS A 257 -37.68 2.57 -0.39
N VAL A 258 -36.52 3.13 -0.08
CA VAL A 258 -35.71 3.89 -1.02
C VAL A 258 -34.78 2.92 -1.73
N LEU A 259 -34.79 2.94 -3.05
CA LEU A 259 -34.27 1.82 -3.81
C LEU A 259 -33.78 2.31 -5.17
N GLU A 260 -32.75 1.64 -5.69
CA GLU A 260 -32.21 1.98 -7.00
C GLU A 260 -31.41 0.80 -7.53
N TYR A 261 -31.30 0.74 -8.84
CA TYR A 261 -30.29 -0.11 -9.47
C TYR A 261 -28.91 0.53 -9.38
N ALA A 262 -27.88 -0.32 -9.38
CA ALA A 262 -26.51 0.17 -9.47
C ALA A 262 -26.23 0.59 -10.89
N THR A 263 -26.07 1.89 -11.10
CA THR A 263 -25.87 2.41 -12.45
C THR A 263 -24.68 1.79 -13.17
N PRO A 264 -23.52 1.59 -12.54
CA PRO A 264 -22.36 1.07 -13.30
C PRO A 264 -22.65 -0.23 -14.04
N LEU A 265 -23.58 -1.06 -13.54
CA LEU A 265 -23.89 -2.27 -14.27
C LEU A 265 -24.43 -1.98 -15.67
N GLN A 266 -25.14 -0.87 -15.86
CA GLN A 266 -25.52 -0.48 -17.22
C GLN A 266 -24.30 -0.25 -18.11
N THR A 267 -23.23 0.30 -17.55
CA THR A 267 -22.01 0.51 -18.32
C THR A 267 -21.43 -0.83 -18.79
N LEU A 268 -21.41 -1.83 -17.90
CA LEU A 268 -20.90 -3.14 -18.28
C LEU A 268 -21.73 -3.74 -19.40
N PHE A 269 -23.05 -3.64 -19.30
CA PHE A 269 -23.93 -4.18 -20.34
C PHE A 269 -23.70 -3.45 -21.66
N ALA A 270 -23.62 -2.12 -21.62
CA ALA A 270 -23.40 -1.36 -22.84
C ALA A 270 -22.04 -1.67 -23.45
N MET A 271 -21.01 -1.80 -22.61
CA MET A 271 -19.69 -2.16 -23.12
C MET A 271 -19.73 -3.48 -23.86
N SER A 272 -20.60 -4.40 -23.45
CA SER A 272 -20.74 -5.67 -24.15
C SER A 272 -21.29 -5.45 -25.55
N GLN A 273 -22.25 -4.53 -25.69
CA GLN A 273 -22.88 -4.30 -26.98
C GLN A 273 -21.92 -3.62 -27.96
N TYR A 274 -21.22 -2.59 -27.50
CA TYR A 274 -20.35 -1.83 -28.38
C TYR A 274 -19.14 -2.66 -28.81
N SER A 275 -18.89 -2.69 -30.11
CA SER A 275 -17.76 -3.45 -30.64
C SER A 275 -16.44 -2.78 -30.28
N GLN A 276 -16.41 -1.44 -30.28
CA GLN A 276 -15.18 -0.73 -30.00
C GLN A 276 -14.65 -0.97 -28.59
N ALA A 277 -15.51 -1.44 -27.68
CA ALA A 277 -15.10 -1.64 -26.30
C ALA A 277 -14.17 -2.84 -26.13
N GLY A 278 -14.18 -3.78 -27.08
CA GLY A 278 -13.42 -5.00 -26.90
C GLY A 278 -13.82 -5.75 -25.65
N PHE A 279 -15.11 -5.79 -25.33
CA PHE A 279 -15.61 -6.35 -24.08
C PHE A 279 -16.65 -7.41 -24.41
N SER A 280 -16.39 -8.64 -24.01
CA SER A 280 -17.24 -9.77 -24.35
C SER A 280 -18.28 -10.02 -23.26
N ARG A 281 -19.28 -10.84 -23.61
CA ARG A 281 -20.32 -11.20 -22.65
C ARG A 281 -19.75 -11.99 -21.48
N GLU A 282 -18.78 -12.87 -21.76
CA GLU A 282 -18.11 -13.58 -20.66
C GLU A 282 -17.43 -12.63 -19.70
N ASP A 283 -16.76 -11.60 -20.23
CA ASP A 283 -16.15 -10.59 -19.38
C ASP A 283 -17.20 -9.87 -18.55
N ARG A 284 -18.36 -9.59 -19.15
CA ARG A 284 -19.41 -8.87 -18.44
C ARG A 284 -19.82 -9.60 -17.16
N LEU A 285 -20.08 -10.91 -17.28
CA LEU A 285 -20.47 -11.69 -16.10
C LEU A 285 -19.35 -11.75 -15.07
N GLU A 286 -18.12 -11.92 -15.52
CA GLU A 286 -16.96 -11.95 -14.62
C GLU A 286 -16.80 -10.60 -13.92
N GLN A 287 -16.87 -9.51 -14.67
CA GLN A 287 -16.69 -8.20 -14.06
C GLN A 287 -17.89 -7.80 -13.21
N ALA A 288 -19.09 -8.25 -13.57
CA ALA A 288 -20.27 -7.96 -12.76
C ALA A 288 -20.14 -8.57 -11.38
N LYS A 289 -19.69 -9.82 -11.31
CA LYS A 289 -19.45 -10.45 -10.01
C LYS A 289 -18.35 -9.73 -9.25
N LEU A 290 -17.27 -9.36 -9.94
CA LEU A 290 -16.18 -8.67 -9.29
C LEU A 290 -16.61 -7.29 -8.78
N PHE A 291 -17.51 -6.62 -9.51
CA PHE A 291 -18.02 -5.34 -9.06
C PHE A 291 -18.74 -5.48 -7.72
N CYS A 292 -19.60 -6.49 -7.60
CA CYS A 292 -20.31 -6.73 -6.35
C CYS A 292 -19.34 -7.02 -5.21
N ARG A 293 -18.34 -7.86 -5.48
CA ARG A 293 -17.38 -8.21 -4.44
C ARG A 293 -16.58 -7.01 -3.99
N THR A 294 -16.12 -6.19 -4.95
CA THR A 294 -15.34 -5.00 -4.62
C THR A 294 -16.17 -4.00 -3.83
N LEU A 295 -17.42 -3.77 -4.24
CA LEU A 295 -18.27 -2.83 -3.52
C LEU A 295 -18.57 -3.31 -2.12
N GLU A 296 -18.80 -4.61 -1.96
CA GLU A 296 -19.03 -5.17 -0.62
C GLU A 296 -17.85 -4.87 0.29
N ASP A 297 -16.63 -5.06 -0.20
CA ASP A 297 -15.45 -4.81 0.62
C ASP A 297 -15.32 -3.32 0.94
N ILE A 298 -15.63 -2.45 -0.01
CA ILE A 298 -15.49 -1.02 0.21
C ILE A 298 -16.45 -0.56 1.31
N LEU A 299 -17.72 -0.94 1.19
CA LEU A 299 -18.71 -0.49 2.16
C LEU A 299 -18.45 -1.07 3.54
N ALA A 300 -17.84 -2.27 3.61
CA ALA A 300 -17.54 -2.85 4.92
C ALA A 300 -16.59 -1.96 5.71
N ASP A 301 -15.48 -1.55 5.09
CA ASP A 301 -14.51 -0.70 5.79
C ASP A 301 -14.96 0.76 5.83
N ALA A 302 -15.71 1.20 4.83
CA ALA A 302 -16.05 2.62 4.73
C ALA A 302 -16.83 3.07 5.96
N PRO A 303 -16.39 4.12 6.66
CA PRO A 303 -17.15 4.57 7.84
C PRO A 303 -18.46 5.25 7.51
N GLU A 304 -18.56 5.88 6.34
CA GLU A 304 -19.77 6.62 5.99
C GLU A 304 -20.95 5.72 5.71
N SER A 305 -20.73 4.42 5.49
CA SER A 305 -21.76 3.51 5.00
C SER A 305 -22.24 2.54 6.07
N GLN A 306 -22.12 2.90 7.34
CA GLN A 306 -22.43 1.97 8.42
C GLN A 306 -23.94 1.85 8.61
N ASN A 307 -24.51 0.75 8.14
CA ASN A 307 -25.90 0.35 8.39
C ASN A 307 -26.91 1.30 7.76
N ASN A 308 -26.48 2.25 6.94
CA ASN A 308 -27.38 3.08 6.16
C ASN A 308 -27.50 2.62 4.71
N CYS A 309 -26.85 1.52 4.34
CA CYS A 309 -26.88 1.01 2.98
C CYS A 309 -27.04 -0.50 3.00
N ARG A 310 -27.68 -1.03 1.96
CA ARG A 310 -27.85 -2.47 1.80
C ARG A 310 -27.73 -2.83 0.33
N LEU A 311 -27.13 -3.98 0.06
CA LEU A 311 -26.93 -4.47 -1.30
C LEU A 311 -27.80 -5.69 -1.56
N ILE A 312 -28.45 -5.73 -2.72
CA ILE A 312 -29.21 -6.88 -3.17
C ILE A 312 -28.56 -7.41 -4.44
N ALA A 313 -28.12 -8.66 -4.39
CA ALA A 313 -27.52 -9.34 -5.54
C ALA A 313 -28.35 -10.57 -5.88
N TYR A 314 -28.57 -10.79 -7.16
CA TYR A 314 -29.40 -11.89 -7.60
C TYR A 314 -29.09 -12.22 -9.05
N GLN A 315 -29.42 -13.45 -9.44
CA GLN A 315 -29.32 -13.89 -10.82
C GLN A 315 -30.59 -14.63 -11.21
N GLU A 316 -31.15 -14.28 -12.36
CA GLU A 316 -32.41 -14.89 -12.77
C GLU A 316 -32.18 -16.37 -13.07
N PRO A 317 -33.07 -17.27 -12.61
CA PRO A 317 -32.90 -18.70 -12.89
C PRO A 317 -33.22 -19.06 -14.34
N SER A 322 -41.71 -15.01 -13.74
CA SER A 322 -41.69 -15.99 -12.66
C SER A 322 -40.60 -15.66 -11.64
N PHE A 323 -39.98 -14.50 -11.80
CA PHE A 323 -38.84 -14.15 -10.96
C PHE A 323 -39.28 -13.52 -9.64
N SER A 324 -38.43 -13.68 -8.62
CA SER A 324 -38.78 -13.31 -7.25
C SER A 324 -38.58 -11.84 -6.94
N LEU A 325 -38.13 -11.03 -7.90
CA LEU A 325 -37.51 -9.74 -7.57
C LEU A 325 -38.18 -9.04 -6.41
N SER A 326 -39.51 -8.84 -6.49
CA SER A 326 -40.19 -8.11 -5.42
C SER A 326 -40.03 -8.82 -4.09
N GLN A 327 -40.07 -10.16 -4.10
CA GLN A 327 -39.86 -10.91 -2.87
C GLN A 327 -38.44 -10.76 -2.35
N GLU A 328 -37.46 -10.61 -3.25
CA GLU A 328 -36.08 -10.46 -2.82
C GLU A 328 -35.92 -9.20 -1.98
N VAL A 329 -36.53 -8.09 -2.42
CA VAL A 329 -36.44 -6.85 -1.66
C VAL A 329 -37.17 -7.00 -0.33
N LEU A 330 -38.36 -7.61 -0.36
CA LEU A 330 -39.13 -7.87 0.84
C LEU A 330 -38.32 -8.70 1.83
N ARG A 331 -37.54 -9.66 1.35
CA ARG A 331 -36.80 -10.55 2.22
C ARG A 331 -35.85 -9.74 3.09
N HIS A 332 -35.10 -8.83 2.46
CA HIS A 332 -34.11 -8.05 3.20
C HIS A 332 -34.77 -7.00 4.09
N LEU A 333 -35.95 -6.50 3.69
CA LEU A 333 -36.63 -5.49 4.50
C LEU A 333 -37.07 -6.07 5.84
N ARG A 334 -37.76 -7.21 5.80
CA ARG A 334 -38.25 -7.81 7.05
C ARG A 334 -37.11 -8.42 7.85
N GLN A 335 -36.01 -8.79 7.20
CA GLN A 335 -34.84 -9.29 7.90
C GLN A 335 -34.17 -8.18 8.68
N HIS B 3 -1.21 8.29 -33.20
CA HIS B 3 -0.65 9.21 -32.21
C HIS B 3 -1.72 10.20 -31.74
N SER B 4 -1.83 10.36 -30.42
CA SER B 4 -2.84 11.24 -29.87
C SER B 4 -2.55 12.70 -30.21
N SER B 5 -3.61 13.47 -30.41
CA SER B 5 -3.51 14.89 -30.67
C SER B 5 -3.86 15.74 -29.45
N LEU B 6 -4.28 15.11 -28.35
CA LEU B 6 -4.65 15.87 -27.16
C LEU B 6 -3.42 16.54 -26.53
N HIS B 7 -2.44 15.74 -26.13
CA HIS B 7 -1.26 16.23 -25.43
C HIS B 7 -0.09 15.33 -25.78
N PRO B 8 1.12 15.87 -25.90
CA PRO B 8 2.27 15.02 -26.22
C PRO B 8 2.50 13.89 -25.23
N SER B 9 2.13 14.08 -23.96
CA SER B 9 2.42 13.10 -22.92
C SER B 9 1.61 11.82 -23.06
N ILE B 10 0.62 11.77 -23.94
CA ILE B 10 -0.27 10.62 -24.04
C ILE B 10 0.45 9.50 -24.80
N PRO B 11 0.64 8.32 -24.19
CA PRO B 11 1.34 7.25 -24.91
C PRO B 11 0.49 6.66 -26.02
N CYS B 12 1.14 6.35 -27.14
CA CYS B 12 0.48 5.67 -28.24
C CYS B 12 0.28 4.20 -27.90
N PRO B 13 -0.67 3.53 -28.57
CA PRO B 13 -0.79 2.08 -28.39
C PRO B 13 0.49 1.37 -28.80
N ARG B 14 0.82 0.30 -28.08
CA ARG B 14 2.05 -0.43 -28.33
C ARG B 14 2.02 -1.08 -29.72
N GLY B 15 3.18 -1.11 -30.37
CA GLY B 15 3.31 -1.61 -31.71
C GLY B 15 4.06 -2.92 -31.79
N HIS B 16 4.54 -3.23 -33.00
CA HIS B 16 5.17 -4.51 -33.29
C HIS B 16 6.67 -4.52 -33.04
N GLY B 17 7.25 -3.43 -32.53
CA GLY B 17 8.69 -3.33 -32.45
C GLY B 17 9.35 -4.54 -31.82
N ALA B 18 8.69 -5.16 -30.83
CA ALA B 18 9.25 -6.35 -30.20
C ALA B 18 9.39 -7.48 -31.22
N GLN B 19 8.41 -7.61 -32.12
CA GLN B 19 8.48 -8.67 -33.13
C GLN B 19 9.63 -8.42 -34.09
N LYS B 20 9.86 -7.16 -34.47
CA LYS B 20 10.97 -6.84 -35.35
C LYS B 20 12.31 -7.13 -34.67
N ALA B 21 12.43 -6.80 -33.38
CA ALA B 21 13.65 -7.13 -32.66
C ALA B 21 13.84 -8.64 -32.59
N ALA B 22 12.76 -9.38 -32.35
CA ALA B 22 12.85 -10.84 -32.33
C ALA B 22 13.31 -11.38 -33.69
N LEU B 23 12.82 -10.78 -34.77
CA LEU B 23 13.23 -11.22 -36.10
C LEU B 23 14.71 -10.95 -36.34
N VAL B 24 15.20 -9.79 -35.91
CA VAL B 24 16.62 -9.50 -36.04
C VAL B 24 17.44 -10.48 -35.21
N LEU B 25 16.98 -10.79 -34.00
CA LEU B 25 17.66 -11.78 -33.17
C LEU B 25 17.70 -13.14 -33.85
N LEU B 26 16.59 -13.54 -34.47
CA LEU B 26 16.55 -14.81 -35.20
C LEU B 26 17.58 -14.83 -36.32
N SER B 27 17.64 -13.74 -37.10
CA SER B 27 18.61 -13.67 -38.19
C SER B 27 20.03 -13.78 -37.66
N ALA B 28 20.32 -13.06 -36.58
CA ALA B 28 21.67 -13.09 -36.01
C ALA B 28 22.01 -14.48 -35.50
N CYS B 29 21.06 -15.15 -34.85
CA CYS B 29 21.32 -16.49 -34.32
C CYS B 29 21.58 -17.48 -35.44
N LEU B 30 20.79 -17.40 -36.52
CA LEU B 30 21.00 -18.30 -37.65
C LEU B 30 22.34 -18.05 -38.31
N VAL B 31 22.73 -16.79 -38.47
CA VAL B 31 24.04 -16.49 -39.04
C VAL B 31 25.15 -17.02 -38.14
N THR B 32 24.97 -16.88 -36.82
CA THR B 32 25.97 -17.38 -35.89
C THR B 32 26.09 -18.90 -35.99
N LEU B 33 24.97 -19.61 -36.10
CA LEU B 33 25.02 -21.06 -36.25
C LEU B 33 25.70 -21.45 -37.55
N TRP B 34 25.44 -20.71 -38.62
CA TRP B 34 26.14 -20.97 -39.87
C TRP B 34 27.64 -20.78 -39.70
N GLY B 35 28.05 -19.74 -38.99
CA GLY B 35 29.47 -19.48 -38.82
C GLY B 35 30.17 -20.51 -37.96
N LEU B 36 29.49 -20.98 -36.91
CA LEU B 36 30.13 -21.91 -35.98
C LEU B 36 30.46 -23.23 -36.67
N GLY B 37 29.66 -23.67 -37.64
CA GLY B 37 29.94 -24.87 -38.39
C GLY B 37 29.64 -26.17 -37.69
N GLU B 38 28.92 -26.14 -36.57
CA GLU B 38 28.51 -27.38 -35.92
C GLU B 38 27.47 -28.10 -36.77
N PRO B 39 27.35 -29.42 -36.63
CA PRO B 39 26.43 -30.18 -37.48
C PRO B 39 25.01 -29.63 -37.40
N PRO B 40 24.34 -29.43 -38.55
CA PRO B 40 22.94 -28.97 -38.49
C PRO B 40 22.01 -29.92 -37.75
N GLU B 41 22.25 -31.23 -37.88
CA GLU B 41 21.36 -32.20 -37.25
C GLU B 41 21.39 -32.08 -35.72
N HIS B 42 22.58 -31.88 -35.15
CA HIS B 42 22.67 -31.66 -33.72
C HIS B 42 21.96 -30.37 -33.30
N THR B 43 22.06 -29.33 -34.14
CA THR B 43 21.33 -28.10 -33.87
C THR B 43 19.83 -28.35 -33.79
N LEU B 44 19.29 -29.05 -34.78
CA LEU B 44 17.86 -29.34 -34.78
C LEU B 44 17.47 -30.17 -33.57
N ARG B 45 18.27 -31.18 -33.23
CA ARG B 45 17.97 -32.03 -32.08
C ARG B 45 17.93 -31.21 -30.79
N TYR B 46 18.93 -30.37 -30.57
CA TYR B 46 18.98 -29.57 -29.36
C TYR B 46 17.80 -28.60 -29.31
N LEU B 47 17.49 -27.96 -30.44
CA LEU B 47 16.39 -27.00 -30.47
C LEU B 47 15.07 -27.67 -30.11
N VAL B 48 14.78 -28.81 -30.75
CA VAL B 48 13.51 -29.48 -30.50
C VAL B 48 13.44 -29.97 -29.06
N LEU B 49 14.56 -30.46 -28.52
CA LEU B 49 14.55 -30.91 -27.12
C LEU B 49 14.29 -29.75 -26.17
N HIS B 50 14.87 -28.59 -26.44
CA HIS B 50 14.63 -27.42 -25.59
C HIS B 50 13.16 -27.02 -25.63
N LEU B 51 12.56 -26.98 -26.82
CA LEU B 51 11.15 -26.63 -26.92
C LEU B 51 10.28 -27.64 -26.21
N ALA B 52 10.61 -28.93 -26.33
CA ALA B 52 9.85 -29.97 -25.64
C ALA B 52 9.92 -29.78 -24.13
N SER B 53 11.12 -29.48 -23.61
CA SER B 53 11.26 -29.25 -22.18
C SER B 53 10.42 -28.06 -21.73
N LEU B 54 10.43 -26.99 -22.52
CA LEU B 54 9.59 -25.84 -22.18
C LEU B 54 8.11 -26.21 -22.14
N GLN B 55 7.68 -27.04 -23.09
CA GLN B 55 6.28 -27.45 -23.12
C GLN B 55 5.92 -28.28 -21.89
N LEU B 56 6.81 -29.17 -21.47
CA LEU B 56 6.52 -29.97 -20.28
C LEU B 56 6.50 -29.10 -19.02
N GLY B 57 7.41 -28.13 -18.93
CA GLY B 57 7.33 -27.17 -17.84
C GLY B 57 6.02 -26.43 -17.83
N LEU B 58 5.54 -26.05 -19.01
CA LEU B 58 4.22 -25.42 -19.11
C LEU B 58 3.12 -26.34 -18.58
N LEU B 59 3.19 -27.62 -18.93
CA LEU B 59 2.21 -28.57 -18.41
C LEU B 59 2.19 -28.58 -16.89
N LEU B 60 3.37 -28.69 -16.28
CA LEU B 60 3.43 -28.77 -14.82
C LEU B 60 2.96 -27.47 -14.17
N ASN B 61 3.31 -26.33 -14.75
CA ASN B 61 2.82 -25.06 -14.22
C ASN B 61 1.30 -24.99 -14.32
N GLY B 62 0.74 -25.47 -15.44
CA GLY B 62 -0.71 -25.50 -15.57
C GLY B 62 -1.37 -26.40 -14.55
N VAL B 63 -0.72 -27.52 -14.21
CA VAL B 63 -1.26 -28.38 -13.15
C VAL B 63 -1.23 -27.66 -11.82
N CYS B 64 -0.15 -26.94 -11.53
CA CYS B 64 -0.08 -26.21 -10.27
C CYS B 64 -1.16 -25.15 -10.19
N SER B 65 -1.42 -24.45 -11.30
CA SER B 65 -2.51 -23.49 -11.34
C SER B 65 -3.87 -24.18 -11.19
N LEU B 66 -4.04 -25.33 -11.84
CA LEU B 66 -5.28 -26.08 -11.72
C LEU B 66 -5.56 -26.46 -10.29
N ALA B 67 -4.51 -26.70 -9.50
CA ALA B 67 -4.73 -26.94 -8.08
C ALA B 67 -5.52 -25.80 -7.44
N GLU B 68 -5.30 -24.56 -7.89
CA GLU B 68 -6.03 -23.43 -7.35
C GLU B 68 -7.39 -23.28 -8.00
N GLU B 69 -7.42 -23.30 -9.33
CA GLU B 69 -8.65 -22.97 -10.04
C GLU B 69 -9.79 -23.93 -9.72
N LEU B 70 -9.47 -25.19 -9.43
CA LEU B 70 -10.53 -26.16 -9.14
C LEU B 70 -11.38 -25.73 -7.94
N ARG B 71 -10.77 -25.02 -6.99
CA ARG B 71 -11.55 -24.52 -5.86
C ARG B 71 -12.64 -23.56 -6.31
N HIS B 72 -12.36 -22.76 -7.34
CA HIS B 72 -13.33 -21.78 -7.84
C HIS B 72 -14.26 -22.38 -8.89
N ILE B 73 -14.22 -23.70 -9.11
CA ILE B 73 -14.90 -24.30 -10.26
C ILE B 73 -16.34 -23.81 -10.36
N HIS B 74 -17.06 -23.81 -9.25
CA HIS B 74 -18.48 -23.47 -9.28
C HIS B 74 -18.69 -21.98 -9.54
N SER B 75 -17.98 -21.13 -8.80
CA SER B 75 -18.25 -19.70 -8.86
C SER B 75 -17.82 -19.11 -10.19
N ARG B 76 -16.57 -19.35 -10.60
CA ARG B 76 -16.03 -18.70 -11.78
C ARG B 76 -16.32 -19.49 -13.05
N TYR B 77 -16.19 -20.81 -13.00
CA TYR B 77 -16.24 -21.66 -14.18
C TYR B 77 -17.56 -22.43 -14.30
N ARG B 78 -18.60 -21.99 -13.61
CA ARG B 78 -19.96 -22.54 -13.78
C ARG B 78 -19.98 -24.05 -13.71
N GLY B 79 -19.15 -24.63 -12.84
CA GLY B 79 -19.28 -26.04 -12.50
C GLY B 79 -18.75 -27.02 -13.53
N SER B 80 -18.01 -26.56 -14.54
CA SER B 80 -17.46 -27.43 -15.57
C SER B 80 -15.97 -27.65 -15.30
N TYR B 81 -15.58 -28.92 -15.11
CA TYR B 81 -14.17 -29.23 -14.98
C TYR B 81 -13.42 -28.89 -16.26
N TRP B 82 -14.05 -29.10 -17.42
CA TRP B 82 -13.36 -28.85 -18.68
C TRP B 82 -13.07 -27.37 -18.87
N ARG B 83 -13.98 -26.50 -18.43
CA ARG B 83 -13.72 -25.06 -18.51
C ARG B 83 -12.56 -24.66 -17.62
N THR B 84 -12.46 -25.25 -16.42
CA THR B 84 -11.30 -24.99 -15.57
C THR B 84 -10.01 -25.45 -16.25
N VAL B 85 -10.03 -26.65 -16.83
CA VAL B 85 -8.84 -27.18 -17.47
C VAL B 85 -8.41 -26.29 -18.62
N ARG B 86 -9.38 -25.82 -19.42
CA ARG B 86 -9.05 -24.89 -20.50
C ARG B 86 -8.53 -23.57 -19.96
N ALA B 87 -9.11 -23.07 -18.87
CA ALA B 87 -8.64 -21.82 -18.29
C ALA B 87 -7.18 -21.94 -17.88
N CYS B 88 -6.78 -23.12 -17.40
CA CYS B 88 -5.40 -23.33 -16.98
C CYS B 88 -4.46 -23.62 -18.15
N LEU B 89 -4.93 -24.34 -19.17
CA LEU B 89 -4.10 -24.76 -20.27
C LEU B 89 -4.37 -24.01 -21.58
N GLY B 90 -5.39 -23.16 -21.63
CA GLY B 90 -5.70 -22.39 -22.83
C GLY B 90 -6.52 -23.11 -23.87
N CYS B 91 -6.03 -24.24 -24.37
CA CYS B 91 -6.77 -25.06 -25.32
C CYS B 91 -6.31 -26.51 -25.18
N PRO B 92 -7.11 -27.40 -24.57
CA PRO B 92 -6.61 -28.76 -24.32
C PRO B 92 -6.26 -29.55 -25.57
N LEU B 93 -6.85 -29.25 -26.72
CA LEU B 93 -6.54 -30.01 -27.93
C LEU B 93 -5.14 -29.68 -28.44
N ARG B 94 -4.89 -28.40 -28.72
CA ARG B 94 -3.58 -27.99 -29.20
C ARG B 94 -2.50 -28.27 -28.16
N ARG B 95 -2.80 -28.00 -26.89
CA ARG B 95 -1.84 -28.26 -25.83
C ARG B 95 -1.53 -29.74 -25.71
N GLY B 96 -2.56 -30.59 -25.83
CA GLY B 96 -2.34 -32.02 -25.76
C GLY B 96 -1.53 -32.53 -26.95
N ALA B 97 -1.81 -32.00 -28.14
CA ALA B 97 -1.02 -32.39 -29.30
C ALA B 97 0.45 -32.05 -29.09
N LEU B 98 0.74 -30.80 -28.69
CA LEU B 98 2.12 -30.42 -28.45
C LEU B 98 2.73 -31.22 -27.31
N LEU B 99 1.95 -31.54 -26.29
CA LEU B 99 2.46 -32.31 -25.16
C LEU B 99 2.86 -33.72 -25.59
N LEU B 100 1.99 -34.39 -26.35
CA LEU B 100 2.33 -35.71 -26.84
C LEU B 100 3.55 -35.68 -27.75
N LEU B 101 3.63 -34.69 -28.63
CA LEU B 101 4.80 -34.59 -29.50
C LEU B 101 6.06 -34.36 -28.70
N SER B 102 6.00 -33.50 -27.69
CA SER B 102 7.15 -33.22 -26.85
C SER B 102 7.59 -34.46 -26.10
N ILE B 103 6.64 -35.19 -25.53
CA ILE B 103 6.98 -36.41 -24.80
C ILE B 103 7.66 -37.40 -25.73
N TYR B 104 7.07 -37.63 -26.90
CA TYR B 104 7.64 -38.56 -27.86
C TYR B 104 9.06 -38.18 -28.20
N PHE B 105 9.28 -36.92 -28.58
CA PHE B 105 10.60 -36.51 -29.07
C PHE B 105 11.63 -36.52 -27.95
N TYR B 106 11.25 -36.12 -26.74
CA TYR B 106 12.21 -36.11 -25.65
C TYR B 106 12.56 -37.52 -25.19
N TYR B 107 11.60 -38.45 -25.25
CA TYR B 107 11.92 -39.82 -24.87
C TYR B 107 12.75 -40.51 -25.95
N SER B 108 12.47 -40.21 -27.22
CA SER B 108 13.08 -40.95 -28.31
C SER B 108 14.52 -40.50 -28.58
N LEU B 109 14.76 -39.19 -28.67
CA LEU B 109 16.01 -38.66 -29.19
C LEU B 109 17.23 -39.02 -28.33
N PRO B 110 17.16 -38.88 -27.00
CA PRO B 110 18.32 -39.27 -26.19
C PRO B 110 18.78 -40.70 -26.43
N PRO B 116 18.94 -39.65 -18.94
CA PRO B 116 17.80 -40.54 -18.75
C PRO B 116 16.48 -39.79 -18.62
N PHE B 117 15.42 -40.31 -19.23
CA PHE B 117 14.16 -39.59 -19.30
C PHE B 117 13.59 -39.34 -17.91
N THR B 118 13.51 -40.37 -17.07
CA THR B 118 12.85 -40.23 -15.79
C THR B 118 13.58 -39.25 -14.88
N TRP B 119 14.92 -39.34 -14.84
CA TRP B 119 15.69 -38.41 -14.02
C TRP B 119 15.55 -36.98 -14.54
N MET B 120 15.61 -36.80 -15.86
CA MET B 120 15.45 -35.46 -16.42
C MET B 120 14.05 -34.92 -16.17
N LEU B 121 13.03 -35.78 -16.25
CA LEU B 121 11.68 -35.33 -15.97
C LEU B 121 11.54 -34.87 -14.52
N ALA B 122 12.13 -35.62 -13.59
CA ALA B 122 12.08 -35.20 -12.19
C ALA B 122 12.83 -33.89 -11.98
N LEU B 123 13.98 -33.73 -12.63
CA LEU B 123 14.74 -32.49 -12.51
C LEU B 123 13.94 -31.32 -13.06
N LEU B 124 13.24 -31.52 -14.17
CA LEU B 124 12.42 -30.47 -14.73
C LEU B 124 11.29 -30.08 -13.78
N GLY B 125 10.66 -31.08 -13.16
CA GLY B 125 9.61 -30.78 -12.19
C GLY B 125 10.15 -30.02 -10.99
N LEU B 126 11.33 -30.40 -10.51
CA LEU B 126 11.95 -29.67 -9.40
C LEU B 126 12.23 -28.23 -9.80
N SER B 127 12.75 -28.02 -11.00
CA SER B 127 13.02 -26.65 -11.46
C SER B 127 11.73 -25.85 -11.57
N GLN B 128 10.67 -26.46 -12.12
CA GLN B 128 9.42 -25.74 -12.29
C GLN B 128 8.78 -25.40 -10.95
N ALA B 129 8.85 -26.31 -9.99
CA ALA B 129 8.27 -26.03 -8.68
C ALA B 129 8.92 -24.83 -8.02
N LEU B 130 10.24 -24.72 -8.14
CA LEU B 130 10.94 -23.57 -7.56
C LEU B 130 10.50 -22.27 -8.21
N ASN B 131 10.18 -22.31 -9.51
CA ASN B 131 9.71 -21.10 -10.18
C ASN B 131 8.44 -20.57 -9.54
N ILE B 132 7.51 -21.47 -9.21
CA ILE B 132 6.27 -21.05 -8.55
C ILE B 132 6.56 -20.54 -7.15
N LEU B 133 7.32 -21.31 -6.37
CA LEU B 133 7.51 -20.98 -4.97
C LEU B 133 8.39 -19.76 -4.79
N LEU B 134 9.50 -19.67 -5.53
CA LEU B 134 10.35 -18.51 -5.45
C LEU B 134 9.76 -17.32 -6.20
N GLY B 135 8.94 -17.57 -7.21
CA GLY B 135 8.33 -16.51 -7.99
C GLY B 135 9.18 -16.00 -9.13
N LEU B 136 10.06 -16.84 -9.69
CA LEU B 136 10.98 -16.39 -10.72
C LEU B 136 10.28 -15.96 -12.00
N LYS B 137 9.03 -16.40 -12.21
CA LYS B 137 8.33 -16.12 -13.45
C LYS B 137 7.38 -14.93 -13.34
N GLY B 138 7.48 -14.15 -12.27
CA GLY B 138 6.73 -12.91 -12.19
C GLY B 138 7.07 -12.00 -13.36
N LEU B 139 6.04 -11.51 -14.06
CA LEU B 139 6.25 -10.74 -15.27
C LEU B 139 6.80 -9.35 -14.96
N ALA B 140 7.55 -8.81 -15.92
CA ALA B 140 8.07 -7.47 -15.79
C ALA B 140 6.95 -6.44 -15.96
N PRO B 141 7.12 -5.23 -15.44
CA PRO B 141 6.07 -4.21 -15.59
C PRO B 141 5.66 -3.96 -17.03
N ALA B 142 6.61 -3.95 -17.96
CA ALA B 142 6.26 -3.73 -19.36
C ALA B 142 5.43 -4.87 -19.91
N GLU B 143 5.77 -6.11 -19.54
CA GLU B 143 4.98 -7.25 -19.97
C GLU B 143 3.55 -7.17 -19.43
N ILE B 144 3.41 -6.80 -18.16
CA ILE B 144 2.08 -6.66 -17.57
C ILE B 144 1.31 -5.54 -18.26
N SER B 145 1.97 -4.40 -18.50
CA SER B 145 1.31 -3.28 -19.13
C SER B 145 0.82 -3.64 -20.53
N ALA B 146 1.64 -4.35 -21.30
CA ALA B 146 1.23 -4.76 -22.64
C ALA B 146 0.05 -5.70 -22.59
N VAL B 147 0.04 -6.64 -21.64
CA VAL B 147 -1.07 -7.57 -21.51
C VAL B 147 -2.35 -6.81 -21.17
N CYS B 148 -2.27 -5.86 -20.24
CA CYS B 148 -3.45 -5.09 -19.86
C CYS B 148 -3.99 -4.28 -21.03
N GLU B 149 -3.10 -3.62 -21.76
CA GLU B 149 -3.56 -2.76 -22.86
C GLU B 149 -4.23 -3.58 -23.96
N LYS B 150 -3.65 -4.72 -24.32
CA LYS B 150 -4.25 -5.56 -25.35
C LYS B 150 -5.57 -6.14 -24.86
N GLY B 151 -5.61 -6.63 -23.62
CA GLY B 151 -6.83 -7.21 -23.09
C GLY B 151 -7.85 -6.17 -22.65
N ASN B 152 -7.43 -4.91 -22.53
CA ASN B 152 -8.27 -3.83 -22.01
C ASN B 152 -8.56 -4.02 -20.52
N PHE B 153 -7.64 -4.65 -19.79
CA PHE B 153 -7.75 -4.81 -18.34
C PHE B 153 -7.15 -3.58 -17.68
N ASN B 154 -7.93 -2.49 -17.67
CA ASN B 154 -7.46 -1.22 -17.13
C ASN B 154 -8.60 -0.49 -16.44
N VAL B 155 -8.25 0.21 -15.36
CA VAL B 155 -9.23 1.03 -14.64
C VAL B 155 -9.73 2.14 -15.56
N ALA B 156 -8.83 2.80 -16.27
CA ALA B 156 -9.22 3.91 -17.13
C ALA B 156 -10.16 3.48 -18.24
N HIS B 157 -10.03 2.24 -18.72
CA HIS B 157 -10.89 1.77 -19.80
C HIS B 157 -12.35 1.79 -19.38
N GLY B 158 -12.65 1.25 -18.20
CA GLY B 158 -14.02 1.26 -17.73
C GLY B 158 -14.53 2.65 -17.42
N LEU B 159 -13.68 3.49 -16.83
CA LEU B 159 -14.10 4.84 -16.48
C LEU B 159 -14.45 5.65 -17.72
N ALA B 160 -13.65 5.52 -18.78
CA ALA B 160 -13.93 6.29 -20.00
C ALA B 160 -15.24 5.85 -20.63
N TRP B 161 -15.48 4.54 -20.72
CA TRP B 161 -16.74 4.08 -21.29
C TRP B 161 -17.92 4.43 -20.40
N SER B 162 -17.73 4.36 -19.08
CA SER B 162 -18.79 4.80 -18.17
C SER B 162 -19.11 6.27 -18.39
N TYR B 163 -18.09 7.09 -18.59
CA TYR B 163 -18.31 8.53 -18.81
C TYR B 163 -19.08 8.76 -20.09
N TYR B 164 -18.71 8.08 -21.18
CA TYR B 164 -19.41 8.28 -22.45
C TYR B 164 -20.81 7.70 -22.41
N ILE B 165 -20.95 6.46 -21.93
CA ILE B 165 -22.24 5.76 -22.00
C ILE B 165 -23.29 6.52 -21.19
N GLY B 166 -22.95 6.91 -19.98
CA GLY B 166 -23.90 7.56 -19.10
C GLY B 166 -24.11 9.03 -19.40
N TYR B 167 -23.05 9.82 -19.31
CA TYR B 167 -23.18 11.27 -19.35
C TYR B 167 -23.18 11.80 -20.79
N LEU B 168 -22.06 11.63 -21.50
CA LEU B 168 -21.91 12.29 -22.79
C LEU B 168 -22.93 11.79 -23.81
N ARG B 169 -23.27 10.51 -23.78
CA ARG B 169 -24.22 9.97 -24.75
C ARG B 169 -25.58 10.63 -24.60
N LEU B 170 -26.00 10.87 -23.35
CA LEU B 170 -27.33 11.43 -23.11
C LEU B 170 -27.35 12.94 -23.35
N ILE B 171 -26.41 13.66 -22.74
CA ILE B 171 -26.50 15.12 -22.69
C ILE B 171 -26.13 15.77 -24.01
N LEU B 172 -25.14 15.23 -24.72
CA LEU B 172 -24.58 15.92 -25.88
C LEU B 172 -25.64 16.16 -26.95
N PRO B 173 -26.47 15.18 -27.29
CA PRO B 173 -27.58 15.46 -28.22
C PRO B 173 -28.50 16.57 -27.73
N GLU B 174 -28.92 16.50 -26.46
CA GLU B 174 -29.79 17.54 -25.91
C GLU B 174 -29.05 18.86 -25.76
N LEU B 175 -27.73 18.83 -25.62
CA LEU B 175 -26.97 20.06 -25.41
C LEU B 175 -27.19 21.03 -26.55
N GLN B 176 -27.22 20.54 -27.79
CA GLN B 176 -27.41 21.42 -28.94
C GLN B 176 -28.71 22.21 -28.82
N ALA B 177 -29.81 21.54 -28.47
CA ALA B 177 -31.09 22.22 -28.31
C ALA B 177 -31.06 23.18 -27.13
N ARG B 178 -30.52 22.74 -26.00
CA ARG B 178 -30.58 23.55 -24.78
C ARG B 178 -29.83 24.86 -24.95
N ILE B 179 -28.64 24.83 -25.55
CA ILE B 179 -27.85 26.05 -25.69
C ILE B 179 -28.63 27.09 -26.50
N ARG B 180 -29.24 26.67 -27.61
CA ARG B 180 -30.04 27.60 -28.40
C ARG B 180 -31.20 28.16 -27.56
N THR B 181 -31.84 27.32 -26.76
CA THR B 181 -32.90 27.81 -25.88
C THR B 181 -32.39 28.89 -24.95
N TYR B 182 -31.21 28.69 -24.36
CA TYR B 182 -30.65 29.70 -23.47
C TYR B 182 -30.35 30.99 -24.21
N ASN B 183 -29.77 30.88 -25.42
CA ASN B 183 -29.46 32.08 -26.19
C ASN B 183 -30.73 32.85 -26.55
N GLN B 184 -31.82 32.14 -26.84
CA GLN B 184 -33.09 32.81 -27.09
C GLN B 184 -33.62 33.47 -25.81
N HIS B 185 -33.56 32.76 -24.69
CA HIS B 185 -34.06 33.32 -23.44
C HIS B 185 -33.28 34.59 -23.06
N TYR B 186 -31.97 34.56 -23.22
CA TYR B 186 -31.12 35.72 -22.96
C TYR B 186 -30.95 36.56 -24.22
N GLY B 192 -23.47 38.17 -26.32
CA GLY B 192 -23.37 37.35 -25.13
C GLY B 192 -23.72 35.89 -25.37
N ALA B 193 -24.10 35.57 -26.61
CA ALA B 193 -24.41 34.18 -26.96
C ALA B 193 -23.19 33.30 -26.72
N VAL B 194 -23.42 32.15 -26.11
CA VAL B 194 -22.36 31.22 -25.71
C VAL B 194 -22.01 30.31 -26.89
N SER B 195 -20.78 29.81 -26.87
CA SER B 195 -20.32 28.91 -27.92
C SER B 195 -21.14 27.62 -27.92
N GLN B 196 -21.42 27.10 -29.10
CA GLN B 196 -22.24 25.90 -29.24
C GLN B 196 -21.45 24.60 -29.09
N ARG B 197 -20.70 24.46 -28.00
CA ARG B 197 -19.97 23.23 -27.72
C ARG B 197 -19.80 23.07 -26.22
N LEU B 198 -19.63 21.82 -25.79
CA LEU B 198 -19.25 21.52 -24.41
C LEU B 198 -17.75 21.31 -24.35
N TYR B 199 -17.10 22.01 -23.42
CA TYR B 199 -15.65 21.94 -23.25
C TYR B 199 -15.32 21.19 -21.98
N ILE B 200 -14.49 20.16 -22.09
CA ILE B 200 -14.16 19.26 -21.00
C ILE B 200 -12.68 19.41 -20.67
N LEU B 201 -12.39 19.62 -19.39
CA LEU B 201 -11.02 19.81 -18.92
C LEU B 201 -10.48 18.49 -18.38
N LEU B 202 -9.26 18.15 -18.80
CA LEU B 202 -8.61 16.90 -18.41
C LEU B 202 -7.25 17.20 -17.78
N PRO B 203 -7.21 17.48 -16.48
CA PRO B 203 -5.91 17.66 -15.80
C PRO B 203 -5.23 16.31 -15.59
N LEU B 204 -4.07 16.13 -16.23
CA LEU B 204 -3.37 14.85 -16.13
C LEU B 204 -2.84 14.59 -14.73
N ASP B 205 -2.77 15.61 -13.88
CA ASP B 205 -2.47 15.40 -12.47
C ASP B 205 -3.71 15.09 -11.65
N CYS B 206 -4.91 15.17 -12.25
CA CYS B 206 -6.16 14.80 -11.59
C CYS B 206 -6.53 15.76 -10.46
N GLY B 207 -6.17 17.03 -10.60
CA GLY B 207 -6.55 18.02 -9.60
C GLY B 207 -8.05 18.13 -9.39
N VAL B 208 -8.76 18.65 -10.39
CA VAL B 208 -10.22 18.70 -10.39
C VAL B 208 -10.75 19.30 -9.10
N PRO B 209 -10.60 20.61 -8.88
CA PRO B 209 -11.31 21.25 -7.76
C PRO B 209 -12.80 21.33 -8.04
N ASP B 210 -13.60 21.35 -6.97
CA ASP B 210 -15.04 21.41 -7.11
C ASP B 210 -15.55 22.78 -7.56
N ASN B 211 -14.79 23.84 -7.29
CA ASN B 211 -15.12 25.18 -7.76
C ASN B 211 -14.07 25.60 -8.78
N LEU B 212 -14.53 25.94 -9.99
CA LEU B 212 -13.60 26.17 -11.08
C LEU B 212 -12.84 27.48 -10.91
N SER B 213 -13.48 28.50 -10.33
CA SER B 213 -12.80 29.77 -10.12
C SER B 213 -11.56 29.60 -9.25
N MET B 214 -11.57 28.65 -8.32
CA MET B 214 -10.40 28.41 -7.49
C MET B 214 -9.20 27.99 -8.33
N ALA B 215 -9.45 27.25 -9.42
CA ALA B 215 -8.35 26.87 -10.30
C ALA B 215 -7.71 28.09 -10.96
N ASP B 216 -8.53 29.03 -11.42
CA ASP B 216 -8.04 30.25 -12.03
C ASP B 216 -9.07 31.36 -11.85
N PRO B 217 -8.73 32.45 -11.15
CA PRO B 217 -9.72 33.51 -10.93
C PRO B 217 -10.17 34.21 -12.19
N ASN B 218 -9.44 34.04 -13.30
CA ASN B 218 -9.87 34.61 -14.58
C ASN B 218 -11.06 33.88 -15.17
N ILE B 219 -11.43 32.73 -14.62
CA ILE B 219 -12.63 32.00 -15.03
C ILE B 219 -13.70 32.29 -14.00
N ARG B 220 -14.76 32.98 -14.41
CA ARG B 220 -15.84 33.35 -13.50
C ARG B 220 -17.16 32.79 -14.02
N PHE B 221 -18.11 32.65 -13.10
CA PHE B 221 -19.31 31.86 -13.30
C PHE B 221 -20.44 32.69 -13.88
N LEU B 222 -21.34 32.02 -14.59
CA LEU B 222 -22.45 32.64 -15.29
C LEU B 222 -23.64 31.66 -15.21
N ASP B 223 -24.84 32.18 -15.44
CA ASP B 223 -26.05 31.42 -15.15
C ASP B 223 -26.06 30.09 -15.89
N LYS B 224 -26.91 29.18 -15.43
CA LYS B 224 -26.91 27.80 -15.88
C LYS B 224 -27.86 27.60 -17.07
N LEU B 225 -27.58 26.55 -17.84
CA LEU B 225 -28.49 26.12 -18.89
C LEU B 225 -29.75 25.51 -18.29
N PRO B 226 -30.82 25.41 -19.09
CA PRO B 226 -32.00 24.67 -18.63
C PRO B 226 -31.63 23.25 -18.23
N GLN B 227 -32.23 22.77 -17.14
CA GLN B 227 -31.92 21.44 -16.64
C GLN B 227 -32.47 20.38 -17.58
N GLN B 228 -31.68 19.32 -17.76
CA GLN B 228 -32.10 18.14 -18.50
C GLN B 228 -32.44 17.03 -17.50
N THR B 229 -33.53 16.32 -17.77
CA THR B 229 -34.04 15.32 -16.85
C THR B 229 -34.34 14.04 -17.62
N GLY B 230 -34.17 12.91 -16.94
CA GLY B 230 -34.43 11.62 -17.54
C GLY B 230 -34.69 10.57 -16.48
N ASP B 231 -35.33 9.48 -16.90
CA ASP B 231 -35.56 8.31 -16.04
C ASP B 231 -34.42 7.33 -16.23
N ARG B 232 -33.82 6.89 -15.14
CA ARG B 232 -32.58 6.11 -15.22
C ARG B 232 -32.49 5.14 -14.05
N ALA B 233 -32.31 3.85 -14.35
CA ALA B 233 -31.90 2.86 -13.37
C ALA B 233 -32.77 2.89 -12.11
N GLY B 234 -34.08 3.05 -12.29
CA GLY B 234 -35.00 3.06 -11.17
C GLY B 234 -35.12 4.39 -10.46
N ILE B 235 -34.38 5.41 -10.88
CA ILE B 235 -34.55 6.76 -10.39
C ILE B 235 -35.30 7.55 -11.46
N LYS B 236 -36.51 7.99 -11.12
CA LYS B 236 -37.41 8.51 -12.14
C LYS B 236 -36.94 9.85 -12.70
N ASP B 237 -36.25 10.66 -11.88
CA ASP B 237 -35.79 11.99 -12.30
C ASP B 237 -34.30 12.12 -12.00
N ARG B 238 -33.47 11.66 -12.93
CA ARG B 238 -32.06 12.03 -12.92
C ARG B 238 -31.91 13.37 -13.64
N VAL B 239 -31.39 14.37 -12.94
CA VAL B 239 -31.25 15.72 -13.46
C VAL B 239 -29.81 15.95 -13.88
N TYR B 240 -29.63 16.40 -15.12
CA TYR B 240 -28.32 16.70 -15.67
C TYR B 240 -28.21 18.21 -15.83
N SER B 241 -27.22 18.81 -15.18
CA SER B 241 -27.08 20.26 -15.13
C SER B 241 -25.71 20.67 -15.64
N ASN B 242 -25.68 21.78 -16.38
CA ASN B 242 -24.46 22.30 -16.97
C ASN B 242 -24.33 23.78 -16.64
N SER B 243 -23.13 24.21 -16.29
CA SER B 243 -22.86 25.59 -15.90
C SER B 243 -22.17 26.34 -17.03
N ILE B 244 -22.33 27.66 -17.02
CA ILE B 244 -21.75 28.55 -18.02
C ILE B 244 -20.73 29.45 -17.33
N TYR B 245 -19.59 29.67 -18.01
CA TYR B 245 -18.51 30.47 -17.47
C TYR B 245 -18.07 31.51 -18.50
N GLU B 246 -17.55 32.63 -18.00
CA GLU B 246 -16.95 33.67 -18.81
C GLU B 246 -15.44 33.70 -18.56
N LEU B 247 -14.68 33.98 -19.60
CA LEU B 247 -13.23 33.96 -19.56
C LEU B 247 -12.71 35.38 -19.70
N LEU B 248 -11.77 35.75 -18.83
CA LEU B 248 -11.26 37.11 -18.76
C LEU B 248 -9.89 37.19 -19.43
N GLU B 249 -9.72 38.16 -20.31
CA GLU B 249 -8.43 38.49 -20.89
C GLU B 249 -8.25 40.00 -20.83
N ASN B 250 -7.09 40.43 -20.31
CA ASN B 250 -6.83 41.85 -20.06
C ASN B 250 -7.84 42.44 -19.07
N GLY B 251 -8.45 41.59 -18.25
CA GLY B 251 -9.37 42.04 -17.23
C GLY B 251 -10.81 42.20 -17.66
N GLN B 252 -11.14 41.84 -18.90
CA GLN B 252 -12.52 41.93 -19.39
C GLN B 252 -12.91 40.62 -20.07
N ARG B 253 -14.21 40.39 -20.14
CA ARG B 253 -14.73 39.20 -20.79
C ARG B 253 -14.18 39.08 -22.21
N ALA B 254 -13.61 37.90 -22.51
CA ALA B 254 -13.07 37.62 -23.83
C ALA B 254 -13.59 36.31 -24.39
N GLY B 255 -14.51 35.65 -23.68
CA GLY B 255 -15.05 34.40 -24.15
C GLY B 255 -16.09 33.88 -23.17
N THR B 256 -16.98 33.04 -23.69
CA THR B 256 -18.07 32.46 -22.90
C THR B 256 -18.36 31.08 -23.44
N CYS B 257 -18.31 30.07 -22.57
CA CYS B 257 -18.46 28.69 -23.00
C CYS B 257 -19.03 27.86 -21.85
N VAL B 258 -19.60 26.71 -22.22
CA VAL B 258 -20.03 25.71 -21.24
C VAL B 258 -18.82 24.83 -20.95
N LEU B 259 -18.48 24.70 -19.67
CA LEU B 259 -17.18 24.20 -19.25
C LEU B 259 -17.34 23.10 -18.21
N GLU B 260 -16.43 22.13 -18.22
CA GLU B 260 -16.54 20.97 -17.36
C GLU B 260 -15.15 20.46 -16.98
N TYR B 261 -15.07 19.84 -15.81
CA TYR B 261 -14.00 18.91 -15.48
C TYR B 261 -14.50 17.49 -15.70
N ALA B 262 -13.63 16.63 -16.22
CA ALA B 262 -13.97 15.21 -16.33
C ALA B 262 -14.01 14.60 -14.94
N THR B 263 -15.21 14.32 -14.45
CA THR B 263 -15.35 13.83 -13.09
C THR B 263 -14.62 12.51 -12.83
N PRO B 264 -14.53 11.56 -13.78
CA PRO B 264 -13.80 10.32 -13.49
C PRO B 264 -12.37 10.55 -13.03
N LEU B 265 -11.73 11.62 -13.48
CA LEU B 265 -10.40 11.94 -13.00
C LEU B 265 -10.39 12.19 -11.50
N GLN B 266 -11.48 12.73 -10.97
CA GLN B 266 -11.59 12.88 -9.52
C GLN B 266 -11.59 11.53 -8.82
N THR B 267 -12.22 10.53 -9.44
CA THR B 267 -12.20 9.18 -8.88
C THR B 267 -10.78 8.62 -8.85
N LEU B 268 -10.01 8.83 -9.92
CA LEU B 268 -8.65 8.34 -9.94
C LEU B 268 -7.82 8.93 -8.82
N PHE B 269 -7.96 10.24 -8.59
CA PHE B 269 -7.24 10.88 -7.50
C PHE B 269 -7.64 10.29 -6.15
N ALA B 270 -8.95 10.15 -5.92
CA ALA B 270 -9.42 9.60 -4.65
C ALA B 270 -8.93 8.17 -4.46
N MET B 271 -8.94 7.37 -5.53
CA MET B 271 -8.40 6.02 -5.44
C MET B 271 -6.94 6.05 -5.04
N SER B 272 -6.19 7.06 -5.51
CA SER B 272 -4.78 7.17 -5.16
C SER B 272 -4.58 7.46 -3.68
N GLN B 273 -5.55 8.08 -3.02
CA GLN B 273 -5.45 8.41 -1.61
C GLN B 273 -5.87 7.26 -0.71
N TYR B 274 -6.91 6.53 -1.09
CA TYR B 274 -7.40 5.44 -0.26
C TYR B 274 -6.42 4.27 -0.28
N SER B 275 -6.09 3.76 0.91
CA SER B 275 -5.19 2.61 1.00
C SER B 275 -5.86 1.35 0.48
N GLN B 276 -7.15 1.20 0.72
CA GLN B 276 -7.86 -0.01 0.33
C GLN B 276 -7.88 -0.20 -1.18
N ALA B 277 -7.68 0.87 -1.96
CA ALA B 277 -7.78 0.76 -3.41
C ALA B 277 -6.58 0.06 -4.02
N GLY B 278 -5.45 -0.01 -3.32
CA GLY B 278 -4.24 -0.53 -3.92
C GLY B 278 -3.82 0.23 -5.16
N PHE B 279 -3.99 1.55 -5.15
CA PHE B 279 -3.76 2.39 -6.33
C PHE B 279 -2.72 3.44 -5.98
N SER B 280 -1.64 3.47 -6.75
CA SER B 280 -0.49 4.33 -6.45
C SER B 280 -0.56 5.63 -7.25
N ARG B 281 0.38 6.53 -6.97
CA ARG B 281 0.51 7.76 -7.74
C ARG B 281 0.92 7.47 -9.17
N GLU B 282 1.84 6.53 -9.36
CA GLU B 282 2.27 6.18 -10.71
C GLU B 282 1.12 5.56 -11.50
N ASP B 283 0.31 4.72 -10.86
CA ASP B 283 -0.88 4.19 -11.51
C ASP B 283 -1.84 5.31 -11.87
N ARG B 284 -2.00 6.30 -10.98
CA ARG B 284 -2.89 7.42 -11.26
C ARG B 284 -2.46 8.17 -12.51
N LEU B 285 -1.16 8.47 -12.62
CA LEU B 285 -0.69 9.22 -13.78
C LEU B 285 -0.83 8.42 -15.07
N GLU B 286 -0.50 7.13 -15.02
CA GLU B 286 -0.61 6.29 -16.22
C GLU B 286 -2.06 6.13 -16.63
N GLN B 287 -2.95 5.85 -15.67
CA GLN B 287 -4.36 5.69 -16.00
C GLN B 287 -5.00 6.99 -16.43
N ALA B 288 -4.56 8.12 -15.87
CA ALA B 288 -5.08 9.41 -16.30
C ALA B 288 -4.76 9.65 -17.77
N LYS B 289 -3.53 9.35 -18.19
CA LYS B 289 -3.18 9.45 -19.60
C LYS B 289 -4.00 8.49 -20.43
N LEU B 290 -4.15 7.24 -19.95
CA LEU B 290 -4.92 6.26 -20.70
C LEU B 290 -6.38 6.68 -20.83
N PHE B 291 -6.95 7.22 -19.75
CA PHE B 291 -8.34 7.69 -19.81
C PHE B 291 -8.52 8.72 -20.93
N CYS B 292 -7.56 9.65 -21.07
CA CYS B 292 -7.65 10.63 -22.14
C CYS B 292 -7.62 9.97 -23.50
N ARG B 293 -6.75 8.98 -23.67
CA ARG B 293 -6.59 8.34 -24.98
C ARG B 293 -7.87 7.62 -25.40
N THR B 294 -8.41 6.77 -24.52
CA THR B 294 -9.59 6.01 -24.87
C THR B 294 -10.81 6.91 -25.04
N LEU B 295 -10.95 7.94 -24.20
CA LEU B 295 -12.03 8.89 -24.39
C LEU B 295 -11.90 9.63 -25.71
N GLU B 296 -10.65 9.93 -26.11
CA GLU B 296 -10.43 10.54 -27.42
C GLU B 296 -10.85 9.60 -28.53
N ASP B 297 -10.47 8.32 -28.42
CA ASP B 297 -10.76 7.36 -29.47
C ASP B 297 -12.26 7.12 -29.61
N ILE B 298 -12.96 6.97 -28.49
CA ILE B 298 -14.39 6.65 -28.54
C ILE B 298 -15.18 7.81 -29.13
N LEU B 299 -14.90 9.04 -28.69
CA LEU B 299 -15.66 10.18 -29.19
C LEU B 299 -15.42 10.40 -30.67
N ALA B 300 -14.23 10.06 -31.17
CA ALA B 300 -13.97 10.19 -32.60
C ALA B 300 -14.94 9.33 -33.40
N ASP B 301 -15.18 8.09 -32.95
CA ASP B 301 -16.07 7.20 -33.67
C ASP B 301 -17.53 7.44 -33.31
N ALA B 302 -17.80 7.96 -32.12
CA ALA B 302 -19.16 7.98 -31.60
C ALA B 302 -20.08 8.80 -32.49
N PRO B 303 -21.27 8.30 -32.84
CA PRO B 303 -22.21 9.12 -33.62
C PRO B 303 -22.64 10.40 -32.92
N GLU B 304 -22.79 10.36 -31.59
CA GLU B 304 -23.41 11.47 -30.89
C GLU B 304 -22.60 12.75 -31.05
N SER B 305 -21.27 12.65 -30.97
CA SER B 305 -20.41 13.83 -31.05
C SER B 305 -20.20 14.18 -32.52
N GLN B 306 -21.20 14.87 -33.08
CA GLN B 306 -21.04 15.46 -34.41
C GLN B 306 -20.02 16.60 -34.35
N ASN B 307 -20.35 17.65 -33.61
CA ASN B 307 -19.41 18.71 -33.29
C ASN B 307 -19.59 19.19 -31.85
N ASN B 308 -20.28 18.42 -31.01
CA ASN B 308 -20.89 18.94 -29.79
C ASN B 308 -19.91 19.20 -28.66
N CYS B 309 -18.76 18.53 -28.62
CA CYS B 309 -17.89 18.60 -27.45
C CYS B 309 -16.44 18.75 -27.87
N ARG B 310 -15.65 19.33 -26.97
CA ARG B 310 -14.21 19.53 -27.15
C ARG B 310 -13.48 19.03 -25.91
N LEU B 311 -12.36 18.35 -26.13
CA LEU B 311 -11.52 17.84 -25.05
C LEU B 311 -10.28 18.72 -24.90
N ILE B 312 -9.98 19.11 -23.67
CA ILE B 312 -8.80 19.90 -23.36
C ILE B 312 -7.98 19.15 -22.32
N ALA B 313 -6.77 18.78 -22.67
CA ALA B 313 -5.83 18.13 -21.76
C ALA B 313 -4.67 19.07 -21.49
N TYR B 314 -4.25 19.15 -20.23
CA TYR B 314 -3.15 20.01 -19.84
C TYR B 314 -2.43 19.40 -18.65
N GLN B 315 -1.17 19.80 -18.47
CA GLN B 315 -0.32 19.28 -17.40
C GLN B 315 0.41 20.46 -16.78
N GLU B 316 0.03 20.82 -15.56
CA GLU B 316 0.62 22.00 -14.93
C GLU B 316 2.12 21.77 -14.74
N PRO B 317 2.95 22.82 -14.90
CA PRO B 317 4.40 22.68 -14.71
C PRO B 317 4.80 22.51 -13.25
N SER B 322 0.86 29.79 -11.47
CA SER B 322 1.41 30.52 -12.61
C SER B 322 0.94 29.90 -13.93
N PHE B 323 -0.10 29.07 -13.85
CA PHE B 323 -0.55 28.33 -15.02
C PHE B 323 -1.54 29.13 -15.85
N SER B 324 -1.61 28.79 -17.14
CA SER B 324 -2.39 29.52 -18.13
C SER B 324 -3.86 29.14 -18.18
N LEU B 325 -4.32 28.24 -17.30
CA LEU B 325 -5.58 27.52 -17.54
C LEU B 325 -6.61 28.36 -18.27
N SER B 326 -6.83 29.60 -17.85
CA SER B 326 -7.81 30.44 -18.53
C SER B 326 -7.43 30.66 -19.98
N GLN B 327 -6.15 30.93 -20.25
CA GLN B 327 -5.69 31.06 -21.62
C GLN B 327 -5.82 29.75 -22.39
N GLU B 328 -5.68 28.62 -21.69
CA GLU B 328 -5.78 27.33 -22.36
C GLU B 328 -7.16 27.15 -22.97
N VAL B 329 -8.21 27.44 -22.20
CA VAL B 329 -9.56 27.36 -22.74
C VAL B 329 -9.76 28.36 -23.86
N LEU B 330 -9.27 29.58 -23.67
CA LEU B 330 -9.40 30.61 -24.71
C LEU B 330 -8.77 30.16 -26.01
N ARG B 331 -7.58 29.53 -25.95
CA ARG B 331 -6.91 29.10 -27.16
C ARG B 331 -7.78 28.14 -27.95
N HIS B 332 -8.33 27.12 -27.29
CA HIS B 332 -9.22 26.19 -27.97
C HIS B 332 -10.55 26.85 -28.32
N LEU B 333 -11.03 27.75 -27.46
CA LEU B 333 -12.27 28.46 -27.76
C LEU B 333 -12.11 29.34 -28.99
N ARG B 334 -10.97 30.02 -29.11
CA ARG B 334 -10.69 30.79 -30.32
C ARG B 334 -10.47 29.86 -31.51
N GLN B 335 -9.79 28.74 -31.28
CA GLN B 335 -9.52 27.77 -32.33
C GLN B 335 -10.81 27.32 -33.00
N HIS C 3 14.65 14.45 -1.84
CA HIS C 3 15.47 15.42 -1.12
C HIS C 3 14.63 16.52 -0.50
N SER C 4 14.76 16.67 0.82
CA SER C 4 13.98 17.67 1.54
C SER C 4 14.44 19.07 1.20
N SER C 5 13.49 20.00 1.17
CA SER C 5 13.77 21.42 0.93
C SER C 5 13.76 22.25 2.21
N LEU C 6 13.31 21.69 3.33
CA LEU C 6 13.17 22.48 4.55
C LEU C 6 14.52 22.94 5.08
N HIS C 7 15.48 22.02 5.21
CA HIS C 7 16.75 22.36 5.84
C HIS C 7 17.81 21.41 5.33
N PRO C 8 19.05 21.86 5.13
CA PRO C 8 20.09 20.96 4.61
C PRO C 8 20.32 19.74 5.48
N SER C 9 20.13 19.85 6.80
CA SER C 9 20.50 18.78 7.71
C SER C 9 19.51 17.63 7.73
N ILE C 10 18.35 17.76 7.08
CA ILE C 10 17.32 16.73 7.14
C ILE C 10 17.68 15.61 6.17
N PRO C 11 17.87 14.37 6.63
CA PRO C 11 18.35 13.31 5.72
C PRO C 11 17.34 12.97 4.64
N CYS C 12 17.86 12.64 3.46
CA CYS C 12 17.04 12.08 2.41
C CYS C 12 16.71 10.62 2.73
N PRO C 13 15.64 10.07 2.16
CA PRO C 13 15.36 8.65 2.34
C PRO C 13 16.49 7.79 1.81
N ARG C 14 16.70 6.64 2.43
CA ARG C 14 17.80 5.77 2.05
C ARG C 14 17.59 5.22 0.65
N GLY C 15 18.71 4.98 -0.05
CA GLY C 15 18.70 4.54 -1.42
C GLY C 15 19.26 3.14 -1.60
N HIS C 16 19.54 2.80 -2.86
CA HIS C 16 19.96 1.46 -3.23
C HIS C 16 21.46 1.25 -3.14
N GLY C 17 22.22 2.23 -2.67
CA GLY C 17 23.68 2.12 -2.72
C GLY C 17 24.21 0.82 -2.18
N ALA C 18 23.54 0.25 -1.17
CA ALA C 18 23.98 -1.02 -0.62
C ALA C 18 23.93 -2.13 -1.66
N GLN C 19 22.87 -2.16 -2.46
CA GLN C 19 22.77 -3.18 -3.50
C GLN C 19 23.81 -2.97 -4.59
N LYS C 20 24.14 -1.71 -4.90
CA LYS C 20 25.18 -1.45 -5.87
C LYS C 20 26.53 -1.94 -5.37
N ALA C 21 26.85 -1.69 -4.09
CA ALA C 21 28.07 -2.20 -3.53
C ALA C 21 28.08 -3.73 -3.51
N ALA C 22 26.92 -4.33 -3.23
CA ALA C 22 26.82 -5.79 -3.26
C ALA C 22 27.10 -6.31 -4.66
N LEU C 23 26.59 -5.63 -5.69
CA LEU C 23 26.82 -6.05 -7.06
C LEU C 23 28.30 -5.93 -7.43
N VAL C 24 28.95 -4.84 -7.01
CA VAL C 24 30.38 -4.69 -7.23
C VAL C 24 31.14 -5.83 -6.56
N LEU C 25 30.77 -6.14 -5.32
CA LEU C 25 31.40 -7.22 -4.58
C LEU C 25 31.22 -8.55 -5.29
N LEU C 26 30.01 -8.81 -5.79
CA LEU C 26 29.75 -10.06 -6.49
C LEU C 26 30.60 -10.17 -7.76
N SER C 27 30.70 -9.08 -8.52
CA SER C 27 31.52 -9.10 -9.72
C SER C 27 32.99 -9.35 -9.37
N ALA C 28 33.48 -8.70 -8.32
CA ALA C 28 34.86 -8.90 -7.92
C ALA C 28 35.11 -10.33 -7.46
N CYS C 29 34.16 -10.90 -6.71
CA CYS C 29 34.32 -12.28 -6.26
C CYS C 29 34.30 -13.25 -7.43
N LEU C 30 33.43 -13.03 -8.40
CA LEU C 30 33.41 -13.89 -9.59
C LEU C 30 34.73 -13.79 -10.35
N VAL C 31 35.26 -12.58 -10.50
CA VAL C 31 36.55 -12.43 -11.17
C VAL C 31 37.65 -13.12 -10.38
N THR C 32 37.60 -13.05 -9.05
CA THR C 32 38.61 -13.69 -8.24
C THR C 32 38.55 -15.21 -8.37
N LEU C 33 37.34 -15.77 -8.37
CA LEU C 33 37.20 -17.21 -8.58
C LEU C 33 37.70 -17.60 -9.97
N TRP C 34 37.40 -16.77 -10.97
CA TRP C 34 37.91 -17.02 -12.32
C TRP C 34 39.44 -17.06 -12.32
N GLY C 35 40.07 -16.11 -11.64
CA GLY C 35 41.52 -16.09 -11.59
C GLY C 35 42.13 -17.25 -10.83
N LEU C 36 41.49 -17.64 -9.72
CA LEU C 36 42.06 -18.69 -8.88
C LEU C 36 42.19 -20.02 -9.61
N GLY C 37 41.29 -20.30 -10.56
CA GLY C 37 41.39 -21.50 -11.35
C GLY C 37 41.00 -22.78 -10.64
N GLU C 38 40.34 -22.69 -9.49
CA GLU C 38 39.88 -23.89 -8.81
C GLU C 38 38.74 -24.53 -9.58
N PRO C 39 38.50 -25.84 -9.38
CA PRO C 39 37.46 -26.54 -10.16
C PRO C 39 36.12 -25.85 -10.02
N PRO C 40 35.42 -25.59 -11.13
CA PRO C 40 34.09 -24.96 -11.03
C PRO C 40 33.09 -25.75 -10.20
N GLU C 41 33.10 -27.07 -10.32
CA GLU C 41 32.14 -27.89 -9.59
C GLU C 41 32.31 -27.73 -8.09
N HIS C 42 33.57 -27.65 -7.63
CA HIS C 42 33.80 -27.42 -6.20
C HIS C 42 33.23 -26.07 -5.78
N THR C 43 33.42 -25.04 -6.60
CA THR C 43 32.87 -23.72 -6.28
C THR C 43 31.36 -23.80 -6.10
N LEU C 44 30.67 -24.38 -7.09
CA LEU C 44 29.21 -24.44 -7.01
C LEU C 44 28.76 -25.25 -5.81
N ARG C 45 29.40 -26.41 -5.59
CA ARG C 45 29.01 -27.29 -4.50
C ARG C 45 29.14 -26.59 -3.15
N TYR C 46 30.27 -25.92 -2.92
CA TYR C 46 30.49 -25.30 -1.62
C TYR C 46 29.62 -24.06 -1.44
N LEU C 47 29.37 -23.30 -2.50
CA LEU C 47 28.42 -22.19 -2.39
C LEU C 47 27.05 -22.69 -1.98
N VAL C 48 26.58 -23.74 -2.64
CA VAL C 48 25.26 -24.29 -2.32
C VAL C 48 25.24 -24.81 -0.88
N LEU C 49 26.31 -25.48 -0.46
CA LEU C 49 26.35 -26.01 0.90
C LEU C 49 26.32 -24.90 1.95
N HIS C 50 27.03 -23.81 1.69
CA HIS C 50 27.01 -22.69 2.62
C HIS C 50 25.60 -22.11 2.72
N LEU C 51 24.94 -21.93 1.58
CA LEU C 51 23.58 -21.39 1.62
C LEU C 51 22.63 -22.34 2.35
N ALA C 52 22.79 -23.64 2.14
CA ALA C 52 21.95 -24.62 2.83
C ALA C 52 22.17 -24.56 4.34
N SER C 53 23.43 -24.43 4.76
CA SER C 53 23.71 -24.31 6.19
C SER C 53 23.06 -23.06 6.76
N LEU C 54 23.11 -21.95 6.02
CA LEU C 54 22.45 -20.73 6.48
C LEU C 54 20.95 -20.94 6.62
N GLN C 55 20.32 -21.63 5.67
CA GLN C 55 18.89 -21.87 5.75
C GLN C 55 18.53 -22.73 6.96
N LEU C 56 19.34 -23.75 7.24
CA LEU C 56 19.07 -24.58 8.41
C LEU C 56 19.26 -23.80 9.70
N GLY C 57 20.28 -22.94 9.77
CA GLY C 57 20.42 -22.08 10.92
C GLY C 57 19.22 -21.16 11.11
N LEU C 58 18.68 -20.65 10.00
CA LEU C 58 17.47 -19.85 10.07
C LEU C 58 16.30 -20.66 10.62
N LEU C 59 16.17 -21.91 10.17
CA LEU C 59 15.11 -22.77 10.71
C LEU C 59 15.23 -22.88 12.22
N LEU C 60 16.44 -23.20 12.70
CA LEU C 60 16.61 -23.39 14.14
C LEU C 60 16.34 -22.10 14.91
N ASN C 61 16.82 -20.97 14.39
CA ASN C 61 16.58 -19.69 15.05
C ASN C 61 15.09 -19.40 15.13
N GLY C 62 14.36 -19.67 14.05
CA GLY C 62 12.91 -19.50 14.08
C GLY C 62 12.26 -20.40 15.10
N VAL C 63 12.73 -21.64 15.22
CA VAL C 63 12.20 -22.55 16.23
C VAL C 63 12.42 -21.96 17.62
N CYS C 64 13.59 -21.39 17.87
CA CYS C 64 13.86 -20.75 19.15
C CYS C 64 12.91 -19.57 19.37
N SER C 65 12.72 -18.76 18.33
CA SER C 65 11.78 -17.64 18.43
C SER C 65 10.36 -18.13 18.65
N LEU C 66 9.98 -19.22 17.96
CA LEU C 66 8.63 -19.74 18.07
C LEU C 66 8.23 -20.04 19.50
N ALA C 67 9.20 -20.38 20.36
CA ALA C 67 8.87 -20.67 21.75
C ALA C 67 8.29 -19.45 22.44
N GLU C 68 8.86 -18.27 22.20
CA GLU C 68 8.36 -17.06 22.85
C GLU C 68 7.01 -16.64 22.27
N GLU C 69 6.86 -16.71 20.95
CA GLU C 69 5.62 -16.25 20.32
C GLU C 69 4.44 -17.14 20.69
N LEU C 70 4.67 -18.43 20.89
CA LEU C 70 3.58 -19.32 21.28
C LEU C 70 2.92 -18.87 22.59
N ARG C 71 3.69 -18.22 23.47
CA ARG C 71 3.10 -17.70 24.69
C ARG C 71 2.08 -16.60 24.39
N HIS C 72 2.35 -15.80 23.37
CA HIS C 72 1.47 -14.70 22.99
C HIS C 72 0.34 -15.12 22.06
N ILE C 73 0.25 -16.41 21.72
CA ILE C 73 -0.61 -16.86 20.62
C ILE C 73 -1.99 -16.22 20.70
N HIS C 74 -2.59 -16.21 21.89
CA HIS C 74 -3.98 -15.79 21.99
C HIS C 74 -4.15 -14.28 21.83
N SER C 75 -3.22 -13.49 22.38
CA SER C 75 -3.37 -12.04 22.36
C SER C 75 -2.84 -11.42 21.08
N ARG C 76 -1.70 -11.89 20.57
CA ARG C 76 -1.02 -11.26 19.45
C ARG C 76 -1.32 -11.92 18.12
N TYR C 77 -1.72 -13.19 18.10
CA TYR C 77 -1.86 -13.97 16.86
C TYR C 77 -3.23 -14.60 16.73
N ARG C 78 -4.25 -14.02 17.34
CA ARG C 78 -5.64 -14.43 17.15
C ARG C 78 -5.88 -15.87 17.56
N GLY C 79 -5.00 -16.45 18.36
CA GLY C 79 -5.19 -17.81 18.83
C GLY C 79 -4.97 -18.88 17.78
N SER C 80 -4.34 -18.56 16.66
CA SER C 80 -4.08 -19.51 15.59
C SER C 80 -2.59 -19.84 15.55
N TYR C 81 -2.27 -21.13 15.46
CA TYR C 81 -0.87 -21.55 15.41
C TYR C 81 -0.24 -21.16 14.08
N TRP C 82 -1.00 -21.21 12.99
CA TRP C 82 -0.41 -20.95 11.68
C TRP C 82 0.10 -19.51 11.59
N ARG C 83 -0.64 -18.56 12.17
CA ARG C 83 -0.17 -17.18 12.15
C ARG C 83 1.10 -17.01 12.97
N THR C 84 1.22 -17.72 14.08
CA THR C 84 2.45 -17.68 14.86
C THR C 84 3.62 -18.21 14.05
N VAL C 85 3.44 -19.36 13.40
CA VAL C 85 4.51 -19.94 12.59
C VAL C 85 4.84 -19.01 11.43
N ARG C 86 3.82 -18.37 10.85
CA ARG C 86 4.06 -17.41 9.78
C ARG C 86 4.90 -16.25 10.27
N ALA C 87 4.59 -15.71 11.44
CA ALA C 87 5.38 -14.61 11.99
C ALA C 87 6.81 -15.04 12.25
N CYS C 88 7.01 -16.26 12.75
CA CYS C 88 8.35 -16.69 13.12
C CYS C 88 9.20 -17.02 11.89
N LEU C 89 8.62 -17.72 10.91
CA LEU C 89 9.35 -18.19 9.75
C LEU C 89 9.12 -17.36 8.49
N GLY C 90 8.25 -16.36 8.54
CA GLY C 90 8.02 -15.49 7.40
C GLY C 90 7.04 -16.03 6.39
N CYS C 91 7.33 -17.21 5.84
CA CYS C 91 6.44 -17.84 4.87
C CYS C 91 6.61 -19.36 4.94
N PRO C 92 5.64 -20.09 5.49
CA PRO C 92 5.83 -21.54 5.64
C PRO C 92 6.12 -22.27 4.34
N LEU C 93 5.51 -21.86 3.22
CA LEU C 93 5.67 -22.62 1.98
C LEU C 93 7.07 -22.42 1.39
N ARG C 94 7.46 -21.16 1.19
CA ARG C 94 8.78 -20.87 0.63
C ARG C 94 9.89 -21.38 1.55
N ARG C 95 9.73 -21.14 2.85
CA ARG C 95 10.75 -21.59 3.80
C ARG C 95 10.84 -23.11 3.82
N GLY C 96 9.69 -23.79 3.74
CA GLY C 96 9.70 -25.24 3.69
C GLY C 96 10.36 -25.78 2.43
N ALA C 97 10.09 -25.14 1.30
CA ALA C 97 10.75 -25.55 0.05
C ALA C 97 12.26 -25.41 0.18
N LEU C 98 12.72 -24.27 0.69
CA LEU C 98 14.15 -24.06 0.84
C LEU C 98 14.75 -25.02 1.87
N LEU C 99 14.00 -25.34 2.93
CA LEU C 99 14.50 -26.28 3.92
C LEU C 99 14.64 -27.67 3.33
N LEU C 100 13.66 -28.10 2.52
CA LEU C 100 13.78 -29.39 1.85
C LEU C 100 14.98 -29.42 0.92
N LEU C 101 15.17 -28.35 0.14
CA LEU C 101 16.34 -28.29 -0.72
C LEU C 101 17.63 -28.38 0.09
N SER C 102 17.70 -27.62 1.18
CA SER C 102 18.91 -27.60 2.00
C SER C 102 19.20 -28.96 2.59
N ILE C 103 18.18 -29.61 3.17
CA ILE C 103 18.39 -30.91 3.77
C ILE C 103 18.84 -31.91 2.72
N TYR C 104 18.15 -31.94 1.57
CA TYR C 104 18.51 -32.90 0.54
C TYR C 104 19.94 -32.71 0.08
N PHE C 105 20.32 -31.47 -0.24
CA PHE C 105 21.63 -31.24 -0.82
C PHE C 105 22.74 -31.44 0.20
N TYR C 106 22.50 -31.08 1.47
CA TYR C 106 23.55 -31.24 2.47
C TYR C 106 23.74 -32.70 2.82
N TYR C 107 22.65 -33.48 2.88
CA TYR C 107 22.81 -34.91 3.12
C TYR C 107 23.46 -35.60 1.92
N SER C 108 23.12 -35.16 0.71
CA SER C 108 23.53 -35.89 -0.48
C SER C 108 24.97 -35.57 -0.89
N LEU C 109 25.34 -34.29 -0.88
CA LEU C 109 26.59 -33.88 -1.51
C LEU C 109 27.80 -34.25 -0.67
N PRO C 110 28.94 -34.54 -1.31
CA PRO C 110 30.19 -34.67 -0.56
C PRO C 110 30.65 -33.31 -0.03
N ASN C 111 31.40 -33.36 1.07
CA ASN C 111 31.84 -32.13 1.72
C ASN C 111 33.19 -32.37 2.37
N ALA C 112 34.13 -31.46 2.10
CA ALA C 112 35.44 -31.49 2.72
C ALA C 112 35.69 -30.35 3.69
N VAL C 113 34.91 -29.27 3.60
CA VAL C 113 35.11 -28.10 4.45
C VAL C 113 34.20 -28.19 5.67
N GLY C 114 33.16 -29.03 5.60
CA GLY C 114 32.21 -29.17 6.67
C GLY C 114 32.07 -30.61 7.15
N PRO C 115 31.52 -30.81 8.35
CA PRO C 115 31.40 -32.17 8.88
C PRO C 115 30.31 -32.95 8.17
N PRO C 116 30.27 -34.27 8.35
CA PRO C 116 29.12 -35.06 7.91
C PRO C 116 27.81 -34.47 8.42
N PHE C 117 26.69 -34.99 7.89
CA PHE C 117 25.42 -34.30 8.05
C PHE C 117 25.01 -34.17 9.51
N THR C 118 24.99 -35.27 10.26
CA THR C 118 24.51 -35.20 11.63
C THR C 118 25.46 -34.41 12.52
N TRP C 119 26.76 -34.61 12.33
CA TRP C 119 27.75 -33.86 13.11
C TRP C 119 27.62 -32.37 12.78
N MET C 120 27.44 -32.06 11.50
CA MET C 120 27.21 -30.68 11.07
C MET C 120 25.96 -30.10 11.70
N LEU C 121 24.88 -30.90 11.77
CA LEU C 121 23.64 -30.41 12.36
C LEU C 121 23.81 -30.12 13.84
N ALA C 122 24.52 -30.99 14.55
CA ALA C 122 24.78 -30.71 15.97
C ALA C 122 25.59 -29.44 16.14
N LEU C 123 26.63 -29.25 15.32
CA LEU C 123 27.44 -28.05 15.40
C LEU C 123 26.65 -26.80 15.03
N LEU C 124 25.77 -26.92 14.02
CA LEU C 124 24.98 -25.78 13.60
C LEU C 124 23.99 -25.35 14.67
N GLY C 125 23.34 -26.33 15.31
CA GLY C 125 22.47 -26.00 16.43
C GLY C 125 23.24 -25.39 17.58
N LEU C 126 24.43 -25.91 17.86
CA LEU C 126 25.28 -25.33 18.89
C LEU C 126 25.61 -23.87 18.58
N SER C 127 26.00 -23.58 17.33
CA SER C 127 26.35 -22.22 16.96
C SER C 127 25.16 -21.29 16.98
N GLN C 128 23.98 -21.76 16.58
CA GLN C 128 22.79 -20.92 16.63
C GLN C 128 22.37 -20.64 18.07
N ALA C 129 22.49 -21.65 18.94
CA ALA C 129 22.21 -21.42 20.35
C ALA C 129 23.17 -20.40 20.93
N LEU C 130 24.45 -20.48 20.56
CA LEU C 130 25.41 -19.48 21.03
C LEU C 130 25.05 -18.10 20.49
N ASN C 131 24.63 -18.02 19.23
CA ASN C 131 24.23 -16.73 18.67
C ASN C 131 23.07 -16.13 19.46
N ILE C 132 22.09 -16.96 19.82
CA ILE C 132 20.92 -16.46 20.54
C ILE C 132 21.31 -16.04 21.95
N LEU C 133 22.06 -16.89 22.66
CA LEU C 133 22.36 -16.63 24.06
C LEU C 133 23.31 -15.44 24.21
N LEU C 134 24.35 -15.36 23.37
CA LEU C 134 25.33 -14.29 23.48
C LEU C 134 24.84 -12.99 22.87
N GLY C 135 23.91 -13.05 21.92
CA GLY C 135 23.54 -11.89 21.14
C GLY C 135 24.48 -11.60 20.00
N LEU C 136 25.15 -12.62 19.46
CA LEU C 136 26.23 -12.44 18.50
C LEU C 136 25.74 -12.00 17.13
N LYS C 137 24.43 -12.00 16.88
CA LYS C 137 23.89 -11.67 15.56
C LYS C 137 23.04 -10.41 15.58
N GLY C 138 23.12 -9.59 16.63
CA GLY C 138 22.26 -8.43 16.71
C GLY C 138 22.50 -7.48 15.55
N LEU C 139 21.44 -6.82 15.09
CA LEU C 139 21.54 -5.86 14.02
C LEU C 139 22.38 -4.66 14.43
N ALA C 140 23.10 -4.10 13.46
CA ALA C 140 23.76 -2.82 13.68
C ALA C 140 22.73 -1.70 13.72
N PRO C 141 23.03 -0.58 14.39
CA PRO C 141 22.04 0.50 14.46
C PRO C 141 21.64 1.05 13.11
N ALA C 142 22.54 1.04 12.12
CA ALA C 142 22.16 1.50 10.78
C ALA C 142 21.15 0.56 10.14
N GLU C 143 21.32 -0.75 10.33
CA GLU C 143 20.34 -1.70 9.81
C GLU C 143 18.99 -1.52 10.50
N ILE C 144 19.00 -1.27 11.80
CA ILE C 144 17.76 -1.01 12.53
C ILE C 144 17.08 0.22 11.98
N SER C 145 17.86 1.29 11.74
CA SER C 145 17.28 2.51 11.20
C SER C 145 16.69 2.27 9.81
N ALA C 146 17.39 1.50 8.97
CA ALA C 146 16.87 1.22 7.64
C ALA C 146 15.58 0.42 7.72
N VAL C 147 15.53 -0.58 8.60
CA VAL C 147 14.31 -1.37 8.77
C VAL C 147 13.17 -0.48 9.25
N CYS C 148 13.45 0.39 10.22
CA CYS C 148 12.39 1.25 10.75
C CYS C 148 11.88 2.22 9.70
N GLU C 149 12.77 2.87 8.96
CA GLU C 149 12.32 3.85 7.97
C GLU C 149 11.61 3.17 6.81
N LYS C 150 12.00 1.96 6.45
CA LYS C 150 11.26 1.22 5.42
C LYS C 150 9.89 0.80 5.92
N GLY C 151 9.81 0.36 7.18
CA GLY C 151 8.54 -0.09 7.73
C GLY C 151 7.66 1.03 8.24
N ASN C 152 8.21 2.22 8.44
CA ASN C 152 7.49 3.36 9.04
C ASN C 152 7.20 3.11 10.52
N PHE C 153 8.18 2.59 11.24
CA PHE C 153 8.03 2.24 12.64
C PHE C 153 8.42 3.38 13.56
N ASN C 154 8.90 4.50 13.00
CA ASN C 154 9.37 5.62 13.82
C ASN C 154 8.23 6.32 14.53
N VAL C 155 8.55 6.92 15.68
CA VAL C 155 7.55 7.69 16.42
C VAL C 155 7.21 8.98 15.68
N ALA C 156 8.21 9.57 15.03
CA ALA C 156 7.98 10.82 14.30
C ALA C 156 6.95 10.66 13.20
N HIS C 157 6.86 9.47 12.58
CA HIS C 157 5.83 9.21 11.59
C HIS C 157 4.45 9.36 12.20
N GLY C 158 4.23 8.71 13.35
CA GLY C 158 2.94 8.81 14.01
C GLY C 158 2.63 10.22 14.48
N LEU C 159 3.64 10.91 15.02
CA LEU C 159 3.41 12.29 15.47
C LEU C 159 3.05 13.20 14.31
N ALA C 160 3.75 13.06 13.18
CA ALA C 160 3.45 13.89 12.02
C ALA C 160 2.05 13.60 11.48
N TRP C 161 1.69 12.32 11.40
CA TRP C 161 0.37 11.99 10.89
C TRP C 161 -0.73 12.46 11.84
N SER C 162 -0.49 12.37 13.14
CA SER C 162 -1.44 12.92 14.11
C SER C 162 -1.59 14.43 13.94
N TYR C 163 -0.46 15.12 13.76
CA TYR C 163 -0.50 16.57 13.62
C TYR C 163 -1.27 16.97 12.38
N TYR C 164 -1.06 16.26 11.26
CA TYR C 164 -1.81 16.57 10.05
C TYR C 164 -3.28 16.24 10.21
N ILE C 165 -3.59 15.03 10.67
CA ILE C 165 -4.97 14.55 10.67
C ILE C 165 -5.82 15.36 11.65
N GLY C 166 -5.32 15.57 12.86
CA GLY C 166 -6.11 16.23 13.89
C GLY C 166 -6.20 17.72 13.74
N TYR C 167 -5.05 18.40 13.63
CA TYR C 167 -5.03 19.85 13.70
C TYR C 167 -5.09 20.49 12.32
N LEU C 168 -4.09 20.24 11.47
CA LEU C 168 -4.00 20.96 10.21
C LEU C 168 -5.17 20.65 9.29
N ARG C 169 -5.52 19.37 9.17
CA ARG C 169 -6.57 18.96 8.23
C ARG C 169 -7.88 19.70 8.52
N LEU C 170 -8.19 19.91 9.80
CA LEU C 170 -9.40 20.62 10.17
C LEU C 170 -9.23 22.13 10.01
N ILE C 171 -8.16 22.69 10.58
CA ILE C 171 -8.09 24.14 10.72
C ILE C 171 -7.77 24.83 9.40
N LEU C 172 -6.93 24.24 8.56
CA LEU C 172 -6.42 24.95 7.39
C LEU C 172 -7.54 25.41 6.46
N PRO C 173 -8.51 24.54 6.14
CA PRO C 173 -9.65 25.02 5.33
C PRO C 173 -10.37 26.21 5.96
N GLU C 174 -10.65 26.15 7.25
CA GLU C 174 -11.35 27.24 7.93
C GLU C 174 -10.47 28.46 8.09
N LEU C 175 -9.14 28.29 8.01
CA LEU C 175 -8.21 29.38 8.27
C LEU C 175 -8.40 30.52 7.28
N GLN C 176 -8.64 30.21 6.00
CA GLN C 176 -8.85 31.26 5.01
C GLN C 176 -10.04 32.12 5.37
N ALA C 177 -11.17 31.50 5.70
CA ALA C 177 -12.37 32.27 6.03
C ALA C 177 -12.15 33.07 7.30
N ARG C 178 -11.48 32.48 8.29
CA ARG C 178 -11.21 33.22 9.53
C ARG C 178 -10.31 34.41 9.29
N ILE C 179 -9.29 34.26 8.43
CA ILE C 179 -8.41 35.37 8.12
C ILE C 179 -9.16 36.46 7.38
N ARG C 180 -9.99 36.09 6.40
CA ARG C 180 -10.78 37.10 5.71
C ARG C 180 -11.71 37.82 6.68
N THR C 181 -12.34 37.07 7.58
CA THR C 181 -13.21 37.69 8.58
C THR C 181 -12.44 38.65 9.47
N TYR C 182 -11.25 38.25 9.90
CA TYR C 182 -10.44 39.13 10.76
C TYR C 182 -10.04 40.40 10.03
N ASN C 183 -9.64 40.28 8.77
CA ASN C 183 -9.24 41.45 8.01
C ASN C 183 -10.42 42.39 7.79
N GLN C 184 -11.59 41.82 7.47
CA GLN C 184 -12.76 42.66 7.21
C GLN C 184 -13.29 43.31 8.49
N HIS C 185 -13.17 42.62 9.62
CA HIS C 185 -13.71 43.16 10.86
C HIS C 185 -12.85 44.30 11.41
N TYR C 186 -11.55 44.25 11.17
CA TYR C 186 -10.64 45.28 11.67
C TYR C 186 -10.92 46.63 11.02
N GLY C 192 -1.39 45.85 10.45
CA GLY C 192 -1.96 45.78 9.12
C GLY C 192 -2.66 44.45 8.87
N ALA C 193 -3.09 44.23 7.63
CA ALA C 193 -3.77 42.98 7.30
C ALA C 193 -2.77 41.83 7.35
N VAL C 194 -3.14 40.77 8.07
CA VAL C 194 -2.26 39.61 8.22
C VAL C 194 -2.13 38.87 6.89
N SER C 195 -0.98 38.23 6.68
CA SER C 195 -0.80 37.38 5.53
C SER C 195 -1.77 36.21 5.59
N GLN C 196 -2.11 35.66 4.42
CA GLN C 196 -3.17 34.67 4.30
C GLN C 196 -2.68 33.23 4.49
N ARG C 197 -1.59 33.05 5.22
CA ARG C 197 -1.02 31.72 5.43
C ARG C 197 -0.68 31.51 6.90
N LEU C 198 -0.74 30.26 7.33
CA LEU C 198 -0.29 29.88 8.67
C LEU C 198 1.18 29.47 8.58
N TYR C 199 1.99 29.99 9.50
CA TYR C 199 3.42 29.73 9.52
C TYR C 199 3.76 28.88 10.74
N ILE C 200 4.38 27.73 10.50
CA ILE C 200 4.69 26.75 11.53
C ILE C 200 6.20 26.73 11.72
N LEU C 201 6.64 26.86 12.97
CA LEU C 201 8.04 26.90 13.31
C LEU C 201 8.49 25.53 13.80
N LEU C 202 9.63 25.07 13.29
CA LEU C 202 10.15 23.74 13.58
C LEU C 202 11.60 23.85 14.06
N PRO C 203 11.81 24.04 15.36
CA PRO C 203 13.17 24.01 15.90
C PRO C 203 13.65 22.57 16.00
N LEU C 204 14.70 22.25 15.22
CA LEU C 204 15.21 20.89 15.23
C LEU C 204 15.82 20.51 16.58
N ASP C 205 16.13 21.47 17.44
CA ASP C 205 16.53 21.21 18.83
C ASP C 205 15.34 21.01 19.74
N CYS C 206 14.11 21.24 19.24
CA CYS C 206 12.89 20.92 19.99
C CYS C 206 12.74 21.79 21.23
N GLY C 207 13.33 22.98 21.25
CA GLY C 207 13.16 23.89 22.37
C GLY C 207 11.71 24.25 22.63
N VAL C 208 11.10 24.96 21.68
CA VAL C 208 9.67 25.26 21.69
C VAL C 208 9.22 25.86 23.02
N PRO C 209 9.59 27.10 23.34
CA PRO C 209 9.02 27.75 24.51
C PRO C 209 7.55 28.08 24.30
N ASP C 210 6.79 28.11 25.41
CA ASP C 210 5.37 28.43 25.31
C ASP C 210 5.15 29.89 24.93
N ASN C 211 5.81 30.81 25.62
CA ASN C 211 5.69 32.23 25.33
C ASN C 211 6.67 32.58 24.22
N LEU C 212 6.15 32.86 23.03
CA LEU C 212 7.02 33.12 21.89
C LEU C 212 7.89 34.34 22.11
N SER C 213 7.39 35.33 22.86
CA SER C 213 8.19 36.50 23.15
C SER C 213 9.51 36.14 23.82
N MET C 214 9.51 35.05 24.59
CA MET C 214 10.74 34.62 25.25
C MET C 214 11.81 34.20 24.24
N ALA C 215 11.40 33.66 23.09
CA ALA C 215 12.37 33.20 22.12
C ALA C 215 13.04 34.37 21.42
N ASP C 216 12.28 35.43 21.08
CA ASP C 216 12.88 36.58 20.40
C ASP C 216 12.07 37.82 20.73
N PRO C 217 12.64 38.81 21.43
CA PRO C 217 11.86 40.00 21.79
C PRO C 217 11.27 40.72 20.58
N ASN C 218 11.87 40.54 19.41
CA ASN C 218 11.38 41.20 18.20
C ASN C 218 10.06 40.64 17.71
N ILE C 219 9.51 39.63 18.37
CA ILE C 219 8.22 39.05 18.03
C ILE C 219 7.25 39.38 19.15
N ARG C 220 6.12 39.98 18.81
CA ARG C 220 5.12 40.38 19.79
C ARG C 220 3.74 39.98 19.33
N PHE C 221 2.82 39.94 20.29
CA PHE C 221 1.52 39.28 20.14
C PHE C 221 0.43 40.30 19.89
N LEU C 222 -0.43 40.01 18.91
CA LEU C 222 -1.58 40.82 18.55
C LEU C 222 -2.88 40.09 18.89
N ASP C 223 -4.00 40.75 18.62
CA ASP C 223 -5.31 40.16 18.88
C ASP C 223 -5.48 38.89 18.06
N LYS C 224 -6.06 37.86 18.69
CA LYS C 224 -6.19 36.55 18.09
C LYS C 224 -7.20 36.54 16.95
N LEU C 225 -7.11 35.50 16.12
CA LEU C 225 -8.13 35.23 15.12
C LEU C 225 -9.42 34.76 15.79
N PRO C 226 -10.54 34.84 15.07
CA PRO C 226 -11.78 34.28 15.61
C PRO C 226 -11.63 32.79 15.90
N GLN C 227 -12.21 32.36 17.02
CA GLN C 227 -12.11 30.97 17.42
C GLN C 227 -12.90 30.07 16.50
N GLN C 228 -12.40 28.85 16.30
CA GLN C 228 -13.08 27.80 15.55
C GLN C 228 -13.43 26.66 16.49
N THR C 229 -14.68 26.18 16.41
CA THR C 229 -15.18 25.13 17.28
C THR C 229 -15.73 23.96 16.48
N GLY C 230 -15.49 22.75 17.00
CA GLY C 230 -15.94 21.55 16.33
C GLY C 230 -15.98 20.40 17.31
N ASP C 231 -16.87 19.44 17.06
CA ASP C 231 -17.07 18.30 17.94
C ASP C 231 -16.11 17.17 17.55
N ARG C 232 -15.35 16.69 18.52
CA ARG C 232 -14.30 15.70 18.27
C ARG C 232 -14.32 14.61 19.33
N ALA C 233 -14.24 13.36 18.89
CA ALA C 233 -13.96 12.22 19.76
C ALA C 233 -14.83 12.21 21.01
N GLY C 234 -16.13 12.39 20.82
CA GLY C 234 -17.07 12.37 21.91
C GLY C 234 -17.07 13.58 22.79
N ILE C 235 -16.30 14.60 22.44
CA ILE C 235 -16.32 15.89 23.14
C ILE C 235 -17.16 16.85 22.32
N LYS C 236 -18.16 17.45 22.96
CA LYS C 236 -18.94 18.48 22.31
C LYS C 236 -18.04 19.69 22.04
N ASP C 237 -18.45 20.51 21.09
CA ASP C 237 -17.52 21.33 20.32
C ASP C 237 -16.44 21.96 21.20
N ARG C 238 -15.21 21.94 20.69
CA ARG C 238 -14.06 22.47 21.41
C ARG C 238 -13.35 23.50 20.54
N VAL C 239 -12.53 24.33 21.18
CA VAL C 239 -11.95 25.52 20.55
C VAL C 239 -10.65 25.15 19.86
N TYR C 240 -10.51 25.58 18.60
CA TYR C 240 -9.22 25.71 17.93
C TYR C 240 -8.92 27.20 17.76
N SER C 241 -7.81 27.65 18.32
CA SER C 241 -7.47 29.06 18.37
C SER C 241 -6.09 29.31 17.78
N ASN C 242 -5.92 30.47 17.16
CA ASN C 242 -4.66 30.86 16.56
C ASN C 242 -4.34 32.31 16.92
N SER C 243 -3.06 32.58 17.16
CA SER C 243 -2.60 33.90 17.58
C SER C 243 -1.93 34.63 16.42
N ILE C 244 -2.11 35.95 16.39
CA ILE C 244 -1.49 36.81 15.39
C ILE C 244 -0.32 37.54 16.03
N TYR C 245 0.79 37.63 15.30
CA TYR C 245 2.01 38.26 15.76
C TYR C 245 2.48 39.31 14.77
N GLU C 246 3.21 40.30 15.27
CA GLU C 246 3.89 41.30 14.45
C GLU C 246 5.39 41.17 14.63
N LEU C 247 6.13 41.45 13.57
CA LEU C 247 7.57 41.27 13.53
C LEU C 247 8.25 42.62 13.40
N LEU C 248 9.27 42.85 14.22
CA LEU C 248 9.93 44.14 14.33
C LEU C 248 11.27 44.12 13.61
N GLU C 249 11.49 45.10 12.74
CA GLU C 249 12.77 45.37 12.13
C GLU C 249 13.26 46.72 12.65
N ASN C 250 14.35 46.70 13.41
CA ASN C 250 14.89 47.91 14.04
C ASN C 250 13.85 48.60 14.93
N GLY C 251 12.97 47.80 15.54
CA GLY C 251 11.92 48.31 16.40
C GLY C 251 10.66 48.80 15.70
N GLN C 252 10.50 48.55 14.40
CA GLN C 252 9.31 48.94 13.67
C GLN C 252 8.73 47.74 12.94
N ARG C 253 7.40 47.70 12.83
CA ARG C 253 6.72 46.54 12.26
C ARG C 253 7.07 46.34 10.80
N ALA C 254 7.78 45.25 10.50
CA ALA C 254 8.05 44.85 9.13
C ALA C 254 7.02 43.86 8.59
N GLY C 255 6.40 43.07 9.46
CA GLY C 255 5.42 42.10 9.01
C GLY C 255 4.61 41.55 10.16
N THR C 256 3.41 41.05 9.83
CA THR C 256 2.51 40.45 10.80
C THR C 256 1.97 39.16 10.19
N CYS C 257 1.85 38.12 11.01
CA CYS C 257 1.48 36.81 10.49
C CYS C 257 0.81 35.97 11.57
N VAL C 258 0.09 34.93 11.11
CA VAL C 258 -0.45 33.90 11.97
C VAL C 258 0.61 32.80 12.08
N LEU C 259 0.96 32.44 13.31
CA LEU C 259 2.19 31.70 13.53
C LEU C 259 2.07 30.84 14.78
N GLU C 260 2.76 29.71 14.77
CA GLU C 260 2.75 28.81 15.92
C GLU C 260 3.96 27.90 15.84
N TYR C 261 4.38 27.41 16.99
CA TYR C 261 5.28 26.26 17.05
C TYR C 261 4.53 24.97 16.76
N ALA C 262 5.24 23.98 16.23
CA ALA C 262 4.69 22.64 16.07
C ALA C 262 4.66 21.96 17.43
N THR C 263 3.46 21.75 17.95
CA THR C 263 3.33 21.17 19.28
C THR C 263 4.02 19.82 19.43
N PRO C 264 3.94 18.89 18.47
CA PRO C 264 4.54 17.56 18.70
C PRO C 264 6.02 17.63 19.07
N LEU C 265 6.75 18.66 18.63
CA LEU C 265 8.14 18.75 19.04
C LEU C 265 8.31 18.86 20.55
N GLN C 266 7.34 19.47 21.26
CA GLN C 266 7.39 19.44 22.71
C GLN C 266 7.31 18.03 23.25
N THR C 267 6.53 17.16 22.61
CA THR C 267 6.45 15.77 23.03
C THR C 267 7.80 15.08 22.91
N LEU C 268 8.51 15.32 21.81
CA LEU C 268 9.84 14.71 21.64
C LEU C 268 10.80 15.19 22.71
N PHE C 269 10.79 16.49 23.02
CA PHE C 269 11.65 17.02 24.05
C PHE C 269 11.31 16.42 25.41
N ALA C 270 10.02 16.35 25.74
CA ALA C 270 9.61 15.79 27.02
C ALA C 270 9.97 14.31 27.10
N MET C 271 9.77 13.57 26.01
CA MET C 271 10.14 12.16 26.01
C MET C 271 11.62 11.98 26.32
N SER C 272 12.45 12.94 25.91
CA SER C 272 13.88 12.87 26.22
C SER C 272 14.10 12.99 27.72
N GLN C 273 13.34 13.87 28.39
CA GLN C 273 13.54 14.09 29.81
C GLN C 273 13.08 12.90 30.63
N TYR C 274 11.91 12.35 30.31
CA TYR C 274 11.35 11.27 31.11
C TYR C 274 12.16 10.00 30.92
N SER C 275 12.54 9.37 32.04
CA SER C 275 13.31 8.13 31.98
C SER C 275 12.46 6.98 31.49
N GLN C 276 11.18 6.94 31.87
CA GLN C 276 10.31 5.85 31.48
C GLN C 276 10.11 5.75 29.97
N ALA C 277 10.37 6.85 29.24
CA ALA C 277 10.14 6.84 27.80
C ALA C 277 11.16 6.01 27.04
N GLY C 278 12.32 5.74 27.64
CA GLY C 278 13.38 5.07 26.91
C GLY C 278 13.79 5.80 25.66
N PHE C 279 13.84 7.13 25.71
CA PHE C 279 14.07 7.98 24.54
C PHE C 279 15.26 8.88 24.82
N SER C 280 16.31 8.74 24.01
CA SER C 280 17.55 9.45 24.24
C SER C 280 17.58 10.77 23.47
N ARG C 281 18.55 11.62 23.82
CA ARG C 281 18.70 12.89 23.12
C ARG C 281 19.10 12.68 21.67
N GLU C 282 19.93 11.67 21.39
CA GLU C 282 20.25 11.36 20.00
C GLU C 282 19.00 10.98 19.20
N ASP C 283 18.12 10.18 19.80
CA ASP C 283 16.87 9.85 19.15
C ASP C 283 16.03 11.10 18.89
N ARG C 284 16.03 12.03 19.84
CA ARG C 284 15.23 13.25 19.69
C ARG C 284 15.61 14.01 18.42
N LEU C 285 16.91 14.21 18.21
CA LEU C 285 17.36 14.93 17.02
C LEU C 285 17.04 14.16 15.75
N GLU C 286 17.24 12.84 15.77
CA GLU C 286 16.91 12.01 14.62
C GLU C 286 15.41 12.05 14.32
N GLN C 287 14.58 11.91 15.35
CA GLN C 287 13.15 11.91 15.12
C GLN C 287 12.63 13.31 14.79
N ALA C 288 13.26 14.36 15.33
CA ALA C 288 12.85 15.71 15.00
C ALA C 288 13.04 15.99 13.51
N LYS C 289 14.18 15.58 12.96
CA LYS C 289 14.40 15.73 11.53
C LYS C 289 13.40 14.89 10.73
N LEU C 290 13.15 13.66 11.18
CA LEU C 290 12.21 12.80 10.47
C LEU C 290 10.80 13.36 10.54
N PHE C 291 10.44 14.01 11.65
CA PHE C 291 9.13 14.63 11.75
C PHE C 291 8.95 15.71 10.68
N CYS C 292 9.96 16.58 10.52
CA CYS C 292 9.88 17.61 9.49
C CYS C 292 9.77 17.01 8.10
N ARG C 293 10.57 15.98 7.83
CA ARG C 293 10.53 15.35 6.51
C ARG C 293 9.18 14.72 6.22
N THR C 294 8.63 14.01 7.20
CA THR C 294 7.34 13.36 7.03
C THR C 294 6.23 14.38 6.83
N LEU C 295 6.23 15.45 7.62
CA LEU C 295 5.20 16.48 7.48
C LEU C 295 5.29 17.17 6.14
N GLU C 296 6.52 17.44 5.67
CA GLU C 296 6.70 18.03 4.35
C GLU C 296 6.05 17.18 3.27
N ASP C 297 6.28 15.86 3.33
CA ASP C 297 5.69 14.97 2.33
C ASP C 297 4.18 14.94 2.42
N ILE C 298 3.64 14.96 3.64
CA ILE C 298 2.19 14.90 3.81
C ILE C 298 1.53 16.13 3.21
N LEU C 299 2.03 17.32 3.56
CA LEU C 299 1.42 18.55 3.08
C LEU C 299 1.57 18.69 1.56
N ALA C 300 2.63 18.13 0.98
CA ALA C 300 2.80 18.22 -0.46
C ALA C 300 1.65 17.54 -1.19
N ASP C 301 1.34 16.30 -0.81
CA ASP C 301 0.25 15.58 -1.47
C ASP C 301 -1.11 16.01 -0.96
N ALA C 302 -1.20 16.45 0.29
CA ALA C 302 -2.50 16.74 0.90
C ALA C 302 -3.21 17.85 0.13
N PRO C 303 -4.44 17.63 -0.33
CA PRO C 303 -5.14 18.69 -1.09
C PRO C 303 -5.58 19.85 -0.21
N GLU C 304 -5.86 19.62 1.06
CA GLU C 304 -6.37 20.66 1.93
C GLU C 304 -5.32 21.72 2.25
N SER C 305 -4.03 21.44 2.02
CA SER C 305 -2.95 22.28 2.49
C SER C 305 -2.27 23.06 1.37
N GLN C 306 -2.98 23.31 0.27
CA GLN C 306 -2.36 23.91 -0.91
C GLN C 306 -2.18 25.41 -0.70
N ASN C 307 -0.94 25.83 -0.43
CA ASN C 307 -0.52 27.23 -0.39
C ASN C 307 -1.16 28.02 0.74
N ASN C 308 -1.87 27.36 1.65
CA ASN C 308 -2.37 28.00 2.86
C ASN C 308 -1.52 27.70 4.08
N CYS C 309 -0.42 26.96 3.92
CA CYS C 309 0.45 26.60 5.03
C CYS C 309 1.90 26.76 4.61
N ARG C 310 2.75 27.06 5.59
CA ARG C 310 4.18 27.20 5.35
C ARG C 310 4.93 26.66 6.57
N LEU C 311 6.05 25.99 6.32
CA LEU C 311 6.89 25.41 7.36
C LEU C 311 8.21 26.16 7.48
N ILE C 312 8.60 26.45 8.72
CA ILE C 312 9.90 27.06 9.02
C ILE C 312 10.71 26.06 9.83
N ALA C 313 11.86 25.65 9.30
CA ALA C 313 12.77 24.75 9.99
C ALA C 313 14.12 25.44 10.16
N TYR C 314 14.71 25.27 11.35
CA TYR C 314 15.96 25.95 11.66
C TYR C 314 16.65 25.23 12.80
N GLN C 315 17.96 25.42 12.89
CA GLN C 315 18.76 24.93 14.00
C GLN C 315 19.67 26.03 14.48
N GLU C 316 19.71 26.24 15.80
CA GLU C 316 20.52 27.32 16.35
C GLU C 316 22.00 27.02 16.13
N PRO C 317 22.81 28.00 15.69
CA PRO C 317 24.24 27.77 15.48
C PRO C 317 25.02 27.65 16.79
N SER C 322 21.69 35.94 19.76
CA SER C 322 22.32 36.24 18.49
C SER C 322 21.64 35.49 17.36
N PHE C 323 20.51 34.85 17.66
CA PHE C 323 19.84 33.99 16.69
C PHE C 323 18.93 34.81 15.78
N SER C 324 18.71 34.29 14.57
CA SER C 324 18.02 35.02 13.51
C SER C 324 16.49 34.93 13.60
N LEU C 325 15.95 34.20 14.59
CA LEU C 325 14.58 33.71 14.50
C LEU C 325 13.63 34.70 13.82
N SER C 326 13.58 35.93 14.32
CA SER C 326 12.64 36.90 13.74
C SER C 326 12.94 37.14 12.27
N GLN C 327 14.23 37.17 11.91
CA GLN C 327 14.59 37.32 10.51
C GLN C 327 14.17 36.12 9.68
N GLU C 328 14.20 34.92 10.28
CA GLU C 328 13.81 33.72 9.55
C GLU C 328 12.36 33.82 9.10
N VAL C 329 11.48 34.26 9.99
CA VAL C 329 10.07 34.41 9.62
C VAL C 329 9.90 35.49 8.57
N LEU C 330 10.61 36.61 8.75
CA LEU C 330 10.58 37.70 7.78
C LEU C 330 11.02 37.21 6.42
N ARG C 331 12.01 36.32 6.37
CA ARG C 331 12.55 35.87 5.09
C ARG C 331 11.46 35.22 4.27
N HIS C 332 10.70 34.31 4.91
CA HIS C 332 9.66 33.58 4.19
C HIS C 332 8.48 34.48 3.87
N LEU C 333 8.19 35.48 4.71
CA LEU C 333 7.07 36.37 4.44
C LEU C 333 7.28 37.17 3.17
N ARG C 334 8.44 37.83 3.06
CA ARG C 334 8.70 38.65 1.88
C ARG C 334 8.98 37.80 0.65
N GLN C 335 9.42 36.56 0.84
CA GLN C 335 9.61 35.64 -0.28
C GLN C 335 8.26 35.22 -0.85
N HIS D 3 1.38 -8.44 33.17
CA HIS D 3 0.19 -8.68 32.37
C HIS D 3 -0.81 -7.53 32.53
N SER D 4 -1.32 -7.05 31.40
CA SER D 4 -2.23 -5.92 31.43
C SER D 4 -3.55 -6.30 32.08
N SER D 5 -4.14 -5.34 32.79
CA SER D 5 -5.44 -5.51 33.42
C SER D 5 -6.56 -4.81 32.64
N LEU D 6 -6.22 -4.10 31.57
CA LEU D 6 -7.25 -3.40 30.79
C LEU D 6 -8.17 -4.39 30.08
N HIS D 7 -7.61 -5.21 29.20
CA HIS D 7 -8.36 -6.14 28.39
C HIS D 7 -7.51 -7.36 28.11
N PRO D 8 -8.10 -8.55 28.04
CA PRO D 8 -7.28 -9.75 27.77
C PRO D 8 -6.50 -9.69 26.47
N SER D 9 -7.01 -8.96 25.48
CA SER D 9 -6.39 -8.93 24.15
C SER D 9 -5.05 -8.21 24.13
N ILE D 10 -4.68 -7.52 25.20
CA ILE D 10 -3.47 -6.70 25.21
C ILE D 10 -2.25 -7.60 25.36
N PRO D 11 -1.31 -7.61 24.41
CA PRO D 11 -0.13 -8.49 24.57
C PRO D 11 0.81 -8.00 25.65
N CYS D 12 1.36 -8.94 26.41
CA CYS D 12 2.36 -8.62 27.40
C CYS D 12 3.70 -8.33 26.72
N PRO D 13 4.60 -7.62 27.39
CA PRO D 13 5.96 -7.45 26.84
C PRO D 13 6.64 -8.80 26.65
N ARG D 14 7.43 -8.90 25.58
CA ARG D 14 8.10 -10.16 25.27
C ARG D 14 9.10 -10.52 26.36
N GLY D 15 9.21 -11.82 26.62
CA GLY D 15 10.06 -12.33 27.67
C GLY D 15 11.28 -13.08 27.15
N HIS D 16 11.87 -13.89 28.03
CA HIS D 16 13.11 -14.58 27.75
C HIS D 16 12.93 -15.94 27.11
N GLY D 17 11.69 -16.34 26.81
CA GLY D 17 11.46 -17.71 26.35
C GLY D 17 12.39 -18.15 25.24
N ALA D 18 12.75 -17.23 24.35
CA ALA D 18 13.68 -17.59 23.27
C ALA D 18 15.02 -18.02 23.83
N GLN D 19 15.48 -17.35 24.88
CA GLN D 19 16.77 -17.70 25.48
C GLN D 19 16.71 -19.08 26.13
N LYS D 20 15.59 -19.41 26.77
CA LYS D 20 15.42 -20.74 27.35
C LYS D 20 15.41 -21.81 26.27
N ALA D 21 14.72 -21.56 25.17
CA ALA D 21 14.72 -22.52 24.07
C ALA D 21 16.13 -22.68 23.51
N ALA D 22 16.88 -21.58 23.39
CA ALA D 22 18.26 -21.66 22.91
C ALA D 22 19.11 -22.49 23.86
N LEU D 23 18.89 -22.33 25.17
CA LEU D 23 19.64 -23.12 26.15
C LEU D 23 19.32 -24.60 26.04
N VAL D 24 18.05 -24.94 25.83
CA VAL D 24 17.67 -26.33 25.64
C VAL D 24 18.33 -26.88 24.38
N LEU D 25 18.33 -26.09 23.31
CA LEU D 25 18.98 -26.50 22.08
C LEU D 25 20.48 -26.74 22.28
N LEU D 26 21.12 -25.86 23.04
CA LEU D 26 22.54 -26.03 23.35
C LEU D 26 22.79 -27.34 24.09
N SER D 27 21.96 -27.62 25.11
CA SER D 27 22.11 -28.87 25.85
C SER D 27 21.94 -30.08 24.93
N ALA D 28 20.92 -30.04 24.08
CA ALA D 28 20.68 -31.16 23.17
C ALA D 28 21.84 -31.34 22.20
N CYS D 29 22.38 -30.25 21.68
CA CYS D 29 23.50 -30.34 20.73
C CYS D 29 24.73 -30.91 21.41
N LEU D 30 25.02 -30.47 22.64
CA LEU D 30 26.19 -31.00 23.34
C LEU D 30 26.02 -32.48 23.64
N VAL D 31 24.81 -32.89 24.06
CA VAL D 31 24.58 -34.31 24.31
C VAL D 31 24.73 -35.11 23.02
N THR D 32 24.26 -34.56 21.91
CA THR D 32 24.40 -35.24 20.62
C THR D 32 25.87 -35.40 20.24
N LEU D 33 26.66 -34.35 20.45
CA LEU D 33 28.09 -34.44 20.15
C LEU D 33 28.77 -35.48 21.03
N TRP D 34 28.38 -35.54 22.30
CA TRP D 34 28.92 -36.57 23.18
C TRP D 34 28.57 -37.95 22.67
N GLY D 35 27.33 -38.14 22.20
CA GLY D 35 26.91 -39.45 21.73
C GLY D 35 27.60 -39.86 20.46
N LEU D 36 27.81 -38.91 19.53
CA LEU D 36 28.40 -39.26 18.24
C LEU D 36 29.83 -39.77 18.39
N GLY D 37 30.57 -39.28 19.38
CA GLY D 37 31.92 -39.78 19.63
C GLY D 37 32.99 -39.29 18.69
N GLU D 38 32.71 -38.27 17.89
CA GLU D 38 33.74 -37.70 17.04
C GLU D 38 34.76 -36.94 17.90
N PRO D 39 35.99 -36.78 17.41
CA PRO D 39 37.04 -36.15 18.23
C PRO D 39 36.62 -34.77 18.71
N PRO D 40 36.80 -34.47 20.00
CA PRO D 40 36.46 -33.11 20.47
C PRO D 40 37.24 -32.01 19.77
N GLU D 41 38.50 -32.27 19.44
CA GLU D 41 39.34 -31.24 18.83
C GLU D 41 38.79 -30.82 17.46
N HIS D 42 38.34 -31.79 16.67
CA HIS D 42 37.72 -31.47 15.38
C HIS D 42 36.43 -30.67 15.59
N THR D 43 35.67 -31.01 16.62
CA THR D 43 34.47 -30.24 16.95
C THR D 43 34.83 -28.77 17.20
N LEU D 44 35.82 -28.54 18.06
CA LEU D 44 36.21 -27.17 18.37
C LEU D 44 36.69 -26.45 17.12
N ARG D 45 37.50 -27.12 16.30
CA ARG D 45 38.03 -26.50 15.09
C ARG D 45 36.89 -26.08 14.16
N TYR D 46 35.93 -26.98 13.93
CA TYR D 46 34.82 -26.67 13.04
C TYR D 46 33.97 -25.53 13.59
N LEU D 47 33.71 -25.55 14.90
CA LEU D 47 32.89 -24.51 15.51
C LEU D 47 33.55 -23.14 15.36
N VAL D 48 34.84 -23.06 15.68
CA VAL D 48 35.52 -21.77 15.62
C VAL D 48 35.60 -21.29 14.17
N LEU D 49 35.81 -22.20 13.22
CA LEU D 49 35.85 -21.79 11.82
C LEU D 49 34.50 -21.25 11.36
N HIS D 50 33.41 -21.89 11.79
CA HIS D 50 32.08 -21.42 11.42
C HIS D 50 31.84 -20.02 11.97
N LEU D 51 32.18 -19.80 13.24
CA LEU D 51 31.99 -18.47 13.82
C LEU D 51 32.84 -17.43 13.11
N ALA D 52 34.08 -17.78 12.77
CA ALA D 52 34.94 -16.86 12.04
C ALA D 52 34.33 -16.48 10.69
N SER D 53 33.80 -17.48 9.97
CA SER D 53 33.17 -17.20 8.69
C SER D 53 31.98 -16.26 8.85
N LEU D 54 31.17 -16.51 9.89
CA LEU D 54 30.05 -15.61 10.14
C LEU D 54 30.52 -14.19 10.41
N GLN D 55 31.62 -14.04 11.16
CA GLN D 55 32.12 -12.71 11.45
C GLN D 55 32.61 -12.01 10.19
N LEU D 56 33.27 -12.74 9.29
CA LEU D 56 33.73 -12.12 8.05
C LEU D 56 32.55 -11.73 7.15
N GLY D 57 31.52 -12.58 7.10
CA GLY D 57 30.31 -12.19 6.40
C GLY D 57 29.69 -10.93 6.98
N LEU D 58 29.72 -10.81 8.31
CA LEU D 58 29.25 -9.58 8.94
C LEU D 58 30.07 -8.38 8.50
N LEU D 59 31.39 -8.55 8.42
CA LEU D 59 32.24 -7.46 7.95
C LEU D 59 31.82 -7.00 6.56
N LEU D 60 31.66 -7.95 5.64
CA LEU D 60 31.33 -7.59 4.26
C LEU D 60 29.95 -6.94 4.17
N ASN D 61 28.98 -7.44 4.95
CA ASN D 61 27.66 -6.82 4.97
C ASN D 61 27.76 -5.39 5.49
N GLY D 62 28.57 -5.18 6.53
CA GLY D 62 28.76 -3.84 7.05
C GLY D 62 29.39 -2.91 6.03
N VAL D 63 30.32 -3.43 5.22
CA VAL D 63 30.89 -2.61 4.15
C VAL D 63 29.82 -2.24 3.13
N CYS D 64 28.96 -3.19 2.77
CA CYS D 64 27.90 -2.91 1.80
C CYS D 64 26.96 -1.84 2.35
N SER D 65 26.63 -1.92 3.64
CA SER D 65 25.80 -0.88 4.25
C SER D 65 26.54 0.46 4.29
N LEU D 66 27.84 0.43 4.60
CA LEU D 66 28.64 1.66 4.62
C LEU D 66 28.62 2.34 3.27
N ALA D 67 28.53 1.57 2.19
CA ALA D 67 28.39 2.18 0.87
C ALA D 67 27.19 3.13 0.84
N GLU D 68 26.12 2.78 1.55
CA GLU D 68 24.94 3.64 1.59
C GLU D 68 25.10 4.75 2.62
N GLU D 69 25.49 4.40 3.84
CA GLU D 69 25.47 5.37 4.93
C GLU D 69 26.40 6.56 4.66
N LEU D 70 27.50 6.34 3.93
CA LEU D 70 28.43 7.43 3.68
C LEU D 70 27.76 8.58 2.94
N ARG D 71 26.76 8.29 2.11
CA ARG D 71 26.03 9.36 1.44
C ARG D 71 25.33 10.27 2.43
N HIS D 72 24.83 9.71 3.53
CA HIS D 72 24.12 10.48 4.54
C HIS D 72 25.06 11.08 5.59
N ILE D 73 26.38 10.98 5.39
CA ILE D 73 27.33 11.29 6.47
C ILE D 73 27.02 12.64 7.09
N HIS D 74 26.77 13.65 6.27
CA HIS D 74 26.57 15.00 6.81
C HIS D 74 25.23 15.13 7.52
N SER D 75 24.15 14.66 6.90
CA SER D 75 22.83 14.90 7.45
C SER D 75 22.59 14.11 8.72
N ARG D 76 22.84 12.79 8.67
CA ARG D 76 22.49 11.92 9.79
C ARG D 76 23.62 11.83 10.81
N TYR D 77 24.86 11.74 10.34
CA TYR D 77 26.01 11.45 11.19
C TYR D 77 26.90 12.66 11.45
N ARG D 78 26.37 13.86 11.23
CA ARG D 78 27.05 15.11 11.60
C ARG D 78 28.49 15.15 11.09
N GLY D 79 28.73 14.62 9.91
CA GLY D 79 29.99 14.82 9.22
C GLY D 79 31.16 14.03 9.73
N SER D 80 30.95 13.03 10.59
CA SER D 80 32.02 12.20 11.11
C SER D 80 32.03 10.86 10.40
N TYR D 81 33.15 10.54 9.74
CA TYR D 81 33.31 9.22 9.15
C TYR D 81 33.27 8.13 10.20
N TRP D 82 33.84 8.39 11.38
CA TRP D 82 33.91 7.37 12.42
C TRP D 82 32.51 7.03 12.94
N ARG D 83 31.64 8.04 13.04
CA ARG D 83 30.26 7.77 13.47
C ARG D 83 29.53 6.92 12.44
N THR D 84 29.75 7.16 11.15
CA THR D 84 29.17 6.31 10.12
C THR D 84 29.69 4.88 10.25
N VAL D 85 31.00 4.73 10.44
CA VAL D 85 31.58 3.41 10.54
C VAL D 85 31.01 2.66 11.74
N ARG D 86 30.87 3.35 12.88
CA ARG D 86 30.26 2.72 14.04
C ARG D 86 28.79 2.38 13.80
N ALA D 87 28.06 3.25 13.10
CA ALA D 87 26.67 2.97 12.80
C ALA D 87 26.54 1.69 11.99
N CYS D 88 27.50 1.45 11.09
CA CYS D 88 27.47 0.25 10.27
C CYS D 88 27.99 -0.99 10.98
N LEU D 89 29.01 -0.84 11.84
CA LEU D 89 29.65 -1.95 12.51
C LEU D 89 29.31 -2.07 13.99
N GLY D 90 28.61 -1.11 14.56
CA GLY D 90 28.23 -1.15 15.98
C GLY D 90 29.28 -0.67 16.95
N CYS D 91 30.46 -1.29 16.95
CA CYS D 91 31.57 -0.85 17.77
C CYS D 91 32.88 -1.26 17.11
N PRO D 92 33.62 -0.32 16.51
CA PRO D 92 34.81 -0.72 15.74
C PRO D 92 35.88 -1.42 16.55
N LEU D 93 35.97 -1.18 17.86
CA LEU D 93 37.01 -1.84 18.65
C LEU D 93 36.72 -3.32 18.84
N ARG D 94 35.56 -3.64 19.39
CA ARG D 94 35.18 -5.04 19.58
C ARG D 94 35.08 -5.77 18.25
N ARG D 95 34.47 -5.11 17.26
CA ARG D 95 34.34 -5.73 15.94
C ARG D 95 35.71 -5.98 15.32
N GLY D 96 36.64 -5.03 15.46
CA GLY D 96 37.97 -5.24 14.92
C GLY D 96 38.73 -6.34 15.64
N ALA D 97 38.57 -6.43 16.96
CA ALA D 97 39.19 -7.52 17.70
C ALA D 97 38.70 -8.87 17.20
N LEU D 98 37.37 -9.02 17.11
CA LEU D 98 36.81 -10.28 16.62
C LEU D 98 37.20 -10.53 15.17
N LEU D 99 37.29 -9.49 14.35
CA LEU D 99 37.68 -9.65 12.96
C LEU D 99 39.11 -10.15 12.84
N LEU D 100 40.03 -9.55 13.58
CA LEU D 100 41.42 -10.01 13.55
C LEU D 100 41.53 -11.44 14.05
N LEU D 101 40.81 -11.77 15.12
CA LEU D 101 40.87 -13.14 15.63
C LEU D 101 40.32 -14.12 14.61
N SER D 102 39.21 -13.77 13.95
CA SER D 102 38.61 -14.63 12.95
C SER D 102 39.55 -14.84 11.77
N ILE D 103 40.18 -13.76 11.30
CA ILE D 103 41.11 -13.87 10.18
C ILE D 103 42.26 -14.79 10.56
N TYR D 104 42.86 -14.56 11.74
CA TYR D 104 43.97 -15.39 12.17
C TYR D 104 43.58 -16.85 12.21
N PHE D 105 42.46 -17.17 12.87
CA PHE D 105 42.10 -18.57 13.06
C PHE D 105 41.70 -19.23 11.74
N TYR D 106 41.01 -18.52 10.86
CA TYR D 106 40.62 -19.12 9.59
C TYR D 106 41.81 -19.33 8.68
N TYR D 107 42.79 -18.43 8.72
CA TYR D 107 43.98 -18.62 7.89
C TYR D 107 44.88 -19.72 8.45
N SER D 108 44.96 -19.83 9.77
CA SER D 108 45.92 -20.74 10.39
C SER D 108 45.44 -22.19 10.37
N LEU D 109 44.20 -22.43 10.76
CA LEU D 109 43.72 -23.78 11.06
C LEU D 109 43.72 -24.70 9.83
N PRO D 110 43.23 -24.25 8.67
CA PRO D 110 43.27 -25.13 7.48
C PRO D 110 44.67 -25.64 7.16
N PRO D 116 41.56 -23.63 0.57
CA PRO D 116 42.47 -22.48 0.45
C PRO D 116 41.81 -21.18 0.91
N PHE D 117 42.58 -20.34 1.62
CA PHE D 117 42.02 -19.15 2.23
C PHE D 117 41.42 -18.20 1.20
N THR D 118 42.20 -17.90 0.15
CA THR D 118 41.76 -16.88 -0.81
C THR D 118 40.51 -17.32 -1.55
N TRP D 119 40.47 -18.59 -1.98
CA TRP D 119 39.29 -19.10 -2.68
C TRP D 119 38.07 -19.11 -1.75
N MET D 120 38.25 -19.54 -0.50
CA MET D 120 37.15 -19.55 0.44
C MET D 120 36.67 -18.14 0.76
N LEU D 121 37.61 -17.19 0.87
CA LEU D 121 37.22 -15.81 1.12
C LEU D 121 36.38 -15.26 -0.04
N ALA D 122 36.79 -15.55 -1.28
CA ALA D 122 36.01 -15.11 -2.42
C ALA D 122 34.63 -15.76 -2.44
N LEU D 123 34.57 -17.05 -2.11
CA LEU D 123 33.29 -17.74 -2.08
C LEU D 123 32.38 -17.13 -1.01
N LEU D 124 32.95 -16.79 0.15
CA LEU D 124 32.15 -16.16 1.20
C LEU D 124 31.63 -14.80 0.74
N GLY D 125 32.45 -14.01 0.07
CA GLY D 125 31.99 -12.74 -0.46
C GLY D 125 30.88 -12.91 -1.47
N LEU D 126 31.01 -13.90 -2.35
CA LEU D 126 29.96 -14.17 -3.32
C LEU D 126 28.66 -14.55 -2.62
N SER D 127 28.74 -15.40 -1.61
CA SER D 127 27.55 -15.79 -0.86
C SER D 127 26.92 -14.58 -0.18
N GLN D 128 27.75 -13.73 0.44
CA GLN D 128 27.22 -12.58 1.16
C GLN D 128 26.56 -11.58 0.21
N ALA D 129 27.16 -11.36 -0.95
CA ALA D 129 26.59 -10.43 -1.91
C ALA D 129 25.20 -10.87 -2.34
N LEU D 130 25.01 -12.17 -2.58
CA LEU D 130 23.69 -12.67 -2.95
C LEU D 130 22.67 -12.44 -1.85
N ASN D 131 23.09 -12.49 -0.59
CA ASN D 131 22.16 -12.24 0.50
C ASN D 131 21.59 -10.84 0.42
N ILE D 132 22.43 -9.85 0.12
CA ILE D 132 21.94 -8.48 -0.01
C ILE D 132 21.05 -8.34 -1.23
N LEU D 133 21.50 -8.85 -2.38
CA LEU D 133 20.79 -8.63 -3.63
C LEU D 133 19.48 -9.42 -3.67
N LEU D 134 19.52 -10.69 -3.27
CA LEU D 134 18.30 -11.49 -3.25
C LEU D 134 17.43 -11.13 -2.05
N GLY D 135 18.03 -10.64 -0.97
CA GLY D 135 17.27 -10.29 0.21
C GLY D 135 17.04 -11.44 1.18
N LEU D 136 17.92 -12.43 1.19
CA LEU D 136 17.69 -13.61 2.02
C LEU D 136 17.71 -13.31 3.51
N LYS D 137 18.29 -12.18 3.92
CA LYS D 137 18.43 -11.86 5.33
C LYS D 137 17.34 -10.92 5.83
N GLY D 138 16.28 -10.70 5.06
CA GLY D 138 15.13 -9.97 5.55
C GLY D 138 14.57 -10.63 6.80
N LEU D 139 14.38 -9.85 7.86
CA LEU D 139 13.97 -10.40 9.14
C LEU D 139 12.50 -10.84 9.11
N ALA D 140 12.19 -11.82 9.93
CA ALA D 140 10.82 -12.30 10.06
C ALA D 140 9.98 -11.27 10.83
N PRO D 141 8.66 -11.28 10.65
CA PRO D 141 7.82 -10.31 11.38
C PRO D 141 8.02 -10.34 12.89
N ALA D 142 8.19 -11.52 13.48
CA ALA D 142 8.39 -11.59 14.93
C ALA D 142 9.71 -10.96 15.33
N GLU D 143 10.76 -11.17 14.53
CA GLU D 143 12.05 -10.55 14.81
C GLU D 143 11.94 -9.03 14.73
N ILE D 144 11.24 -8.51 13.72
CA ILE D 144 11.05 -7.08 13.59
C ILE D 144 10.24 -6.54 14.75
N SER D 145 9.17 -7.24 15.12
CA SER D 145 8.32 -6.79 16.22
C SER D 145 9.10 -6.72 17.53
N ALA D 146 9.92 -7.73 17.80
CA ALA D 146 10.72 -7.73 19.02
C ALA D 146 11.72 -6.58 19.04
N VAL D 147 12.34 -6.30 17.88
CA VAL D 147 13.29 -5.19 17.81
C VAL D 147 12.58 -3.87 18.07
N CYS D 148 11.40 -3.68 17.47
CA CYS D 148 10.66 -2.44 17.67
C CYS D 148 10.26 -2.26 19.13
N GLU D 149 9.75 -3.32 19.75
CA GLU D 149 9.28 -3.21 21.13
C GLU D 149 10.42 -2.89 22.08
N LYS D 150 11.57 -3.55 21.92
CA LYS D 150 12.71 -3.26 22.78
C LYS D 150 13.23 -1.85 22.53
N GLY D 151 13.36 -1.46 21.26
CA GLY D 151 13.87 -0.15 20.94
C GLY D 151 12.85 0.96 21.12
N ASN D 152 11.57 0.59 21.28
CA ASN D 152 10.46 1.55 21.35
C ASN D 152 10.25 2.26 20.01
N PHE D 153 10.58 1.59 18.90
CA PHE D 153 10.34 2.12 17.56
C PHE D 153 8.92 1.73 17.15
N ASN D 154 7.95 2.47 17.67
CA ASN D 154 6.54 2.19 17.42
C ASN D 154 5.74 3.48 17.31
N VAL D 155 4.75 3.46 16.43
CA VAL D 155 3.84 4.60 16.28
C VAL D 155 3.08 4.83 17.57
N ALA D 156 2.56 3.75 18.17
CA ALA D 156 1.78 3.88 19.39
C ALA D 156 2.58 4.46 20.54
N HIS D 157 3.89 4.18 20.59
CA HIS D 157 4.70 4.70 21.68
C HIS D 157 4.70 6.22 21.71
N GLY D 158 4.92 6.85 20.55
CA GLY D 158 4.90 8.29 20.50
C GLY D 158 3.52 8.88 20.76
N LEU D 159 2.48 8.23 20.23
CA LEU D 159 1.12 8.73 20.42
C LEU D 159 0.73 8.71 21.90
N ALA D 160 1.07 7.64 22.61
CA ALA D 160 0.71 7.55 24.01
C ALA D 160 1.40 8.63 24.84
N TRP D 161 2.70 8.83 24.60
CA TRP D 161 3.43 9.87 25.33
C TRP D 161 2.94 11.25 24.95
N SER D 162 2.61 11.46 23.66
CA SER D 162 2.03 12.73 23.26
C SER D 162 0.71 12.98 23.98
N TYR D 163 -0.11 11.94 24.11
CA TYR D 163 -1.40 12.08 24.79
C TYR D 163 -1.21 12.46 26.25
N TYR D 164 -0.28 11.79 26.94
CA TYR D 164 -0.05 12.09 28.36
C TYR D 164 0.61 13.45 28.54
N ILE D 165 1.68 13.72 27.79
CA ILE D 165 2.46 14.93 28.00
C ILE D 165 1.61 16.17 27.77
N GLY D 166 0.87 16.19 26.67
CA GLY D 166 0.08 17.36 26.33
C GLY D 166 -1.22 17.48 27.09
N TYR D 167 -2.10 16.48 26.93
CA TYR D 167 -3.46 16.59 27.44
C TYR D 167 -3.55 16.18 28.90
N LEU D 168 -3.30 14.91 29.20
CA LEU D 168 -3.58 14.38 30.54
C LEU D 168 -2.73 15.06 31.60
N ARG D 169 -1.48 15.40 31.29
CA ARG D 169 -0.62 16.03 32.29
C ARG D 169 -1.19 17.38 32.72
N LEU D 170 -1.73 18.14 31.77
CA LEU D 170 -2.22 19.48 32.07
C LEU D 170 -3.59 19.43 32.74
N ILE D 171 -4.53 18.71 32.13
CA ILE D 171 -5.93 18.82 32.53
C ILE D 171 -6.22 18.07 33.84
N LEU D 172 -5.59 16.92 34.05
CA LEU D 172 -5.96 16.05 35.16
C LEU D 172 -5.82 16.76 36.50
N PRO D 173 -4.70 17.45 36.76
CA PRO D 173 -4.63 18.24 38.00
C PRO D 173 -5.74 19.27 38.13
N GLU D 174 -6.00 20.03 37.06
CA GLU D 174 -7.07 21.02 37.10
C GLU D 174 -8.44 20.36 37.15
N LEU D 175 -8.56 19.14 36.63
CA LEU D 175 -9.85 18.47 36.60
C LEU D 175 -10.45 18.36 37.99
N GLN D 176 -9.63 18.03 38.99
CA GLN D 176 -10.14 17.88 40.34
C GLN D 176 -10.82 19.15 40.82
N ALA D 177 -10.18 20.30 40.61
CA ALA D 177 -10.77 21.57 41.02
C ALA D 177 -12.01 21.89 40.21
N ARG D 178 -11.96 21.70 38.89
CA ARG D 178 -13.06 22.11 38.04
C ARG D 178 -14.34 21.35 38.37
N ILE D 179 -14.24 20.04 38.58
CA ILE D 179 -15.43 19.24 38.85
C ILE D 179 -16.13 19.75 40.10
N ARG D 180 -15.37 20.01 41.16
CA ARG D 180 -15.98 20.56 42.37
C ARG D 180 -16.65 21.90 42.10
N THR D 181 -16.02 22.75 41.29
CA THR D 181 -16.63 24.02 40.92
C THR D 181 -17.97 23.80 40.25
N TYR D 182 -18.05 22.84 39.32
CA TYR D 182 -19.31 22.56 38.64
C TYR D 182 -20.36 22.06 39.63
N ASN D 183 -19.97 21.16 40.53
CA ASN D 183 -20.93 20.64 41.50
C ASN D 183 -21.46 21.75 42.40
N GLN D 184 -20.61 22.71 42.77
CA GLN D 184 -21.07 23.86 43.54
C GLN D 184 -22.01 24.74 42.71
N HIS D 185 -21.65 24.99 41.46
CA HIS D 185 -22.49 25.83 40.62
C HIS D 185 -23.87 25.21 40.42
N TYR D 186 -23.91 23.90 40.21
CA TYR D 186 -25.17 23.16 40.06
C TYR D 186 -25.64 22.63 41.41
N GLY D 192 -27.23 14.87 41.74
CA GLY D 192 -26.77 15.12 40.38
C GLY D 192 -25.29 15.38 40.27
N ALA D 193 -24.60 15.38 41.42
CA ALA D 193 -23.15 15.58 41.42
C ALA D 193 -22.48 14.48 40.61
N VAL D 194 -21.52 14.89 39.77
CA VAL D 194 -20.84 13.98 38.85
C VAL D 194 -19.67 13.31 39.56
N SER D 195 -19.30 12.13 39.06
CA SER D 195 -18.19 11.39 39.63
C SER D 195 -16.89 12.17 39.47
N GLN D 196 -16.03 12.10 40.49
CA GLN D 196 -14.78 12.84 40.50
C GLN D 196 -13.65 12.13 39.76
N ARG D 197 -13.88 11.71 38.51
CA ARG D 197 -12.84 11.11 37.70
C ARG D 197 -13.12 11.38 36.22
N LEU D 198 -12.07 11.35 35.43
CA LEU D 198 -12.19 11.38 33.97
C LEU D 198 -12.13 9.96 33.43
N TYR D 199 -13.11 9.60 32.61
CA TYR D 199 -13.21 8.27 32.05
C TYR D 199 -12.88 8.32 30.56
N ILE D 200 -11.93 7.48 30.14
CA ILE D 200 -11.42 7.49 28.78
C ILE D 200 -11.77 6.17 28.11
N LEU D 201 -12.35 6.25 26.92
CA LEU D 201 -12.79 5.09 26.16
C LEU D 201 -11.72 4.73 25.14
N LEU D 202 -11.38 3.43 25.07
CA LEU D 202 -10.35 2.92 24.19
C LEU D 202 -10.93 1.81 23.32
N PRO D 203 -11.55 2.14 22.19
CA PRO D 203 -12.02 1.10 21.26
C PRO D 203 -10.85 0.50 20.49
N LEU D 204 -10.59 -0.79 20.71
CA LEU D 204 -9.46 -1.42 20.05
C LEU D 204 -9.64 -1.53 18.54
N ASP D 205 -10.87 -1.36 18.04
CA ASP D 205 -11.08 -1.23 16.60
C ASP D 205 -10.91 0.20 16.11
N CYS D 206 -10.73 1.16 17.01
CA CYS D 206 -10.45 2.55 16.65
C CYS D 206 -11.65 3.24 15.99
N GLY D 207 -12.86 2.85 16.39
CA GLY D 207 -14.05 3.50 15.88
C GLY D 207 -14.07 5.00 16.13
N VAL D 208 -14.25 5.39 17.39
CA VAL D 208 -14.17 6.79 17.81
C VAL D 208 -15.05 7.68 16.95
N PRO D 209 -16.38 7.60 17.09
CA PRO D 209 -17.24 8.60 16.44
C PRO D 209 -17.12 9.94 17.14
N ASP D 210 -17.36 11.01 16.38
CA ASP D 210 -17.25 12.36 16.94
C ASP D 210 -18.40 12.71 17.88
N ASN D 211 -19.56 12.07 17.74
CA ASN D 211 -20.68 12.25 18.65
C ASN D 211 -20.89 10.95 19.41
N LEU D 212 -20.83 11.03 20.74
CA LEU D 212 -20.83 9.83 21.56
C LEU D 212 -22.20 9.15 21.58
N SER D 213 -23.28 9.94 21.51
CA SER D 213 -24.61 9.35 21.49
C SER D 213 -24.79 8.40 20.32
N MET D 214 -24.14 8.70 19.18
CA MET D 214 -24.24 7.80 18.03
C MET D 214 -23.71 6.42 18.36
N ALA D 215 -22.69 6.34 19.20
CA ALA D 215 -22.16 5.03 19.59
C ALA D 215 -23.19 4.23 20.37
N ASP D 216 -23.90 4.88 21.29
CA ASP D 216 -24.94 4.23 22.08
C ASP D 216 -25.96 5.27 22.52
N PRO D 217 -27.23 5.16 22.09
CA PRO D 217 -28.22 6.17 22.48
C PRO D 217 -28.50 6.22 23.96
N ASN D 218 -28.10 5.21 24.73
CA ASN D 218 -28.25 5.24 26.19
C ASN D 218 -27.28 6.22 26.85
N ILE D 219 -26.31 6.74 26.11
CA ILE D 219 -25.39 7.75 26.61
C ILE D 219 -25.86 9.08 26.03
N ARG D 220 -26.31 9.98 26.90
CA ARG D 220 -26.83 11.27 26.48
C ARG D 220 -26.05 12.39 27.15
N PHE D 221 -26.09 13.57 26.54
CA PHE D 221 -25.18 14.65 26.82
C PHE D 221 -25.71 15.58 27.92
N LEU D 222 -24.79 16.22 28.62
CA LEU D 222 -25.09 17.09 29.74
C LEU D 222 -24.09 18.24 29.71
N ASP D 223 -24.41 19.32 30.40
CA ASP D 223 -23.66 20.56 30.25
C ASP D 223 -22.18 20.36 30.55
N LYS D 224 -21.36 21.31 30.09
CA LYS D 224 -19.92 21.19 30.11
C LYS D 224 -19.32 21.74 31.39
N LEU D 225 -18.13 21.26 31.72
CA LEU D 225 -17.35 21.82 32.81
C LEU D 225 -16.83 23.20 32.44
N PRO D 226 -16.41 23.99 33.43
CA PRO D 226 -15.74 25.26 33.12
C PRO D 226 -14.52 25.02 32.24
N GLN D 227 -14.32 25.91 31.27
CA GLN D 227 -13.21 25.76 30.34
C GLN D 227 -11.88 25.99 31.04
N GLN D 228 -10.88 25.20 30.69
CA GLN D 228 -9.50 25.38 31.12
C GLN D 228 -8.70 26.00 29.99
N THR D 229 -7.85 26.97 30.34
CA THR D 229 -7.10 27.72 29.34
C THR D 229 -5.63 27.79 29.75
N GLY D 230 -4.77 27.82 28.74
CA GLY D 230 -3.34 27.89 29.00
C GLY D 230 -2.61 28.44 27.79
N ASP D 231 -1.39 28.93 28.03
CA ASP D 231 -0.51 29.41 26.97
C ASP D 231 0.39 28.25 26.55
N ARG D 232 0.46 27.99 25.25
CA ARG D 232 1.12 26.79 24.75
C ARG D 232 1.72 27.05 23.38
N ALA D 233 3.02 26.78 23.23
CA ALA D 233 3.66 26.67 21.92
C ALA D 233 3.36 27.87 21.03
N GLY D 234 3.36 29.07 21.60
CA GLY D 234 3.12 30.27 20.83
C GLY D 234 1.66 30.60 20.60
N ILE D 235 0.74 29.77 21.07
CA ILE D 235 -0.68 30.08 21.07
C ILE D 235 -1.07 30.48 22.48
N LYS D 236 -1.48 31.74 22.65
CA LYS D 236 -1.62 32.31 23.97
C LYS D 236 -2.79 31.69 24.74
N ASP D 237 -3.85 31.27 24.05
CA ASP D 237 -5.04 30.71 24.68
C ASP D 237 -5.38 29.38 24.03
N ARG D 238 -4.75 28.30 24.52
CA ARG D 238 -5.23 26.96 24.24
C ARG D 238 -6.31 26.61 25.23
N VAL D 239 -7.50 26.31 24.73
CA VAL D 239 -8.67 26.04 25.57
C VAL D 239 -8.90 24.53 25.62
N TYR D 240 -8.98 24.00 26.84
CA TYR D 240 -9.24 22.58 27.08
C TYR D 240 -10.66 22.44 27.63
N SER D 241 -11.49 21.67 26.93
CA SER D 241 -12.90 21.55 27.26
C SER D 241 -13.27 20.09 27.47
N ASN D 242 -14.12 19.85 28.47
CA ASN D 242 -14.56 18.51 28.82
C ASN D 242 -16.09 18.49 28.92
N SER D 243 -16.69 17.44 28.38
CA SER D 243 -18.14 17.29 28.36
C SER D 243 -18.61 16.30 29.42
N ILE D 244 -19.86 16.47 29.85
CA ILE D 244 -20.48 15.62 30.85
C ILE D 244 -21.62 14.84 30.21
N TYR D 245 -21.74 13.57 30.58
CA TYR D 245 -22.75 12.68 30.02
C TYR D 245 -23.49 11.96 31.14
N GLU D 246 -24.74 11.61 30.85
CA GLU D 246 -25.56 10.80 31.75
C GLU D 246 -25.79 9.43 31.11
N LEU D 247 -25.83 8.40 31.93
CA LEU D 247 -25.95 7.02 31.48
C LEU D 247 -27.31 6.48 31.88
N LEU D 248 -28.00 5.84 30.93
CA LEU D 248 -29.35 5.37 31.12
C LEU D 248 -29.35 3.87 31.38
N GLU D 249 -30.07 3.46 32.43
CA GLU D 249 -30.33 2.04 32.69
C GLU D 249 -31.80 1.89 33.02
N ASN D 250 -32.45 0.94 32.35
CA ASN D 250 -33.90 0.76 32.47
C ASN D 250 -34.65 2.01 32.02
N GLY D 251 -34.01 2.83 31.18
CA GLY D 251 -34.65 4.01 30.63
C GLY D 251 -34.58 5.26 31.48
N GLN D 252 -33.85 5.22 32.60
CA GLN D 252 -33.68 6.40 33.45
C GLN D 252 -32.21 6.57 33.80
N ARG D 253 -31.86 7.80 34.17
CA ARG D 253 -30.49 8.11 34.56
C ARG D 253 -30.03 7.17 35.66
N ALA D 254 -28.88 6.54 35.44
CA ALA D 254 -28.28 5.64 36.41
C ALA D 254 -26.82 5.98 36.69
N GLY D 255 -26.31 7.05 36.11
CA GLY D 255 -24.93 7.45 36.32
C GLY D 255 -24.63 8.71 35.56
N THR D 256 -23.60 9.41 36.03
CA THR D 256 -23.19 10.68 35.45
C THR D 256 -21.68 10.81 35.63
N CYS D 257 -20.96 11.01 34.52
CA CYS D 257 -19.51 11.03 34.54
C CYS D 257 -18.99 11.91 33.41
N VAL D 258 -17.74 12.35 33.57
CA VAL D 258 -17.01 13.04 32.50
C VAL D 258 -16.35 11.97 31.64
N LEU D 259 -16.61 12.01 30.34
CA LEU D 259 -16.36 10.88 29.45
C LEU D 259 -15.59 11.36 28.22
N GLU D 260 -14.73 10.47 27.70
CA GLU D 260 -13.86 10.81 26.60
C GLU D 260 -13.60 9.60 25.73
N TYR D 261 -13.34 9.87 24.45
CA TYR D 261 -12.62 8.94 23.59
C TYR D 261 -11.16 9.36 23.49
N ALA D 262 -10.27 8.38 23.48
CA ALA D 262 -8.86 8.66 23.26
C ALA D 262 -8.66 9.09 21.83
N THR D 263 -8.43 10.39 21.63
CA THR D 263 -8.32 10.92 20.27
C THR D 263 -7.18 10.29 19.45
N PRO D 264 -6.02 9.93 20.03
CA PRO D 264 -4.98 9.32 19.20
C PRO D 264 -5.45 8.09 18.44
N LEU D 265 -6.40 7.34 19.00
CA LEU D 265 -6.95 6.20 18.28
C LEU D 265 -7.61 6.63 16.98
N GLN D 266 -8.18 7.83 16.94
CA GLN D 266 -8.73 8.35 15.69
C GLN D 266 -7.62 8.56 14.67
N THR D 267 -6.44 8.98 15.12
CA THR D 267 -5.31 9.12 14.21
C THR D 267 -4.90 7.77 13.62
N LEU D 268 -4.88 6.72 14.45
CA LEU D 268 -4.51 5.41 13.95
C LEU D 268 -5.46 4.94 12.87
N PHE D 269 -6.76 5.15 13.07
CA PHE D 269 -7.74 4.77 12.06
C PHE D 269 -7.52 5.55 10.77
N ALA D 270 -7.35 6.87 10.87
CA ALA D 270 -7.13 7.68 9.68
C ALA D 270 -5.85 7.27 8.96
N MET D 271 -4.79 6.97 9.70
CA MET D 271 -3.57 6.48 9.08
C MET D 271 -3.83 5.19 8.31
N SER D 272 -4.73 4.35 8.83
CA SER D 272 -5.06 3.10 8.16
C SER D 272 -5.76 3.32 6.83
N GLN D 273 -6.45 4.46 6.67
CA GLN D 273 -7.17 4.76 5.45
C GLN D 273 -6.28 5.42 4.40
N TYR D 274 -5.39 6.32 4.83
CA TYR D 274 -4.53 7.02 3.88
C TYR D 274 -3.50 6.08 3.29
N SER D 275 -3.37 6.10 1.97
CA SER D 275 -2.39 5.27 1.30
C SER D 275 -0.97 5.76 1.59
N GLN D 276 -0.78 7.07 1.69
CA GLN D 276 0.54 7.63 1.89
C GLN D 276 1.16 7.22 3.23
N ALA D 277 0.33 6.81 4.19
CA ALA D 277 0.84 6.46 5.52
C ALA D 277 1.58 5.14 5.54
N GLY D 278 1.36 4.27 4.57
CA GLY D 278 1.92 2.93 4.62
C GLY D 278 1.50 2.18 5.87
N PHE D 279 0.26 2.33 6.29
CA PHE D 279 -0.25 1.78 7.55
C PHE D 279 -1.43 0.89 7.25
N SER D 280 -1.34 -0.38 7.67
CA SER D 280 -2.35 -1.37 7.32
C SER D 280 -3.36 -1.55 8.46
N ARG D 281 -4.38 -2.38 8.19
CA ARG D 281 -5.35 -2.71 9.23
C ARG D 281 -4.71 -3.53 10.34
N GLU D 282 -3.82 -4.46 9.98
CA GLU D 282 -3.15 -5.26 11.00
C GLU D 282 -2.25 -4.39 11.86
N ASP D 283 -1.55 -3.43 11.25
CA ASP D 283 -0.77 -2.48 12.02
C ASP D 283 -1.66 -1.67 12.95
N ARG D 284 -2.84 -1.26 12.46
CA ARG D 284 -3.76 -0.48 13.29
C ARG D 284 -4.16 -1.25 14.54
N LEU D 285 -4.52 -2.53 14.38
CA LEU D 285 -4.96 -3.33 15.52
C LEU D 285 -3.82 -3.56 16.49
N GLU D 286 -2.62 -3.86 15.99
CA GLU D 286 -1.49 -4.10 16.87
C GLU D 286 -1.08 -2.82 17.60
N GLN D 287 -1.01 -1.70 16.89
CA GLN D 287 -0.64 -0.45 17.53
C GLN D 287 -1.72 0.03 18.49
N ALA D 288 -2.99 -0.22 18.18
CA ALA D 288 -4.06 0.15 19.09
C ALA D 288 -3.91 -0.57 20.42
N LYS D 289 -3.61 -1.87 20.37
CA LYS D 289 -3.35 -2.61 21.60
C LYS D 289 -2.12 -2.07 22.30
N LEU D 290 -1.05 -1.79 21.56
CA LEU D 290 0.16 -1.27 22.16
C LEU D 290 -0.09 0.08 22.80
N PHE D 291 -0.85 0.95 22.13
CA PHE D 291 -1.18 2.25 22.70
C PHE D 291 -1.82 2.10 24.08
N CYS D 292 -2.75 1.16 24.21
CA CYS D 292 -3.39 0.93 25.50
C CYS D 292 -2.37 0.50 26.56
N ARG D 293 -1.45 -0.39 26.18
CA ARG D 293 -0.49 -0.91 27.14
C ARG D 293 0.42 0.19 27.66
N THR D 294 1.04 0.96 26.77
CA THR D 294 1.96 2.00 27.19
C THR D 294 1.25 3.11 27.95
N LEU D 295 0.04 3.48 27.53
CA LEU D 295 -0.73 4.47 28.28
C LEU D 295 -1.08 3.95 29.66
N GLU D 296 -1.36 2.66 29.77
CA GLU D 296 -1.59 2.06 31.08
C GLU D 296 -0.35 2.14 31.94
N ASP D 297 0.81 1.80 31.36
CA ASP D 297 2.05 1.78 32.13
C ASP D 297 2.44 3.17 32.60
N ILE D 298 2.32 4.17 31.73
CA ILE D 298 2.77 5.52 32.07
C ILE D 298 1.90 6.11 33.17
N LEU D 299 0.58 5.97 33.05
CA LEU D 299 -0.32 6.54 34.04
C LEU D 299 -0.13 5.89 35.40
N ALA D 300 0.23 4.61 35.43
CA ALA D 300 0.49 3.95 36.70
C ALA D 300 1.61 4.64 37.46
N ASP D 301 2.69 4.99 36.75
CA ASP D 301 3.83 5.65 37.40
C ASP D 301 3.62 7.15 37.54
N ALA D 302 2.81 7.75 36.67
CA ALA D 302 2.76 9.20 36.58
C ALA D 302 2.29 9.82 37.90
N PRO D 303 2.99 10.86 38.39
CA PRO D 303 2.49 11.55 39.61
C PRO D 303 1.11 12.15 39.46
N GLU D 304 0.79 12.69 38.27
CA GLU D 304 -0.42 13.48 38.13
C GLU D 304 -1.66 12.66 38.42
N SER D 305 -1.71 11.42 37.95
CA SER D 305 -2.88 10.56 38.13
C SER D 305 -2.82 9.94 39.53
N GLN D 306 -3.25 10.73 40.51
CA GLN D 306 -3.45 10.19 41.85
C GLN D 306 -4.64 9.24 41.85
N ASN D 307 -5.84 9.76 41.56
CA ASN D 307 -7.02 8.95 41.32
C ASN D 307 -7.86 9.55 40.19
N ASN D 308 -7.30 10.45 39.39
CA ASN D 308 -8.08 11.39 38.60
C ASN D 308 -8.73 10.77 37.36
N CYS D 309 -8.20 9.68 36.82
CA CYS D 309 -8.66 9.19 35.53
C CYS D 309 -8.81 7.68 35.55
N ARG D 310 -9.69 7.18 34.68
CA ARG D 310 -9.94 5.76 34.50
C ARG D 310 -9.87 5.42 33.02
N LEU D 311 -9.26 4.28 32.71
CA LEU D 311 -9.15 3.79 31.34
C LEU D 311 -10.14 2.65 31.12
N ILE D 312 -10.87 2.71 30.02
CA ILE D 312 -11.82 1.67 29.64
C ILE D 312 -11.46 1.20 28.24
N ALA D 313 -11.10 -0.07 28.12
CA ALA D 313 -10.82 -0.70 26.84
C ALA D 313 -11.89 -1.74 26.54
N TYR D 314 -12.35 -1.77 25.30
CA TYR D 314 -13.38 -2.71 24.88
C TYR D 314 -13.18 -3.06 23.42
N GLN D 315 -13.73 -4.21 23.03
CA GLN D 315 -13.60 -4.72 21.66
C GLN D 315 -14.97 -5.24 21.23
N GLU D 316 -15.63 -4.51 20.32
CA GLU D 316 -16.97 -4.90 19.92
C GLU D 316 -16.94 -6.29 19.27
N PRO D 317 -17.96 -7.11 19.49
CA PRO D 317 -18.01 -8.45 18.88
C PRO D 317 -18.29 -8.41 17.38
N SER D 322 -25.42 -4.12 18.97
CA SER D 322 -25.83 -4.98 20.06
C SER D 322 -24.84 -4.90 21.22
N PHE D 323 -23.98 -3.89 21.19
CA PHE D 323 -22.90 -3.80 22.17
C PHE D 323 -23.35 -3.09 23.44
N SER D 324 -22.66 -3.40 24.54
CA SER D 324 -23.03 -2.94 25.88
C SER D 324 -22.52 -1.54 26.23
N LEU D 325 -21.87 -0.85 25.28
CA LEU D 325 -21.00 0.28 25.64
C LEU D 325 -21.51 1.06 26.84
N SER D 326 -22.81 1.39 26.87
CA SER D 326 -23.33 2.14 28.02
C SER D 326 -23.16 1.35 29.30
N GLN D 327 -23.46 0.05 29.27
CA GLN D 327 -23.25 -0.78 30.44
C GLN D 327 -21.76 -0.89 30.79
N GLU D 328 -20.89 -0.83 29.79
CA GLU D 328 -19.46 -0.92 30.06
C GLU D 328 -19.00 0.22 30.95
N VAL D 329 -19.41 1.45 30.62
CA VAL D 329 -19.06 2.59 31.45
C VAL D 329 -19.68 2.46 32.83
N LEU D 330 -20.95 2.04 32.88
CA LEU D 330 -21.63 1.87 34.15
C LEU D 330 -20.90 0.88 35.05
N ARG D 331 -20.41 -0.23 34.48
CA ARG D 331 -19.73 -1.23 35.28
C ARG D 331 -18.51 -0.62 35.96
N HIS D 332 -17.67 0.09 35.22
CA HIS D 332 -16.52 0.75 35.82
C HIS D 332 -16.93 1.92 36.69
N LEU D 333 -18.00 2.62 36.30
CA LEU D 333 -18.48 3.73 37.13
C LEU D 333 -19.00 3.22 38.47
N ARG D 334 -19.72 2.09 38.45
CA ARG D 334 -20.13 1.47 39.72
C ARG D 334 -18.93 0.92 40.47
N GLN D 335 -17.98 0.34 39.75
CA GLN D 335 -16.78 -0.23 40.35
C GLN D 335 -16.05 0.82 41.19
C10 A1BBH E . -7.78 -22.70 3.40
C12 A1BBH E . -7.23 -21.31 3.01
C15 A1BBH E . -8.85 -20.21 4.63
C02 A1BBH E . -5.96 -26.55 4.98
C03 A1BBH E . -7.49 -26.57 5.11
C09 A1BBH E . -8.49 -22.75 4.75
C16 A1BBH E . -9.47 -21.58 4.97
O25 A1BBH E . -5.58 -19.24 0.79
C01 A1BBH E . -5.34 -27.84 5.57
C13 A1BBH E . -8.27 -20.20 3.21
C29 A1BBH E . -5.44 -27.55 2.86
C31 A1BBH E . -4.09 -27.82 2.14
C32 A1BBH E . -3.28 -28.96 2.79
C33 A1BBH E . -2.19 -29.55 1.86
C34 A1BBH E . -1.04 -28.55 1.55
C35 A1BBH E . 0.35 -29.10 1.92
C36 A1BBH E . 1.50 -28.45 1.13
C37 A1BBH E . 2.60 -29.45 0.72
C38 A1BBH E . 3.42 -29.88 1.95
C39 A1BBH E . 4.45 -30.73 2.03
C40 A1BBH E . 5.04 -31.44 0.79
C41 A1BBH E . 4.95 -32.97 0.96
C42 A1BBH E . 3.80 -33.61 0.15
C43 A1BBH E . 4.10 -35.06 -0.32
C44 A1BBH E . 4.90 -35.90 0.72
C45 A1BBH E . 5.01 -37.38 0.30
C46 A1BBH E . 6.17 -37.64 -0.70
C47 A1BBH E . 5.80 -37.29 -2.16
C49 A1BBH E . -4.77 -28.79 7.69
C51 A1BBH E . -3.23 -29.06 7.77
C52 A1BBH E . -2.62 -28.56 9.11
C53 A1BBH E . -1.68 -29.59 9.78
C54 A1BBH E . -0.23 -29.55 9.19
C55 A1BBH E . 0.68 -28.47 9.86
C56 A1BBH E . 1.71 -27.87 8.86
C57 A1BBH E . 2.63 -28.95 8.19
C58 A1BBH E . 3.88 -29.17 9.06
C59 A1BBH E . 5.08 -29.41 8.49
C60 A1BBH E . 6.03 -29.63 7.27
C61 A1BBH E . 7.50 -29.39 7.74
C62 A1BBH E . 8.50 -29.26 6.57
C63 A1BBH E . 9.49 -28.08 6.78
C64 A1BBH E . 10.90 -28.39 6.20
C65 A1BBH E . 11.74 -29.29 7.13
C66 A1BBH E . 11.91 -30.72 6.56
C67 A1BBH E . 12.42 -31.71 7.62
O04 A1BBH E . -7.84 -25.82 6.27
O06 A1BBH E . -10.44 -25.72 6.28
O07 A1BBH E . -9.19 -23.91 7.41
O08 A1BBH E . -9.22 -23.96 4.81
O11 A1BBH E . -6.67 -23.58 3.45
O14 A1BBH E . -7.64 -18.95 2.98
O17 A1BBH E . -10.61 -21.79 4.15
O18 A1BBH E . -9.84 -19.22 4.73
O20 A1BBH E . -9.39 -19.32 7.28
O21 A1BBH E . -11.64 -18.69 6.50
O22 A1BBH E . -9.76 -17.12 6.24
O23 A1BBH E . -6.87 -21.33 1.65
O26 A1BBH E . -4.42 -20.78 2.35
O27 A1BBH E . -4.86 -21.48 0.03
O28 A1BBH E . -5.61 -26.38 3.63
O30 A1BBH E . -6.32 -28.35 2.78
O48 A1BBH E . -5.27 -27.67 6.98
O50 A1BBH E . -5.51 -29.53 8.24
P05 A1BBH E . -9.20 -24.84 6.22
P19 A1BBH E . -10.17 -18.57 6.22
P24 A1BBH E . -5.40 -20.70 1.20
H101 A1BBH E . -8.36 -22.99 2.72
H121 A1BBH E . -6.48 -21.12 3.54
H151 A1BBH E . -8.16 -20.03 5.24
H021 A1BBH E . -5.64 -25.81 5.47
H031 A1BBH E . -7.79 -27.46 5.21
H032 A1BBH E . -7.88 -26.19 4.35
H091 A1BBH E . -7.86 -22.74 5.43
H161 A1BBH E . -9.74 -21.58 5.87
H012 A1BBH E . -5.88 -28.57 5.36
H011 A1BBH E . -4.48 -27.96 5.23
H131 A1BBH E . -8.97 -20.32 2.59
H311 A1BBH E . -4.26 -28.03 1.24
H312 A1BBH E . -3.57 -27.03 2.17
H321 A1BBH E . -2.88 -28.64 3.57
H322 A1BBH E . -3.87 -29.65 3.03
H331 A1BBH E . -1.82 -30.31 2.27
H332 A1BBH E . -2.58 -29.81 1.05
H341 A1BBH E . -1.05 -28.35 0.63
H342 A1BBH E . -1.20 -27.75 2.02
H352 A1BBH E . 0.50 -28.97 2.84
H351 A1BBH E . 0.37 -30.03 1.75
H362 A1BBH E . 1.14 -28.05 0.35
H361 A1BBH E . 1.88 -27.76 1.66
H371 A1BBH E . 2.20 -30.21 0.33
H372 A1BBH E . 3.17 -29.05 0.09
H381 A1BBH E . 2.99 -29.42 2.63
H391 A1BBH E . 4.87 -30.92 2.85
H401 A1BBH E . 4.54 -31.18 0.03
H402 A1BBH E . 5.93 -31.19 0.68
H412 A1BBH E . 5.78 -33.34 0.68
H411 A1BBH E . 4.83 -33.17 1.87
H421 A1BBH E . 3.03 -33.61 0.68
H422 A1BBH E . 3.64 -33.09 -0.61
H432 A1BBH E . 4.58 -35.02 -1.12
H431 A1BBH E . 3.28 -35.49 -0.49
H441 A1BBH E . 4.47 -35.85 1.55
H442 A1BBH E . 5.76 -35.54 0.80
H451 A1BBH E . 4.21 -37.65 -0.11
H452 A1BBH E . 5.16 -37.91 1.06
H462 A1BBH E . 6.91 -37.11 -0.44
H461 A1BBH E . 6.42 -38.54 -0.67
H471 A1BBH E . 6.00 -36.38 -2.32
H473 A1BBH E . 4.88 -37.43 -2.28
H472 A1BBH E . 6.28 -37.83 -2.74
H512 A1BBH E . -3.08 -29.98 7.69
H511 A1BBH E . -2.81 -28.61 7.06
H522 A1BBH E . -2.13 -27.76 8.95
H521 A1BBH E . -3.31 -28.35 9.71
H531 A1BBH E . -1.63 -29.42 10.70
H532 A1BBH E . -2.02 -30.45 9.64
H542 A1BBH E . 0.16 -30.39 9.32
H541 A1BBH E . -0.28 -29.38 8.27
H552 A1BBH E . 0.13 -27.78 10.18
H551 A1BBH E . 1.14 -28.86 10.57
H562 A1BBH E . 1.25 -27.41 8.19
H561 A1BBH E . 2.25 -27.26 9.32
H571 A1BBH E . 2.15 -29.75 8.10
H572 A1BBH E . 2.89 -28.65 7.34
H581 A1BBH E . 3.82 -29.15 9.99
H591 A1BBH E . 5.69 -29.49 9.18
H602 A1BBH E . 5.95 -30.50 6.95
H601 A1BBH E . 5.82 -29.02 6.60
H612 A1BBH E . 7.53 -28.61 8.26
H611 A1BBH E . 7.76 -30.11 8.30
H622 A1BBH E . 8.99 -30.07 6.50
H621 A1BBH E . 8.02 -29.12 5.78
H631 A1BBH E . 9.15 -27.32 6.35
H632 A1BBH E . 9.57 -27.92 7.70
H642 A1BBH E . 10.80 -28.81 5.37
H641 A1BBH E . 11.36 -27.57 6.07
H652 A1BBH E . 12.60 -28.92 7.23
H651 A1BBH E . 11.33 -29.34 7.97
H661 A1BBH E . 11.07 -31.02 6.25
H662 A1BBH E . 12.51 -30.70 5.85
H673 A1BBH E . 11.71 -32.04 8.13
H672 A1BBH E . 13.04 -31.27 8.18
H671 A1BBH E . 12.85 -32.44 7.20
H111 A1BBH E . -6.14 -23.33 4.05
H141 A1BBH E . -6.97 -18.88 3.47
H171 A1BBH E . -10.61 -22.55 3.87
CAA Y01 F . 23.38 -4.79 -14.34
CBA Y01 F . 22.91 -3.35 -14.15
CAB Y01 F . 22.31 -2.81 -15.44
CAN Y01 F . 24.03 -2.43 -13.68
CAJ Y01 F . 23.61 -1.00 -13.39
CAO Y01 F . 24.54 -0.34 -12.38
CBB Y01 F . 24.47 1.20 -12.29
CAC Y01 F . 25.27 1.85 -13.41
CBE Y01 F . 23.01 1.67 -12.21
CAP Y01 F . 22.27 1.05 -10.99
CAQ Y01 F . 21.11 1.98 -10.64
CBG Y01 F . 21.26 3.17 -11.57
CBI Y01 F . 22.72 3.19 -12.07
CAE Y01 F . 23.71 3.77 -11.07
CAU Y01 F . 22.66 4.02 -13.35
CAS Y01 F . 22.01 5.39 -13.14
CBF Y01 F . 20.66 5.39 -12.41
CBD Y01 F . 20.76 4.54 -11.13
CAK Y01 F . 19.42 4.43 -10.42
CAI Y01 F . 18.71 5.74 -10.35
CAZ Y01 F . 18.92 6.76 -11.18
CAV Y01 F . 17.99 7.94 -11.12
CBH Y01 F . 20.04 6.80 -12.20
CAD Y01 F . 21.06 7.86 -11.77
CAT Y01 F . 19.42 7.25 -13.55
CAR Y01 F . 18.51 8.48 -13.48
CBC Y01 F . 17.39 8.23 -12.49
OAW Y01 F . 16.56 9.40 -12.39
CAY Y01 F . 16.58 10.38 -13.30
OAG Y01 F . 17.24 11.38 -13.16
CAM Y01 F . 15.70 10.07 -14.47
CAL Y01 F . 14.26 9.75 -14.09
CAX Y01 F . 13.24 10.84 -14.47
OAH Y01 F . 12.49 11.21 -13.55
OAF Y01 F . 13.23 11.25 -15.64
HAA1 Y01 F . 24.06 -5.04 -13.71
HAA2 Y01 F . 23.74 -4.91 -15.24
HAA3 Y01 F . 22.64 -5.40 -14.24
HBA Y01 F . 22.22 -3.35 -13.47
HAB1 Y01 F . 21.95 -3.53 -15.99
HAB2 Y01 F . 22.97 -2.34 -15.97
HAB3 Y01 F . 21.58 -2.19 -15.27
HAN1 Y01 F . 24.73 -2.42 -14.35
HAN2 Y01 F . 24.43 -2.81 -12.88
HAJ1 Y01 F . 22.71 -0.99 -13.03
HAJ2 Y01 F . 23.58 -0.49 -14.21
HAO1 Y01 F . 25.45 -0.60 -12.59
HAO2 Y01 F . 24.35 -0.72 -11.51
HBB Y01 F . 24.90 1.44 -11.45
HAC1 Y01 F . 24.69 2.21 -14.10
HAC2 Y01 F . 25.87 1.22 -13.84
HAC3 Y01 F . 25.80 2.59 -13.07
HBE Y01 F . 22.56 1.38 -13.02
HAP1 Y01 F . 21.97 0.15 -11.19
HAP2 Y01 F . 22.90 0.98 -10.25
HAQ1 Y01 F . 21.10 2.24 -9.70
HAQ2 Y01 F . 20.26 1.53 -10.80
HBG Y01 F . 20.73 2.95 -12.36
HBD Y01 F . 21.38 4.95 -10.51
HAE1 Y01 F . 24.59 3.84 -11.47
HAE2 Y01 F . 23.80 3.23 -10.27
HAE3 Y01 F . 23.47 4.66 -10.78
HAU1 Y01 F . 22.18 3.55 -14.06
HAU2 Y01 F . 23.56 4.13 -13.68
HAS1 Y01 F . 21.92 5.82 -14.01
HAS2 Y01 F . 22.65 5.95 -12.66
HBF Y01 F . 20.05 4.92 -12.98
HAK1 Y01 F . 19.56 4.09 -9.53
HAK2 Y01 F . 18.86 3.77 -10.85
HAI Y01 F . 18.27 5.91 -9.54
HAV1 Y01 F . 17.29 7.77 -10.47
HAV2 Y01 F . 18.47 8.73 -10.82
HBC Y01 F . 16.86 7.48 -12.78
HAD1 Y01 F . 21.75 7.98 -12.45
HAD2 Y01 F . 21.52 7.61 -10.96
HAD3 Y01 F . 20.65 8.72 -11.62
HAT1 Y01 F . 18.92 6.52 -13.94
HAT2 Y01 F . 20.15 7.43 -14.17
HAR1 Y01 F . 18.15 8.66 -14.37
HAR2 Y01 F . 19.03 9.25 -13.23
HAM1 Y01 F . 16.10 9.34 -14.95
HAM2 Y01 F . 15.73 10.82 -15.08
HAL1 Y01 F . 14.20 9.59 -13.13
HAL2 Y01 F . 13.99 8.92 -14.50
C2 1SY G . -22.09 15.90 -14.47
N01 1SY G . -25.40 15.12 -13.48
C6 1SY G . -24.09 14.78 -13.93
N1 1SY G . -23.40 15.94 -14.05
N3 1SY G . -21.50 14.69 -14.77
C4 1SY G . -22.22 13.53 -14.65
C5 1SY G . -23.51 13.57 -14.24
N7 1SY G . -23.98 12.29 -14.22
C8 1SY G . -22.98 11.46 -14.61
N9 1SY G . -21.90 12.23 -14.89
C1' 1SY G . -20.70 11.68 -15.32
C2' 1SY G . -19.78 11.48 -14.16
O2' 1SY G . -18.43 11.58 -14.58
C3' 1SY G . -20.06 10.11 -13.74
C4' 1SY G . -20.18 9.47 -15.03
C16 1SY G . -20.97 8.11 -14.93
O17 1SY G . -22.29 8.34 -14.33
P18 1SY G . -23.28 7.09 -14.16
O19 1SY G . -24.73 7.38 -14.60
O20 1SY G . -23.17 6.32 -12.67
C21 1SY G . -22.49 7.18 -11.72
C22 1SY G . -21.11 6.75 -11.52
O23 1SY G . -21.00 5.33 -11.76
C24 1SY G . -20.82 7.04 -10.08
C25 1SY G . -20.38 8.40 -9.85
O26 1SY G . -20.50 9.20 -11.03
P27 1SY G . -19.11 9.94 -11.37
O28 1SY G . -18.95 9.57 -12.97
O29 1SY G . -19.39 11.43 -11.28
O30 1SY G . -17.92 9.70 -10.50
O31 1SY G . -22.07 6.85 -9.40
C32 1SY G . -23.11 7.04 -10.39
N33 1SY G . -23.91 8.19 -10.09
C34 1SY G . -23.60 9.51 -10.00
N35 1SY G . -24.72 10.19 -9.68
C36 1SY G . -25.24 8.07 -9.82
C37 1SY G . -25.74 9.30 -9.57
C38 1SY G . -27.22 9.44 -9.23
N39 1SY G . -28.05 8.30 -9.18
C40 1SY G . -27.50 7.01 -9.45
N41 1SY G . -28.32 5.85 -9.41
N42 1SY G . -26.10 6.88 -9.77
O43 1SY G . -27.68 10.53 -9.00
O44 1SY G . -22.78 6.04 -15.18
O4' 1SY G . -20.91 10.36 -15.87
H1 1SY G . -21.56 16.75 -14.55
H2 1SY G . -25.74 14.72 -12.71
H3 1SY G . -25.89 15.73 -13.95
H4 1SY G . -23.03 10.50 -14.69
H5 1SY G . -20.28 12.27 -15.99
H6 1SY G . -19.97 12.10 -13.45
H7 1SY G . -17.91 10.98 -14.12
H8 1SY G . -20.91 10.06 -13.24
H9 1SY G . -19.27 9.31 -15.42
H10 1SY G . -20.46 7.47 -14.37
H11 1SY G . -21.07 7.73 -15.81
H13 1SY G . -22.51 8.12 -12.02
H14 1SY G . -20.50 7.23 -12.10
H15 1SY G . -21.77 4.93 -11.50
H16 1SY G . -20.16 6.41 -9.74
H17 1SY G . -19.44 8.38 -9.52
H18 1SY G . -20.94 8.79 -9.15
H20 1SY G . -23.68 6.25 -10.41
H21 1SY G . -22.69 9.92 -10.15
H22 1SY G . -27.96 5.04 -9.58
H23 1SY G . -29.21 5.94 -9.21
H24 1SY G . -25.75 6.04 -9.94
C11 9IM H . 17.38 -28.13 -24.02
C12 9IM H . 18.14 -28.99 -24.79
C13 9IM H . 18.19 -30.34 -24.45
C14 9IM H . 17.49 -30.81 -23.36
C16 9IM H . 17.92 -29.49 -19.77
C17 9IM H . 18.74 -28.62 -20.53
C23 9IM H . 19.96 -25.13 -23.98
C24 9IM H . 19.94 -26.18 -24.88
C27 9IM H . 18.65 -24.84 -26.40
C29 9IM H . 18.67 -23.80 -25.50
C30 9IM H . 19.33 -23.94 -24.29
C01 9IM H . 16.42 -29.96 -16.71
C02 9IM H . 17.20 -30.65 -17.83
C03 9IM H . 17.88 -31.92 -17.32
C04 9IM H . 16.27 -31.00 -18.90
C07 9IM H . 15.94 -30.42 -21.37
C08 9IM H . 16.74 -29.94 -22.58
C09 9IM H . 16.67 -28.60 -22.93
C18 9IM H . 19.85 -28.00 -19.95
C19 9IM H . 20.68 -27.06 -20.82
C22 9IM H . 20.70 -25.32 -22.66
C26 9IM H . 19.28 -26.04 -26.09
C32 9IM H . 20.16 -28.21 -18.58
C33 9IM H . 19.34 -29.07 -17.82
C34 9IM H . 18.23 -29.71 -18.40
F10 9IM H . 15.93 -27.74 -22.16
F25 9IM H . 20.56 -27.35 -24.57
F28 9IM H . 18.00 -24.71 -27.59
F31 9IM H . 19.36 -22.90 -23.40
N06 9IM H . 16.67 -30.30 -20.11
N21 9IM H . 19.98 -26.24 -21.80
O05 9IM H . 15.33 -31.73 -18.80
O20 9IM H . 21.86 -27.01 -20.70
CL1 9IM H . 17.58 -32.54 -22.94
H111 9IM H . 17.34 -27.23 -24.25
H121 9IM H . 18.61 -28.68 -25.52
H131 9IM H . 18.70 -30.93 -24.96
H171 9IM H . 18.55 -28.47 -21.41
H291 9IM H . 18.25 -22.99 -25.70
H011 9IM H . 17.03 -29.58 -16.10
H012 9IM H . 15.90 -30.59 -16.26
H013 9IM H . 15.88 -29.29 -17.07
H031 9IM H . 18.16 -32.44 -18.04
H032 9IM H . 17.26 -32.41 -16.79
H033 9IM H . 18.61 -31.68 -16.78
H071 9IM H . 15.71 -31.31 -21.49
H072 9IM H . 15.16 -29.91 -21.29
H222 9IM H . 21.54 -25.69 -22.85
H221 9IM H . 20.80 -24.50 -22.23
H261 9IM H . 19.26 -26.74 -26.69
H321 9IM H . 20.89 -27.79 -18.21
H331 9IM H . 19.55 -29.22 -16.92
H211 9IM H . 19.12 -26.30 -21.86
C2 1SY I . -9.34 16.82 23.95
N01 1SY I . -8.66 20.28 23.78
C6 1SY I . -8.29 18.92 23.72
N1 1SY I . -9.41 18.19 23.96
N3 1SY I . -8.15 16.19 23.71
C4 1SY I . -7.02 16.93 23.47
C5 1SY I . -7.08 18.29 23.48
N7 1SY I . -5.84 18.77 23.22
C8 1SY I . -4.99 17.72 23.05
N9 1SY I . -5.73 16.58 23.21
C1' 1SY I . -5.16 15.33 23.11
C2' 1SY I . -5.36 14.80 21.72
O2' 1SY I . -5.41 13.38 21.74
C3' 1SY I . -4.14 15.21 21.03
C4' 1SY I . -3.17 14.96 22.06
C16 1SY I . -1.83 15.75 21.81
O17 1SY I . -2.11 17.19 21.74
P18 1SY I . -0.87 18.19 21.45
O19 1SY I . -0.70 19.26 22.55
O20 1SY I . -0.85 18.80 19.89
C21 1SY I . -1.91 18.20 19.09
C22 1SY I . -1.44 16.97 18.44
O23 1SY I . -0.02 16.98 18.35
C24 1SY I . -2.05 16.98 17.08
C25 1SY I . -3.29 16.25 17.03
O26 1SY I . -3.97 16.34 18.29
P27 1SY I . -4.77 14.98 18.56
O28 1SY I . -3.93 14.39 19.85
O29 1SY I . -6.16 15.37 19.00
O30 1SY I . -4.98 14.06 17.39
O31 1SY I . -2.35 18.35 16.76
C32 1SY I . -2.21 19.10 17.97
N33 1SY I . -3.40 19.86 18.27
C34 1SY I . -4.69 19.53 18.52
N35 1SY I . -5.39 20.68 18.74
C36 1SY I . -3.30 21.21 18.33
C37 1SY I . -4.52 21.73 18.62
C38 1SY I . -4.67 23.24 18.74
N39 1SY I . -3.55 24.07 18.55
C40 1SY I . -2.27 23.49 18.25
N41 1SY I . -1.13 24.29 18.05
N42 1SY I . -2.14 22.08 18.13
O43 1SY I . -5.74 23.72 18.98
O44 1SY I . 0.38 17.30 21.55
O4' 1SY I . -3.73 15.38 23.29
H1 1SY I . -10.17 16.27 24.13
H2 1SY I . -9.10 20.67 23.05
H3 1SY I . -8.45 20.77 24.52
H4 1SY I . -4.05 17.76 22.86
H5 1SY I . -5.57 14.71 23.77
H6 1SY I . -6.13 15.18 21.31
H7 1SY I . -4.86 13.05 21.09
H8 1SY I . -4.17 16.17 20.79
H9 1SY I . -2.98 13.97 22.09
H10 1SY I . -1.40 15.44 20.98
H11 1SY I . -1.23 15.58 22.55
H13 1SY I . -2.72 18.03 19.63
H14 1SY I . -1.73 16.19 18.94
H15 1SY I . 0.26 17.78 17.98
H16 1SY I . -1.42 16.62 16.44
H17 1SY I . -3.11 15.29 16.82
H18 1SY I . -3.85 16.63 16.33
H20 1SY I . -1.45 19.70 17.87
H21 1SY I . -5.07 18.59 18.55
H22 1SY I . -0.33 23.91 17.87
H23 1SY I . -1.19 25.21 18.12
H24 1SY I . -1.32 21.71 17.94
C10 A1BBH J . 21.46 8.37 -7.52
C12 A1BBH J . 20.18 7.75 -6.91
C15 A1BBH J . 18.82 9.76 -7.62
C02 A1BBH J . 24.54 7.10 -10.59
C03 A1BBH J . 24.67 8.60 -10.29
C09 A1BBH J . 21.19 9.45 -8.56
C16 A1BBH J . 20.10 10.46 -8.16
O25 A1BBH J . 18.69 5.52 -4.74
C01 A1BBH J . 25.56 6.68 -11.67
C13 A1BBH J . 19.16 8.80 -6.48
C29 A1BBH J . 26.05 5.98 -9.09
C31 A1BBH J . 26.39 4.48 -8.87
C32 A1BBH J . 27.24 3.90 -10.03
C33 A1BBH J . 27.96 2.58 -9.65
C34 A1BBH J . 27.00 1.40 -9.39
C35 A1BBH J . 27.30 0.17 -10.30
C36 A1BBH J . 26.79 -1.16 -9.71
C37 A1BBH J . 27.77 -2.33 -9.93
C38 A1BBH J . 27.78 -2.76 -11.41
C39 A1BBH J . 28.48 -3.72 -12.01
C40 A1BBH J . 29.45 -4.64 -11.22
C41 A1BBH J . 30.88 -4.51 -11.81
C42 A1BBH J . 31.81 -3.65 -10.93
C43 A1BBH J . 33.30 -4.07 -11.00
C44 A1BBH J . 33.76 -4.53 -12.41
C45 A1BBH J . 35.29 -4.77 -12.48
C46 A1BBH J . 35.70 -6.17 -11.98
C47 A1BBH J . 35.80 -6.24 -10.44
C49 A1BBH J . 25.84 6.74 -14.05
C51 A1BBH J . 25.94 5.31 -14.63
C52 A1BBH J . 25.04 5.11 -15.88
C53 A1BBH J . 25.77 4.39 -17.05
C54 A1BBH J . 25.76 2.84 -16.91
C55 A1BBH J . 24.48 2.17 -17.45
C56 A1BBH J . 24.09 0.89 -16.65
C57 A1BBH J . 25.22 -0.18 -16.61
C58 A1BBH J . 25.09 -1.13 -17.83
C59 A1BBH J . 25.39 -2.44 -17.70
C60 A1BBH J . 25.84 -3.71 -16.92
C61 A1BBH J . 25.36 -4.97 -17.70
C62 A1BBH J . 25.48 -6.28 -16.86
C63 A1BBH J . 24.21 -7.16 -16.98
C64 A1BBH J . 24.54 -8.68 -16.93
C65 A1BBH J . 25.08 -9.22 -18.28
C66 A1BBH J . 26.60 -9.53 -18.22
C67 A1BBH J . 27.20 -9.73 -19.62
O04 A1BBH J . 23.65 9.28 -11.03
O06 A1BBH J . 23.77 11.76 -10.29
O07 A1BBH J . 21.62 10.90 -11.14
O08 A1BBH J . 22.39 10.17 -8.77
O11 A1BBH J . 22.20 7.34 -8.13
O14 A1BBH J . 17.97 8.13 -6.08
O17 A1BBH J . 20.60 11.30 -7.15
O18 A1BBH J . 17.93 10.74 -7.15
O20 A1BBH J . 17.29 11.06 -9.64
O21 A1BBH J . 17.09 12.98 -8.11
O22 A1BBH J . 15.50 11.10 -7.95
O23 A1BBH J . 20.56 6.99 -5.77
O26 A1BBH J . 19.62 4.87 -6.94
O27 A1BBH J . 20.98 4.59 -4.89
O28 A1BBH J . 24.74 6.37 -9.40
O30 A1BBH J . 26.91 6.81 -8.99
O48 A1BBH J . 25.01 7.02 -12.93
O50 A1BBH J . 26.46 7.62 -14.55
P05 A1BBH J . 22.85 10.56 -10.33
P19 A1BBH J . 16.92 11.49 -8.24
P24 A1BBH J . 19.94 5.46 -5.58
H101 A1BBH J . 21.97 8.74 -6.83
H121 A1BBH J . 19.80 7.18 -7.54
H151 A1BBH J . 18.42 9.29 -8.32
H021 A1BBH J . 23.68 6.93 -10.91
H031 A1BBH J . 25.51 8.92 -10.55
H032 A1BBH J . 24.54 8.76 -9.38
H091 A1BBH J . 20.93 9.04 -9.37
H161 A1BBH J . 19.86 10.97 -8.90
H012 A1BBH J . 26.37 7.13 -11.54
H011 A1BBH J . 25.70 5.75 -11.63
H131 A1BBH J . 19.50 9.28 -5.75
H311 A1BBH J . 26.85 4.38 -8.07
H312 A1BBH J . 25.58 3.99 -8.82
H321 A1BBH J . 26.67 3.73 -10.76
H322 A1BBH J . 27.87 4.54 -10.28
H331 A1BBH J . 28.55 2.35 -10.35
H332 A1BBH J . 28.48 2.73 -8.87
H341 A1BBH J . 27.06 1.14 -8.49
H342 A1BBH J . 26.11 1.68 -9.55
H352 A1BBH J . 26.90 0.30 -11.13
H351 A1BBH J . 28.24 0.10 -10.41
H362 A1BBH J . 26.66 -1.04 -8.78
H361 A1BBH J . 25.96 -1.37 -10.09
H371 A1BBH J . 28.64 -2.06 -9.69
H372 A1BBH J . 27.52 -3.06 -9.39
H381 A1BBH J . 27.17 -2.16 -11.77
H391 A1BBH J . 28.40 -3.90 -12.92
H401 A1BBH J . 29.46 -4.39 -10.32
H402 A1BBH J . 29.17 -5.53 -11.30
H412 A1BBH J . 31.24 -5.37 -11.88
H411 A1BBH J . 30.83 -4.13 -12.66
H421 A1BBH J . 31.74 -2.75 -11.21
H422 A1BBH J . 31.53 -3.71 -10.03
H432 A1BBH J . 33.45 -4.77 -10.40
H431 A1BBH J . 33.84 -3.33 -10.75
H441 A1BBH J . 33.52 -3.88 -13.04
H442 A1BBH J . 33.32 -5.34 -12.63
H451 A1BBH J . 35.72 -4.11 -11.97
H452 A1BBH J . 35.56 -4.68 -13.38
H462 A1BBH J . 35.06 -6.80 -12.26
H461 A1BBH J . 36.54 -6.40 -12.34
H471 A1BBH J . 34.97 -6.48 -10.08
H473 A1BBH J . 36.05 -5.39 -10.11
H472 A1BBH J . 36.45 -6.87 -10.19
H512 A1BBH J . 26.83 5.13 -14.87
H511 A1BBH J . 25.68 4.69 -13.97
H522 A1BBH J . 24.29 4.59 -15.64
H521 A1BBH J . 24.74 5.94 -16.17
H531 A1BBH J . 25.35 4.62 -17.86
H532 A1BBH J . 26.66 4.69 -17.08
H542 A1BBH J . 26.50 2.50 -17.37
H541 A1BBH J . 25.86 2.62 -16.00
H552 A1BBH J . 23.77 2.78 -17.41
H551 A1BBH J . 24.61 1.93 -18.35
H562 A1BBH J . 23.86 1.14 -15.78
H561 A1BBH J . 23.33 0.51 -17.06
H571 A1BBH J . 26.06 0.24 -16.62
H572 A1BBH J . 25.15 -0.68 -15.82
H581 A1BBH J . 24.82 -0.80 -18.65
H591 A1BBH J . 25.21 -2.83 -18.53
H602 A1BBH J . 26.78 -3.72 -16.86
H601 A1BBH J . 25.47 -3.70 -16.06
H612 A1BBH J . 24.46 -4.85 -17.94
H611 A1BBH J . 25.87 -5.06 -18.47
H622 A1BBH J . 26.22 -6.76 -17.16
H621 A1BBH J . 25.61 -6.05 -15.95
H631 A1BBH J . 23.63 -6.96 -16.28
H632 A1BBH J . 23.78 -6.97 -17.80
H642 A1BBH J . 25.19 -8.82 -16.27
H641 A1BBH J . 23.76 -9.15 -16.71
H652 A1BBH J . 24.62 -10.00 -18.50
H651 A1BBH J . 24.93 -8.57 -18.95
H661 A1BBH J . 27.04 -8.83 -17.80
H662 A1BBH J . 26.72 -10.32 -17.73
H673 A1BBH J . 27.43 -8.89 -19.99
H672 A1BBH J . 26.57 -10.14 -20.19
H671 A1BBH J . 27.97 -10.26 -19.56
H111 A1BBH J . 21.75 7.00 -8.75
H141 A1BBH J . 17.73 7.63 -6.70
H171 A1BBH J . 21.43 11.22 -7.11
CAA Y01 K . 6.55 -26.53 5.29
CBA Y01 K . 5.17 -26.02 5.66
CAB Y01 K . 5.07 -25.82 7.16
CAN Y01 K . 4.06 -26.95 5.17
CAJ Y01 K . 2.65 -26.46 5.44
CAO Y01 K . 1.66 -27.07 4.46
CBB Y01 K . 0.18 -26.97 4.84
CAC Y01 K . -0.21 -28.06 5.85
CBE Y01 K . -0.19 -25.55 5.31
CAP Y01 K . 0.13 -24.50 4.22
CAQ Y01 K . -0.78 -23.29 4.45
CBG Y01 K . -1.65 -23.69 5.64
CBI Y01 K . -1.65 -25.23 5.69
CAE Y01 K . -2.58 -25.90 4.69
CAU Y01 K . -2.08 -25.54 7.14
CAS Y01 K . -3.41 -24.87 7.52
CBF Y01 K . -3.49 -23.36 7.23
CBD Y01 K . -3.05 -23.09 5.78
CAK Y01 K . -3.02 -21.60 5.47
CAI Y01 K . -4.22 -20.89 5.99
CAZ Y01 K . -4.99 -21.33 6.98
CAV Y01 K . -6.06 -20.42 7.54
CBH Y01 K . -4.84 -22.70 7.62
CAD Y01 K . -6.06 -23.56 7.25
CAT Y01 K . -4.84 -22.50 9.16
CAR Y01 K . -5.95 -21.61 9.70
CBC Y01 K . -5.91 -20.25 9.03
OAW Y01 K . -6.99 -19.42 9.51
CAY Y01 K . -7.67 -19.71 10.62
OAG Y01 K . -8.72 -20.31 10.61
CAM Y01 K . -6.97 -19.20 11.85
CAL Y01 K . -6.65 -17.72 11.81
CAX Y01 K . -7.50 -16.85 12.76
OAH Y01 K . -8.04 -15.87 12.23
OAF Y01 K . -7.56 -17.18 13.96
HAA1 Y01 K . 6.57 -26.99 4.43
HAA2 Y01 K . 6.90 -27.13 5.96
HAA3 Y01 K . 7.18 -25.78 5.21
HBA Y01 K . 5.04 -25.15 5.23
HAB1 Y01 K . 5.93 -25.63 7.55
HAB2 Y01 K . 4.71 -26.61 7.60
HAB3 Y01 K . 4.48 -25.07 7.38
HAN1 Y01 K . 4.17 -27.82 5.60
HAN2 Y01 K . 4.17 -27.11 4.22
HAJ1 Y01 K . 2.61 -25.50 5.37
HAJ2 Y01 K . 2.41 -26.68 6.36
HAO1 Y01 K . 1.88 -28.00 4.32
HAO2 Y01 K . 1.79 -26.63 3.61
HBB Y01 K . -0.34 -27.14 4.03
HAC1 Y01 K . -0.32 -27.71 6.74
HAC2 Y01 K . 0.46 -28.75 5.89
HAC3 Y01 K . -1.05 -28.48 5.59
HBE Y01 K . 0.35 -25.36 6.10
HAP1 Y01 K . 1.06 -24.25 4.23
HAP2 Y01 K . -0.03 -24.89 3.34
HAQ1 Y01 K . -1.31 -23.04 3.67
HAQ2 Y01 K . -0.26 -22.50 4.68
HBG Y01 K . -1.18 -23.40 6.42
HBD Y01 K . -3.66 -23.51 5.17
HAE1 Y01 K . -2.60 -26.85 4.83
HAE2 Y01 K . -2.30 -25.76 3.77
HAE3 Y01 K . -3.49 -25.59 4.75
HAU1 Y01 K . -1.40 -25.28 7.78
HAU2 Y01 K . -2.17 -26.50 7.22
HAS1 Y01 K . -3.55 -25.02 8.47
HAS2 Y01 K . -4.12 -25.33 7.07
HBF Y01 K . -2.82 -22.94 7.78
HAK1 Y01 K . -2.96 -21.47 4.51
HAK2 Y01 K . -2.22 -21.19 5.83
HAI Y01 K . -4.59 -20.24 5.42
HAV1 Y01 K . -6.02 -19.56 7.08
HAV2 Y01 K . -6.93 -20.80 7.35
HBC Y01 K . -5.06 -19.82 9.23
HAD1 Y01 K . -6.05 -24.41 7.72
HAD2 Y01 K . -6.09 -23.75 6.31
HAD3 Y01 K . -6.89 -23.11 7.48
HAT1 Y01 K . -3.99 -22.13 9.44
HAT2 Y01 K . -4.90 -23.38 9.58
HAR1 Y01 K . -5.85 -21.51 10.66
HAR2 Y01 K . -6.81 -22.04 9.55
HAM1 Y01 K . -6.16 -19.73 11.97
HAM2 Y01 K . -7.52 -19.41 12.62
HAL1 Y01 K . -6.75 -17.39 10.91
HAL2 Y01 K . -5.71 -17.58 12.02
C11 9IM L . 32.06 -23.57 8.98
C12 9IM L . 33.03 -24.51 9.25
C13 9IM L . 34.23 -24.47 8.53
C14 9IM L . 34.43 -23.49 7.58
C16 9IM L . 32.15 -22.90 4.56
C17 9IM L . 31.48 -23.90 5.29
C23 9IM L . 29.00 -26.07 9.14
C24 9IM L . 30.26 -26.30 9.67
C27 9IM L . 29.51 -25.50 11.80
C29 9IM L . 28.25 -25.28 11.27
C30 9IM L . 28.00 -25.56 9.94
C01 9IM L . 31.86 -20.62 2.00
C02 9IM L . 32.77 -21.67 2.62
C03 9IM L . 33.79 -22.17 1.60
C04 9IM L . 33.49 -21.06 3.75
C07 9IM L . 33.65 -21.45 6.28
C08 9IM L . 33.44 -22.55 7.32
C09 9IM L . 32.27 -22.58 8.03
C18 9IM L . 30.63 -24.80 4.64
C19 9IM L . 29.91 -25.86 5.48
C22 9IM L . 28.76 -26.41 7.67
C26 9IM L . 30.52 -26.01 11.00
C32 9IM L . 30.43 -24.73 3.23
C33 9IM L . 31.09 -23.73 2.50
C34 9IM L . 31.95 -22.83 3.15
F10 9IM L . 31.30 -21.65 7.78
F25 9IM L . 31.24 -26.80 8.87
F28 9IM L . 29.76 -25.22 13.12
F31 9IM L . 26.75 -25.35 9.43
N06 9IM L . 33.13 -21.80 4.96
N21 9IM L . 29.46 -25.46 6.81
O05 9IM L . 34.23 -20.14 3.70
O20 9IM L . 29.74 -26.95 5.07
CL1 9IM L . 35.97 -23.47 6.68
H111 9IM L . 31.25 -23.59 9.47
H121 9IM L . 32.89 -25.17 9.88
H131 9IM L . 34.89 -25.11 8.71
H171 9IM L . 31.59 -23.97 6.20
H291 9IM L . 27.58 -24.94 11.81
H011 9IM L . 31.24 -21.03 1.42
H012 9IM L . 32.37 -20.00 1.51
H013 9IM L . 31.39 -20.17 2.68
H031 9IM L . 34.51 -22.59 2.04
H032 9IM L . 34.10 -21.44 1.09
H033 9IM L . 33.37 -22.80 1.03
H071 9IM L . 34.56 -21.27 6.20
H072 9IM L . 33.21 -20.67 6.57
H222 9IM L . 29.10 -27.27 7.51
H221 9IM L . 27.85 -26.38 7.49
H261 9IM L . 31.37 -26.16 11.35
H321 9IM L . 29.86 -25.33 2.81
H331 9IM L . 30.97 -23.68 1.59
H211 9IM L . 29.59 -24.65 7.09
#